data_5UKJ
#
_entry.id   5UKJ
#
_cell.length_a   100.186
_cell.length_b   109.432
_cell.length_c   136.148
_cell.angle_alpha   90.000
_cell.angle_beta   90.000
_cell.angle_gamma   90.000
#
_symmetry.space_group_name_H-M   'P 21 21 21'
#
loop_
_entity.id
_entity.type
_entity.pdbx_description
1 polymer 'Phosphatidylinositol 4,5-bisphosphate 3-kinase catalytic subunit alpha isoform'
2 polymer 'Phosphatidylinositol 3-kinase regulatory subunit alpha'
3 non-polymer N,N-dimethyl-4-[(6R)-6-methyl-5-(1H-pyrrolo[2,3-b]pyridin-4-yl)-4,5,6,7-tetrahydropyrazolo[1,5-a]pyrazin-3-yl]benzenesulfonamide
4 water water
#
loop_
_entity_poly.entity_id
_entity_poly.type
_entity_poly.pdbx_seq_one_letter_code
_entity_poly.pdbx_strand_id
1 'polypeptide(L)'
;MPPRPSSGELWGIHLMPPRILVECLLPNGMIVTLECLREATLITIKHELFKEARKYPLHQLLQDESSYIFVSVTQEAERE
EFFDETRRLCDLRLFQPFLKVIEPVGNREEKILNREIGFAIGMPVCEFDMVKDPEVQDFRRNILNVCKEAVDLRDLNSPH
SRAMYVYPPNVESSPELPKHIYNKLDKGQIIVVIWVIVSPNNDKQKYTLKINHDCVPEQVIAEAIRKKTRSKKLSSEQLK
LCVLEYQGKYILKVCGCDEYFLEKYPLSQYKYIRSCIMLGRMPNLMLMAKESLYSQLPMDCFTMPSYSRRISTATPYMNG
ETSTKSLWVINSALRIKILCATYVNVNIRDIDKIYVRTGIYHGGEPLCDNVNTQRVPCSNPRWNEWLNYDIYIPDLPRAA
RLCLSICSVKGRKGAKEEHCPLAWGNINLFDYTDTLVSGKMALNLWPVPHGLEDLLNPIGVTGSNPNKETPCLELEFDWF
SSVVKFPDMSVIEEHANWSVSREAGFSYSHAGLSNRLARDNELRENDKEQLKAISTRDPLSEITEQEKDFLWSHRHYCVT
IPEILPKLLLSVKWNSRDEVAQMYCLVKDWPPIKPEQAMELLDCNYPDPMVRGFAVRCLEKYLTDDKLSQYLIQLVQVLK
YEQYLDNLLVRFLLKKALTNQRIGHFFFWHLKSEMHNKTVSQRFGLLLESYCRACGMYLKHLNRQVEAMEKLINLTDILK
QEKKDETQKVQMKFLVEQMRRPDFMDALQGFLSPLNPAHQLGNLRLEECEIMSSAKRPLKLNWENPDIMSELLFQNNIIM
FKNGDDLRQDMLTLQIIRIMENIWQNQGLDLRMLPYGCLSIGDCVGLIEWVRNSHTIMQIQCKGGLKGALQFNSHTLHQW
LKDKNKGEIYDAAIDLFTRSCAGYCVATFILGIGDRHNSNIMVKDDGQLVHIDFGHFLDHKKKKFGYKRERVPFVLTQDF
LIVISKGAQECTKTREFERFQEMCYKAYLAIRQHANLFINLFSMMLGSGMPELQSFDDIAYIRKTLALDKTEQEALEYFM
KQMNDAHHGGWTTKMDWIFHTIKQHALNHHHHHH
;
A
2 'polypeptide(L)'
;MHNLQYLPPKPPKPTTVANNGMNNNMSLQDAEWYWGDISREEVNEKLRDTADGTFLVRDASTKMHGDYTLTLRKGGNNKL
IKIFHRDGKYGFSDPLTFSSVVELINHYRNESLAQYNPKLDVKLLYPVSKYQQDQVVKEDNIEAVGKKLHEYNTQFQEKS
REYDRLYEEYTRTSQEIQMKRTAIEAFNETIKIFEEQCQTQERYSKEYIEKFKREGNEKEIQRIMHNYDKLKSRISEIID
SRRRLEEDLKKQAAEYREIDKRMNSIKPDLIQLRKTRDQYLMWLTQKGVRQKK
;
B
#
loop_
_chem_comp.id
_chem_comp.type
_chem_comp.name
_chem_comp.formula
3K6 non-polymer N,N-dimethyl-4-[(6R)-6-methyl-5-(1H-pyrrolo[2,3-b]pyridin-4-yl)-4,5,6,7-tetrahydropyrazolo[1,5-a]pyrazin-3-yl]benzenesulfonamide 'C22 H24 N6 O2 S'
#
# COMPACT_ATOMS: atom_id res chain seq x y z
N PRO A 2 -3.52 -21.33 -7.30
CA PRO A 2 -3.05 -20.15 -6.56
C PRO A 2 -1.88 -19.47 -7.26
N PRO A 3 -1.43 -18.24 -6.85
CA PRO A 3 -0.26 -17.63 -7.50
C PRO A 3 0.99 -18.52 -7.64
N ARG A 4 1.69 -18.31 -8.76
CA ARG A 4 2.93 -18.95 -9.20
C ARG A 4 4.05 -18.91 -8.11
N PRO A 5 4.63 -20.08 -7.72
CA PRO A 5 5.68 -20.09 -6.68
C PRO A 5 6.96 -19.32 -7.01
N SER A 6 7.55 -19.55 -8.21
CA SER A 6 8.76 -18.91 -8.75
C SER A 6 8.49 -18.54 -10.20
N SER A 7 9.26 -17.60 -10.79
CA SER A 7 9.01 -17.15 -12.17
C SER A 7 9.81 -17.95 -13.26
N GLY A 8 10.24 -19.18 -12.93
CA GLY A 8 10.93 -20.07 -13.85
C GLY A 8 10.06 -20.71 -14.93
N GLU A 9 10.72 -21.22 -16.00
CA GLU A 9 10.06 -21.87 -17.15
C GLU A 9 9.43 -23.23 -16.81
N LEU A 10 9.84 -23.84 -15.68
CA LEU A 10 9.32 -25.10 -15.11
C LEU A 10 9.44 -25.05 -13.57
N TRP A 11 8.84 -26.01 -12.85
CA TRP A 11 8.99 -26.10 -11.40
C TRP A 11 10.43 -26.47 -11.12
N GLY A 12 11.11 -25.65 -10.32
CA GLY A 12 12.49 -25.86 -9.92
C GLY A 12 13.55 -25.74 -11.00
N ILE A 13 13.20 -25.17 -12.17
CA ILE A 13 14.07 -24.92 -13.33
C ILE A 13 13.81 -23.47 -13.78
N HIS A 14 14.83 -22.62 -13.80
CA HIS A 14 14.65 -21.22 -14.21
C HIS A 14 14.54 -21.10 -15.69
N LEU A 15 15.51 -21.66 -16.41
CA LEU A 15 15.49 -21.65 -17.88
C LEU A 15 15.58 -23.05 -18.37
N MET A 16 14.83 -23.35 -19.41
CA MET A 16 14.81 -24.66 -20.04
C MET A 16 16.14 -24.83 -20.81
N PRO A 17 16.68 -26.06 -20.93
CA PRO A 17 17.87 -26.24 -21.80
C PRO A 17 17.49 -25.93 -23.28
N PRO A 18 18.45 -25.82 -24.24
CA PRO A 18 18.04 -25.50 -25.63
C PRO A 18 16.97 -26.43 -26.21
N ARG A 19 17.15 -27.73 -26.01
CA ARG A 19 16.21 -28.77 -26.44
C ARG A 19 15.68 -29.52 -25.21
N ILE A 20 14.38 -29.79 -25.18
CA ILE A 20 13.74 -30.44 -24.03
C ILE A 20 12.76 -31.54 -24.45
N LEU A 21 12.77 -32.69 -23.74
CA LEU A 21 11.83 -33.78 -24.00
C LEU A 21 10.50 -33.44 -23.35
N VAL A 22 9.43 -33.49 -24.18
CA VAL A 22 8.07 -33.20 -23.77
C VAL A 22 7.21 -34.47 -23.97
N GLU A 23 6.50 -34.89 -22.90
CA GLU A 23 5.57 -36.01 -22.96
C GLU A 23 4.26 -35.55 -23.57
N CYS A 24 3.83 -36.14 -24.67
CA CYS A 24 2.57 -35.75 -25.30
C CYS A 24 1.55 -36.83 -25.15
N LEU A 25 0.38 -36.48 -24.63
CA LEU A 25 -0.68 -37.43 -24.33
C LEU A 25 -1.71 -37.36 -25.43
N LEU A 26 -1.64 -38.28 -26.42
CA LEU A 26 -2.57 -38.27 -27.55
C LEU A 26 -3.98 -38.67 -27.16
N PRO A 27 -5.00 -38.27 -27.94
CA PRO A 27 -6.38 -38.60 -27.55
C PRO A 27 -6.77 -40.08 -27.69
N ASN A 28 -5.95 -40.90 -28.37
CA ASN A 28 -6.19 -42.32 -28.56
C ASN A 28 -5.63 -43.11 -27.33
N GLY A 29 -5.05 -42.38 -26.38
CA GLY A 29 -4.48 -42.95 -25.17
C GLY A 29 -2.99 -43.18 -25.19
N MET A 30 -2.35 -43.01 -26.36
CA MET A 30 -0.91 -43.24 -26.47
C MET A 30 -0.10 -42.08 -25.86
N ILE A 31 1.18 -42.33 -25.54
CA ILE A 31 2.09 -41.31 -25.03
C ILE A 31 3.31 -41.16 -25.99
N VAL A 32 3.67 -39.91 -26.38
CA VAL A 32 4.78 -39.66 -27.30
C VAL A 32 5.81 -38.70 -26.72
N THR A 33 7.08 -39.18 -26.52
CA THR A 33 8.20 -38.37 -26.03
C THR A 33 8.75 -37.60 -27.23
N LEU A 34 8.52 -36.29 -27.26
CA LEU A 34 8.93 -35.40 -28.35
C LEU A 34 10.06 -34.45 -27.94
N GLU A 35 11.17 -34.40 -28.71
CA GLU A 35 12.26 -33.46 -28.42
C GLU A 35 11.85 -32.11 -29.01
N CYS A 36 11.73 -31.09 -28.16
CA CYS A 36 11.30 -29.76 -28.53
C CYS A 36 12.35 -28.71 -28.34
N LEU A 37 12.35 -27.69 -29.21
CA LEU A 37 13.22 -26.54 -29.00
C LEU A 37 12.47 -25.78 -27.93
N ARG A 38 13.19 -25.17 -26.97
CA ARG A 38 12.54 -24.44 -25.86
C ARG A 38 11.69 -23.22 -26.34
N GLU A 39 12.06 -22.60 -27.46
CA GLU A 39 11.32 -21.44 -27.99
C GLU A 39 10.34 -21.81 -29.11
N ALA A 40 10.13 -23.12 -29.34
CA ALA A 40 9.20 -23.62 -30.33
C ALA A 40 7.75 -23.28 -29.95
N THR A 41 6.99 -22.64 -30.89
CA THR A 41 5.58 -22.29 -30.70
C THR A 41 4.72 -23.55 -30.62
N LEU A 42 3.50 -23.44 -30.05
CA LEU A 42 2.62 -24.61 -29.94
C LEU A 42 2.11 -25.16 -31.26
N ILE A 43 2.08 -24.34 -32.34
CA ILE A 43 1.57 -24.80 -33.64
C ILE A 43 2.64 -25.71 -34.30
N THR A 44 3.93 -25.38 -34.12
CA THR A 44 5.03 -26.20 -34.61
C THR A 44 5.05 -27.55 -33.88
N ILE A 45 5.04 -27.54 -32.51
CA ILE A 45 5.02 -28.74 -31.64
C ILE A 45 3.89 -29.70 -32.06
N LYS A 46 2.65 -29.16 -32.29
CA LYS A 46 1.50 -29.96 -32.70
C LYS A 46 1.71 -30.56 -34.09
N HIS A 47 2.56 -29.94 -34.94
CA HIS A 47 2.79 -30.47 -36.29
C HIS A 47 3.76 -31.65 -36.25
N GLU A 48 4.85 -31.52 -35.47
CA GLU A 48 5.85 -32.56 -35.25
C GLU A 48 5.28 -33.79 -34.53
N LEU A 49 4.37 -33.56 -33.57
CA LEU A 49 3.70 -34.58 -32.78
C LEU A 49 2.76 -35.42 -33.63
N PHE A 50 1.93 -34.81 -34.49
CA PHE A 50 1.00 -35.60 -35.31
C PHE A 50 1.69 -36.38 -36.43
N LYS A 51 2.87 -35.93 -36.84
CA LYS A 51 3.71 -36.63 -37.82
C LYS A 51 4.22 -37.90 -37.10
N GLU A 52 4.88 -37.67 -35.94
CA GLU A 52 5.44 -38.70 -35.06
C GLU A 52 4.35 -39.67 -34.52
N ALA A 53 3.09 -39.20 -34.39
CA ALA A 53 1.97 -39.99 -33.88
C ALA A 53 1.64 -41.17 -34.78
N ARG A 54 1.90 -41.04 -36.10
CA ARG A 54 1.67 -42.09 -37.08
C ARG A 54 2.53 -43.34 -36.80
N LYS A 55 3.73 -43.14 -36.22
CA LYS A 55 4.67 -44.20 -35.84
C LYS A 55 4.26 -44.95 -34.54
N TYR A 56 3.04 -44.69 -33.99
CA TYR A 56 2.55 -45.31 -32.74
C TYR A 56 1.20 -46.02 -32.96
N PRO A 57 0.80 -47.05 -32.17
CA PRO A 57 -0.51 -47.71 -32.43
C PRO A 57 -1.73 -46.79 -32.35
N LEU A 58 -2.83 -47.23 -32.99
CA LEU A 58 -4.16 -46.60 -33.04
C LEU A 58 -4.18 -45.17 -33.60
N HIS A 59 -3.15 -44.80 -34.39
CA HIS A 59 -3.04 -43.49 -35.06
C HIS A 59 -4.26 -43.15 -35.91
N GLN A 60 -4.97 -44.19 -36.40
CA GLN A 60 -6.19 -44.09 -37.21
C GLN A 60 -7.36 -43.45 -36.45
N LEU A 61 -7.29 -43.42 -35.10
CA LEU A 61 -8.33 -42.82 -34.28
C LEU A 61 -8.16 -41.30 -34.15
N LEU A 62 -6.98 -40.80 -34.52
CA LEU A 62 -6.70 -39.37 -34.44
C LEU A 62 -7.26 -38.60 -35.61
N GLN A 63 -8.08 -37.60 -35.31
CA GLN A 63 -8.65 -36.67 -36.27
C GLN A 63 -7.56 -35.77 -36.81
N ASP A 64 -7.95 -34.74 -37.54
CA ASP A 64 -7.00 -33.79 -38.12
C ASP A 64 -6.29 -32.99 -37.01
N GLU A 65 -5.01 -32.68 -37.22
CA GLU A 65 -4.17 -31.84 -36.35
C GLU A 65 -4.95 -30.57 -35.96
N SER A 66 -5.70 -30.00 -36.92
CA SER A 66 -6.52 -28.80 -36.82
C SER A 66 -7.71 -28.89 -35.84
N SER A 67 -8.21 -30.12 -35.54
CA SER A 67 -9.34 -30.36 -34.63
C SER A 67 -8.91 -30.37 -33.15
N TYR A 68 -7.61 -30.24 -32.90
CA TYR A 68 -7.11 -30.28 -31.54
C TYR A 68 -6.45 -28.98 -31.10
N ILE A 69 -6.19 -28.89 -29.77
CA ILE A 69 -5.42 -27.90 -29.03
C ILE A 69 -4.78 -28.60 -27.83
N PHE A 70 -3.77 -27.98 -27.23
CA PHE A 70 -3.10 -28.53 -26.03
C PHE A 70 -3.65 -28.03 -24.69
N VAL A 71 -3.51 -28.86 -23.68
CA VAL A 71 -3.88 -28.54 -22.31
C VAL A 71 -2.75 -29.05 -21.43
N SER A 72 -2.32 -28.24 -20.46
CA SER A 72 -1.30 -28.66 -19.49
C SER A 72 -1.52 -28.08 -18.10
N VAL A 73 -0.67 -28.46 -17.13
CA VAL A 73 -0.72 -27.99 -15.75
C VAL A 73 0.30 -26.86 -15.59
N THR A 74 -0.19 -25.64 -15.38
CA THR A 74 0.66 -24.47 -15.17
C THR A 74 1.22 -24.44 -13.74
N GLN A 75 2.12 -23.47 -13.48
CA GLN A 75 2.75 -23.28 -12.18
C GLN A 75 1.77 -22.79 -11.11
N GLU A 76 0.56 -22.35 -11.54
CA GLU A 76 -0.54 -21.91 -10.69
C GLU A 76 -1.46 -23.10 -10.33
N ALA A 77 -1.01 -24.34 -10.65
CA ALA A 77 -1.71 -25.60 -10.44
C ALA A 77 -3.03 -25.66 -11.21
N GLU A 78 -3.12 -24.94 -12.35
CA GLU A 78 -4.30 -24.85 -13.19
C GLU A 78 -4.13 -25.72 -14.43
N ARG A 79 -5.23 -26.34 -14.87
CA ARG A 79 -5.30 -27.14 -16.09
C ARG A 79 -5.69 -26.09 -17.12
N GLU A 80 -4.70 -25.58 -17.85
CA GLU A 80 -4.93 -24.50 -18.80
C GLU A 80 -4.97 -25.03 -20.19
N GLU A 81 -5.98 -24.60 -20.97
CA GLU A 81 -6.19 -24.90 -22.38
C GLU A 81 -5.43 -23.84 -23.19
N PHE A 82 -4.57 -24.26 -24.14
CA PHE A 82 -3.80 -23.28 -24.92
C PHE A 82 -4.37 -22.98 -26.30
N PHE A 83 -5.25 -21.97 -26.37
CA PHE A 83 -5.91 -21.56 -27.60
C PHE A 83 -5.00 -20.73 -28.50
N ASP A 84 -4.08 -19.96 -27.90
CA ASP A 84 -3.13 -19.16 -28.64
C ASP A 84 -1.93 -20.04 -28.96
N GLU A 85 -2.04 -20.74 -30.10
CA GLU A 85 -1.05 -21.68 -30.59
C GLU A 85 0.19 -20.98 -31.19
N THR A 86 0.31 -19.66 -30.98
CA THR A 86 1.47 -18.93 -31.48
C THR A 86 2.40 -18.66 -30.30
N ARG A 87 2.03 -19.16 -29.11
CA ARG A 87 2.83 -19.03 -27.88
C ARG A 87 3.97 -20.04 -27.87
N ARG A 88 5.09 -19.65 -27.30
CA ARG A 88 6.26 -20.49 -27.19
C ARG A 88 6.16 -21.34 -25.92
N LEU A 89 6.73 -22.56 -25.97
CA LEU A 89 6.83 -23.54 -24.90
C LEU A 89 7.44 -22.93 -23.61
N CYS A 90 8.51 -22.11 -23.73
CA CYS A 90 9.17 -21.44 -22.60
C CYS A 90 8.27 -20.39 -21.90
N ASP A 91 7.24 -19.86 -22.59
CA ASP A 91 6.33 -18.85 -22.05
C ASP A 91 5.00 -19.45 -21.53
N LEU A 92 4.88 -20.80 -21.50
CA LEU A 92 3.64 -21.45 -21.10
C LEU A 92 3.43 -21.57 -19.60
N ARG A 93 4.52 -21.36 -18.81
CA ARG A 93 4.57 -21.45 -17.34
C ARG A 93 4.20 -22.86 -16.88
N LEU A 94 4.63 -23.92 -17.60
CA LEU A 94 4.31 -25.31 -17.25
C LEU A 94 4.93 -25.74 -15.97
N PHE A 95 4.19 -26.54 -15.20
CA PHE A 95 4.68 -27.16 -13.98
C PHE A 95 5.73 -28.22 -14.42
N GLN A 96 5.28 -29.27 -15.15
CA GLN A 96 6.16 -30.32 -15.69
C GLN A 96 6.09 -30.33 -17.22
N PRO A 97 7.14 -30.86 -17.91
CA PRO A 97 7.11 -30.82 -19.38
C PRO A 97 6.23 -31.89 -20.02
N PHE A 98 4.95 -31.63 -20.09
CA PHE A 98 3.97 -32.49 -20.77
C PHE A 98 2.88 -31.65 -21.44
N LEU A 99 2.20 -32.26 -22.40
CA LEU A 99 1.10 -31.65 -23.11
C LEU A 99 0.09 -32.75 -23.37
N LYS A 100 -1.22 -32.44 -23.18
CA LYS A 100 -2.34 -33.34 -23.41
C LYS A 100 -3.12 -32.77 -24.57
N VAL A 101 -3.37 -33.62 -25.58
CA VAL A 101 -4.08 -33.23 -26.79
C VAL A 101 -5.58 -33.40 -26.56
N ILE A 102 -6.35 -32.31 -26.71
CA ILE A 102 -7.80 -32.29 -26.49
C ILE A 102 -8.56 -31.59 -27.61
N GLU A 103 -9.81 -32.01 -27.83
CA GLU A 103 -10.72 -31.39 -28.80
C GLU A 103 -11.33 -30.22 -28.02
N PRO A 104 -11.26 -28.97 -28.49
CA PRO A 104 -11.77 -27.86 -27.67
C PRO A 104 -13.29 -27.70 -27.64
N VAL A 105 -13.82 -27.74 -26.41
CA VAL A 105 -15.22 -27.58 -26.06
C VAL A 105 -15.44 -26.21 -25.37
N GLY A 106 -16.69 -25.92 -24.99
CA GLY A 106 -17.08 -24.71 -24.27
C GLY A 106 -17.03 -23.40 -25.03
N ASN A 107 -17.29 -22.31 -24.30
CA ASN A 107 -17.28 -20.94 -24.79
C ASN A 107 -15.83 -20.49 -25.03
N ARG A 108 -15.39 -20.49 -26.31
CA ARG A 108 -14.01 -20.14 -26.68
C ARG A 108 -13.65 -18.71 -26.33
N GLU A 109 -14.52 -17.74 -26.65
CA GLU A 109 -14.32 -16.30 -26.36
C GLU A 109 -14.12 -16.06 -24.87
N GLU A 110 -15.03 -16.58 -24.03
CA GLU A 110 -14.99 -16.44 -22.58
C GLU A 110 -13.74 -17.08 -21.96
N LYS A 111 -13.34 -18.29 -22.46
CA LYS A 111 -12.18 -19.02 -21.95
C LYS A 111 -10.88 -18.25 -22.16
N ILE A 112 -10.75 -17.61 -23.33
CA ILE A 112 -9.60 -16.81 -23.73
C ILE A 112 -9.49 -15.54 -22.84
N LEU A 113 -10.60 -14.77 -22.72
CA LEU A 113 -10.68 -13.57 -21.87
C LEU A 113 -10.29 -13.90 -20.43
N ASN A 114 -10.89 -14.98 -19.86
CA ASN A 114 -10.61 -15.45 -18.51
C ASN A 114 -9.14 -15.78 -18.32
N ARG A 115 -8.48 -16.31 -19.36
CA ARG A 115 -7.05 -16.66 -19.28
C ARG A 115 -6.22 -15.38 -19.22
N GLU A 116 -6.64 -14.36 -20.00
CA GLU A 116 -6.00 -13.06 -20.14
C GLU A 116 -6.15 -12.26 -18.85
N ILE A 117 -7.33 -12.38 -18.19
CA ILE A 117 -7.60 -11.72 -16.92
C ILE A 117 -6.76 -12.38 -15.84
N GLY A 118 -6.77 -13.71 -15.82
CA GLY A 118 -6.02 -14.52 -14.86
C GLY A 118 -4.53 -14.31 -14.92
N PHE A 119 -4.01 -14.01 -16.11
CA PHE A 119 -2.61 -13.76 -16.33
C PHE A 119 -2.21 -12.36 -15.78
N ALA A 120 -3.08 -11.34 -15.98
CA ALA A 120 -2.89 -9.99 -15.46
C ALA A 120 -2.91 -9.99 -13.93
N ILE A 121 -3.92 -10.66 -13.32
CA ILE A 121 -4.11 -10.82 -11.87
C ILE A 121 -2.97 -11.62 -11.22
N GLY A 122 -2.56 -12.71 -11.87
CA GLY A 122 -1.50 -13.58 -11.39
C GLY A 122 -2.08 -14.73 -10.58
N MET A 123 -3.34 -15.01 -10.84
CA MET A 123 -4.13 -16.01 -10.15
C MET A 123 -5.20 -16.48 -11.12
N PRO A 124 -5.48 -17.79 -11.28
CA PRO A 124 -6.52 -18.19 -12.23
C PRO A 124 -7.92 -17.83 -11.76
N VAL A 125 -8.71 -17.22 -12.65
CA VAL A 125 -10.11 -16.79 -12.41
C VAL A 125 -10.98 -17.88 -11.78
N CYS A 126 -10.82 -19.13 -12.27
CA CYS A 126 -11.55 -20.32 -11.83
C CYS A 126 -11.50 -20.58 -10.33
N GLU A 127 -10.50 -20.01 -9.63
CA GLU A 127 -10.38 -20.13 -8.18
C GLU A 127 -11.49 -19.34 -7.49
N PHE A 128 -11.91 -18.17 -8.08
CA PHE A 128 -13.01 -17.36 -7.55
C PHE A 128 -14.37 -18.06 -7.65
N ASP A 129 -14.61 -18.84 -8.73
CA ASP A 129 -15.86 -19.58 -8.93
C ASP A 129 -16.02 -20.67 -7.88
N MET A 130 -14.89 -21.23 -7.42
CA MET A 130 -14.89 -22.28 -6.42
C MET A 130 -15.16 -21.78 -4.99
N VAL A 131 -15.01 -20.45 -4.73
CA VAL A 131 -15.22 -19.85 -3.39
C VAL A 131 -16.70 -19.99 -2.94
N LYS A 132 -16.93 -20.74 -1.85
CA LYS A 132 -18.29 -20.99 -1.34
C LYS A 132 -19.03 -19.73 -0.80
N ASP A 133 -18.30 -18.79 -0.09
CA ASP A 133 -18.83 -17.57 0.54
C ASP A 133 -19.83 -16.73 -0.33
N PRO A 134 -21.08 -16.50 0.15
CA PRO A 134 -22.03 -15.67 -0.62
C PRO A 134 -21.58 -14.22 -0.86
N GLU A 135 -20.90 -13.57 0.11
CA GLU A 135 -20.38 -12.18 -0.05
C GLU A 135 -19.49 -12.08 -1.32
N VAL A 136 -18.54 -13.04 -1.48
CA VAL A 136 -17.64 -13.16 -2.63
C VAL A 136 -18.43 -13.23 -3.96
N GLN A 137 -19.32 -14.23 -4.08
CA GLN A 137 -20.16 -14.40 -5.26
C GLN A 137 -21.08 -13.21 -5.53
N ASP A 138 -21.70 -12.63 -4.47
CA ASP A 138 -22.56 -11.44 -4.63
C ASP A 138 -21.75 -10.26 -5.12
N PHE A 139 -20.52 -10.04 -4.54
CA PHE A 139 -19.61 -8.96 -4.97
C PHE A 139 -19.30 -9.06 -6.47
N ARG A 140 -18.97 -10.29 -6.98
CA ARG A 140 -18.71 -10.55 -8.42
C ARG A 140 -19.96 -10.27 -9.26
N ARG A 141 -21.15 -10.55 -8.70
CA ARG A 141 -22.40 -10.30 -9.39
C ARG A 141 -22.72 -8.79 -9.43
N ASN A 142 -22.93 -8.20 -8.26
CA ASN A 142 -23.33 -6.81 -8.06
C ASN A 142 -22.33 -5.74 -8.48
N ILE A 143 -21.06 -6.07 -8.69
CA ILE A 143 -20.12 -5.01 -9.09
C ILE A 143 -20.22 -4.68 -10.59
N LEU A 144 -20.86 -5.56 -11.38
CA LEU A 144 -20.94 -5.45 -12.83
C LEU A 144 -21.77 -4.26 -13.35
N ASN A 145 -22.61 -3.62 -12.52
CA ASN A 145 -23.33 -2.43 -12.96
C ASN A 145 -22.36 -1.27 -13.14
N VAL A 146 -21.30 -1.23 -12.31
CA VAL A 146 -20.21 -0.27 -12.31
C VAL A 146 -19.46 -0.45 -13.65
N CYS A 147 -19.17 -1.71 -13.99
CA CYS A 147 -18.47 -2.08 -15.20
C CYS A 147 -19.30 -1.74 -16.44
N LYS A 148 -20.62 -2.02 -16.37
CA LYS A 148 -21.56 -1.75 -17.46
C LYS A 148 -21.73 -0.23 -17.69
N GLU A 149 -21.97 0.55 -16.60
CA GLU A 149 -22.10 2.01 -16.71
C GLU A 149 -20.84 2.64 -17.33
N ALA A 150 -19.65 2.19 -16.92
CA ALA A 150 -18.36 2.70 -17.39
C ALA A 150 -18.15 2.54 -18.89
N VAL A 151 -18.42 1.34 -19.43
CA VAL A 151 -18.25 1.08 -20.87
C VAL A 151 -19.34 1.80 -21.69
N ASP A 152 -20.51 2.08 -21.09
CA ASP A 152 -21.58 2.85 -21.74
C ASP A 152 -21.16 4.33 -21.92
N LEU A 153 -20.62 4.97 -20.85
CA LEU A 153 -20.08 6.35 -20.82
C LEU A 153 -18.92 6.49 -21.79
N ARG A 154 -18.10 5.44 -21.91
CA ARG A 154 -16.90 5.38 -22.75
C ARG A 154 -17.19 5.36 -24.25
N ASP A 155 -18.37 4.84 -24.65
CA ASP A 155 -18.69 4.81 -26.10
C ASP A 155 -19.90 5.69 -26.42
N LEU A 156 -20.31 6.52 -25.43
CA LEU A 156 -21.41 7.45 -25.61
C LEU A 156 -21.07 8.51 -26.66
N ASN A 157 -19.84 9.02 -26.62
CA ASN A 157 -19.40 10.05 -27.56
C ASN A 157 -18.46 9.47 -28.63
N SER A 158 -18.87 8.34 -29.21
CA SER A 158 -18.23 7.71 -30.35
C SER A 158 -16.70 7.74 -30.23
N PRO A 159 -15.91 8.46 -31.08
CA PRO A 159 -14.45 8.45 -30.93
C PRO A 159 -13.89 9.38 -29.84
N HIS A 160 -14.57 10.50 -29.50
CA HIS A 160 -14.11 11.47 -28.50
C HIS A 160 -14.08 10.91 -27.08
N SER A 161 -15.21 10.36 -26.55
CA SER A 161 -15.25 9.80 -25.20
C SER A 161 -14.29 8.61 -25.05
N ARG A 162 -14.06 7.86 -26.17
CA ARG A 162 -13.15 6.74 -26.27
C ARG A 162 -11.70 7.22 -26.07
N ALA A 163 -11.36 8.34 -26.70
CA ALA A 163 -10.04 8.97 -26.65
C ALA A 163 -9.77 9.64 -25.33
N MET A 164 -10.82 10.05 -24.63
CA MET A 164 -10.77 10.74 -23.35
C MET A 164 -10.52 9.75 -22.22
N TYR A 165 -10.79 8.46 -22.49
CA TYR A 165 -10.53 7.40 -21.54
C TYR A 165 -9.06 7.02 -21.64
N VAL A 166 -8.58 6.79 -22.87
CA VAL A 166 -7.23 6.36 -23.20
C VAL A 166 -6.22 7.46 -22.95
N TYR A 167 -6.50 8.67 -23.44
CA TYR A 167 -5.60 9.79 -23.25
C TYR A 167 -6.32 10.91 -22.50
N PRO A 168 -6.48 10.78 -21.16
CA PRO A 168 -7.15 11.84 -20.39
C PRO A 168 -6.30 13.12 -20.30
N PRO A 169 -6.93 14.28 -20.03
CA PRO A 169 -6.12 15.50 -19.91
C PRO A 169 -5.30 15.42 -18.63
N ASN A 170 -3.98 15.71 -18.75
CA ASN A 170 -3.09 15.73 -17.62
C ASN A 170 -3.07 17.18 -17.13
N VAL A 171 -4.17 17.56 -16.46
CA VAL A 171 -4.40 18.93 -15.99
C VAL A 171 -4.33 19.07 -14.45
N GLU A 172 -4.03 20.30 -13.99
CA GLU A 172 -3.98 20.65 -12.59
C GLU A 172 -5.42 20.88 -12.08
N SER A 173 -5.59 20.99 -10.76
CA SER A 173 -6.93 21.16 -10.19
C SER A 173 -7.52 22.57 -10.34
N SER A 174 -6.69 23.58 -10.67
CA SER A 174 -7.14 24.97 -10.83
C SER A 174 -6.48 25.67 -12.02
N PRO A 175 -7.27 26.43 -12.83
CA PRO A 175 -6.66 27.17 -13.95
C PRO A 175 -5.87 28.40 -13.48
N GLU A 176 -6.24 28.92 -12.27
CA GLU A 176 -5.64 30.05 -11.55
C GLU A 176 -4.14 29.89 -11.46
N LEU A 177 -3.43 30.66 -12.27
CA LEU A 177 -1.98 30.61 -12.30
C LEU A 177 -1.38 31.29 -11.08
N PRO A 178 -0.47 30.60 -10.33
CA PRO A 178 0.15 31.25 -9.15
C PRO A 178 0.97 32.46 -9.57
N LYS A 179 0.86 33.56 -8.80
CA LYS A 179 1.53 34.85 -9.05
C LYS A 179 2.98 34.71 -9.54
N HIS A 180 3.80 33.89 -8.85
CA HIS A 180 5.20 33.64 -9.20
C HIS A 180 5.37 32.97 -10.59
N ILE A 181 4.41 32.09 -11.00
CA ILE A 181 4.43 31.40 -12.30
C ILE A 181 4.03 32.39 -13.39
N TYR A 182 2.92 33.15 -13.17
CA TYR A 182 2.36 34.17 -14.07
C TYR A 182 3.41 35.24 -14.50
N ASN A 183 4.34 35.60 -13.59
CA ASN A 183 5.43 36.57 -13.82
C ASN A 183 6.52 36.03 -14.76
N LYS A 184 6.49 34.72 -15.07
CA LYS A 184 7.42 34.10 -16.02
C LYS A 184 6.88 34.29 -17.43
N LEU A 185 5.54 34.47 -17.56
CA LEU A 185 4.87 34.74 -18.83
C LEU A 185 5.20 36.17 -19.24
N ASP A 186 5.81 36.32 -20.43
CA ASP A 186 6.22 37.60 -21.00
C ASP A 186 4.98 38.38 -21.47
N LYS A 187 4.48 39.28 -20.59
CA LYS A 187 3.27 40.10 -20.74
C LYS A 187 1.98 39.24 -20.71
N GLY A 188 1.87 38.37 -19.70
CA GLY A 188 0.75 37.46 -19.47
C GLY A 188 0.41 36.52 -20.62
N GLN A 189 1.43 36.11 -21.39
CA GLN A 189 1.26 35.24 -22.55
C GLN A 189 2.49 34.34 -22.81
N ILE A 190 2.20 33.11 -23.25
CA ILE A 190 3.16 32.04 -23.51
C ILE A 190 3.60 31.99 -24.99
N ILE A 191 4.84 31.49 -25.20
CA ILE A 191 5.44 31.21 -26.50
C ILE A 191 5.43 29.67 -26.60
N VAL A 192 4.74 29.14 -27.61
CA VAL A 192 4.63 27.69 -27.85
C VAL A 192 5.27 27.38 -29.20
N VAL A 193 5.80 26.15 -29.38
CA VAL A 193 6.36 25.71 -30.67
C VAL A 193 5.53 24.53 -31.18
N ILE A 194 4.67 24.78 -32.20
CA ILE A 194 3.87 23.74 -32.83
C ILE A 194 4.66 23.09 -33.96
N TRP A 195 4.90 21.79 -33.84
CA TRP A 195 5.60 21.00 -34.84
C TRP A 195 4.57 20.22 -35.63
N VAL A 196 4.87 19.94 -36.90
CA VAL A 196 3.98 19.18 -37.78
C VAL A 196 4.77 18.38 -38.79
N ILE A 197 4.34 17.13 -39.00
CA ILE A 197 4.92 16.20 -39.97
C ILE A 197 4.11 16.40 -41.24
N VAL A 198 4.69 17.13 -42.23
CA VAL A 198 4.02 17.34 -43.51
C VAL A 198 3.99 15.96 -44.22
N SER A 199 2.79 15.52 -44.64
CA SER A 199 2.52 14.21 -45.28
C SER A 199 3.46 13.77 -46.44
N PRO A 200 3.94 14.62 -47.42
CA PRO A 200 4.75 14.04 -48.53
C PRO A 200 6.04 13.31 -48.14
N ASN A 201 6.94 13.98 -47.39
CA ASN A 201 8.22 13.41 -46.97
C ASN A 201 8.42 13.29 -45.45
N ASN A 202 7.34 13.48 -44.65
CA ASN A 202 7.41 13.36 -43.19
C ASN A 202 8.49 14.30 -42.61
N ASP A 203 8.50 15.54 -43.08
CA ASP A 203 9.45 16.54 -42.66
C ASP A 203 8.83 17.36 -41.55
N LYS A 204 9.57 17.53 -40.43
CA LYS A 204 9.11 18.33 -39.31
C LYS A 204 9.14 19.80 -39.73
N GLN A 205 8.17 20.60 -39.23
CA GLN A 205 8.05 22.02 -39.54
C GLN A 205 7.54 22.76 -38.30
N LYS A 206 8.32 23.75 -37.82
CA LYS A 206 7.98 24.51 -36.62
C LYS A 206 7.32 25.85 -36.93
N TYR A 207 6.30 26.16 -36.12
CA TYR A 207 5.47 27.35 -36.17
C TYR A 207 5.45 27.91 -34.74
N THR A 208 6.27 28.92 -34.48
CA THR A 208 6.38 29.49 -33.15
C THR A 208 5.32 30.58 -32.92
N LEU A 209 4.36 30.28 -32.03
CA LEU A 209 3.26 31.17 -31.63
C LEU A 209 3.66 31.99 -30.40
N LYS A 210 2.84 33.01 -30.05
CA LYS A 210 2.94 33.86 -28.86
C LYS A 210 1.50 34.19 -28.50
N ILE A 211 0.85 33.22 -27.83
CA ILE A 211 -0.56 33.27 -27.43
C ILE A 211 -0.78 33.39 -25.92
N ASN A 212 -2.01 33.78 -25.52
CA ASN A 212 -2.41 33.91 -24.12
C ASN A 212 -2.38 32.53 -23.45
N HIS A 213 -1.94 32.49 -22.19
CA HIS A 213 -1.81 31.28 -21.39
C HIS A 213 -3.15 30.53 -21.21
N ASP A 214 -4.28 31.26 -21.00
CA ASP A 214 -5.58 30.61 -20.78
C ASP A 214 -6.34 30.26 -22.07
N CYS A 215 -5.62 30.20 -23.19
CA CYS A 215 -6.17 29.85 -24.50
C CYS A 215 -6.39 28.35 -24.58
N VAL A 216 -7.66 27.96 -24.72
CA VAL A 216 -8.16 26.60 -24.90
C VAL A 216 -7.33 25.89 -26.03
N PRO A 217 -7.10 24.55 -26.05
CA PRO A 217 -6.29 23.96 -27.13
C PRO A 217 -6.78 24.34 -28.54
N GLU A 218 -8.13 24.41 -28.75
CA GLU A 218 -8.75 24.79 -30.03
C GLU A 218 -8.27 26.17 -30.50
N GLN A 219 -8.16 27.14 -29.57
CA GLN A 219 -7.65 28.52 -29.81
C GLN A 219 -6.17 28.48 -30.20
N VAL A 220 -5.42 27.49 -29.66
CA VAL A 220 -3.99 27.31 -29.93
C VAL A 220 -3.86 26.78 -31.35
N ILE A 221 -4.83 25.92 -31.75
CA ILE A 221 -4.92 25.32 -33.08
C ILE A 221 -5.30 26.43 -34.08
N ALA A 222 -6.33 27.26 -33.72
CA ALA A 222 -6.84 28.39 -34.48
C ALA A 222 -5.71 29.33 -34.88
N GLU A 223 -4.87 29.69 -33.91
CA GLU A 223 -3.71 30.57 -34.13
C GLU A 223 -2.63 29.92 -34.97
N ALA A 224 -2.59 28.58 -35.01
CA ALA A 224 -1.63 27.83 -35.83
C ALA A 224 -2.09 27.88 -37.30
N ILE A 225 -3.43 27.78 -37.54
CA ILE A 225 -4.01 27.88 -38.87
C ILE A 225 -3.90 29.35 -39.32
N ARG A 226 -4.19 30.30 -38.40
CA ARG A 226 -4.08 31.75 -38.62
C ARG A 226 -2.65 32.18 -39.01
N LYS A 227 -1.62 31.46 -38.50
CA LYS A 227 -0.21 31.74 -38.82
C LYS A 227 0.13 31.25 -40.24
N LYS A 228 -0.37 30.05 -40.64
CA LYS A 228 -0.19 29.43 -41.96
C LYS A 228 1.16 29.71 -42.64
N GLU A 237 -9.18 38.47 -43.67
CA GLU A 237 -10.21 38.71 -42.66
C GLU A 237 -11.49 37.86 -42.89
N GLN A 238 -11.46 37.00 -43.92
CA GLN A 238 -12.54 36.07 -44.27
C GLN A 238 -12.08 34.62 -43.96
N LEU A 239 -10.89 34.50 -43.32
CA LEU A 239 -10.22 33.27 -42.90
C LEU A 239 -10.96 32.55 -41.77
N LYS A 240 -11.82 33.29 -41.02
CA LYS A 240 -12.63 32.80 -39.90
C LYS A 240 -13.49 31.58 -40.26
N LEU A 241 -14.07 31.55 -41.49
CA LEU A 241 -14.89 30.45 -42.00
C LEU A 241 -14.05 29.17 -42.12
N CYS A 242 -12.81 29.29 -42.65
CA CYS A 242 -11.85 28.19 -42.82
C CYS A 242 -11.40 27.64 -41.47
N VAL A 243 -10.99 28.53 -40.53
CA VAL A 243 -10.51 28.13 -39.21
C VAL A 243 -11.66 27.51 -38.38
N LEU A 244 -12.88 28.10 -38.39
CA LEU A 244 -14.06 27.59 -37.67
C LEU A 244 -14.41 26.16 -38.11
N GLU A 245 -14.23 25.86 -39.41
CA GLU A 245 -14.48 24.52 -39.97
C GLU A 245 -13.32 23.54 -39.78
N TYR A 246 -12.05 24.03 -39.91
CA TYR A 246 -10.85 23.19 -39.81
C TYR A 246 -10.16 23.19 -38.41
N GLN A 247 -10.76 23.81 -37.36
CA GLN A 247 -10.18 23.80 -35.99
C GLN A 247 -10.73 22.64 -35.14
N GLY A 248 -11.75 21.98 -35.67
CA GLY A 248 -12.37 20.81 -35.06
C GLY A 248 -11.90 19.51 -35.71
N LYS A 249 -10.95 19.60 -36.67
CA LYS A 249 -10.40 18.45 -37.41
C LYS A 249 -8.92 18.12 -37.06
N TYR A 250 -8.39 18.74 -35.97
CA TYR A 250 -7.03 18.52 -35.46
C TYR A 250 -6.96 18.57 -33.91
N ILE A 251 -6.02 17.79 -33.34
CA ILE A 251 -5.78 17.73 -31.88
C ILE A 251 -4.30 17.90 -31.58
N LEU A 252 -3.99 18.41 -30.36
CA LEU A 252 -2.61 18.66 -29.90
C LEU A 252 -2.06 17.52 -29.03
N LYS A 253 -0.74 17.24 -29.15
CA LYS A 253 0.00 16.19 -28.44
C LYS A 253 1.37 16.72 -27.93
N VAL A 254 1.85 16.28 -26.73
CA VAL A 254 3.18 16.68 -26.23
C VAL A 254 4.25 15.95 -27.03
N CYS A 255 5.25 16.70 -27.51
CA CYS A 255 6.38 16.16 -28.30
C CYS A 255 7.28 15.26 -27.49
N GLY A 256 7.20 13.95 -27.76
CA GLY A 256 8.02 12.92 -27.13
C GLY A 256 7.33 11.85 -26.30
N CYS A 257 6.02 12.03 -26.00
CA CYS A 257 5.21 11.11 -25.17
C CYS A 257 3.72 11.15 -25.57
N ASP A 258 2.93 10.20 -25.09
CA ASP A 258 1.52 10.11 -25.40
C ASP A 258 0.61 10.90 -24.48
N GLU A 259 0.88 12.20 -24.35
CA GLU A 259 0.06 13.11 -23.54
C GLU A 259 -0.70 14.02 -24.54
N TYR A 260 -2.05 14.04 -24.45
CA TYR A 260 -2.89 14.76 -25.40
C TYR A 260 -3.80 15.80 -24.74
N PHE A 261 -3.97 16.95 -25.44
CA PHE A 261 -4.76 18.14 -25.09
C PHE A 261 -6.13 18.04 -25.78
N LEU A 262 -6.99 17.10 -25.34
CA LEU A 262 -8.29 16.84 -25.97
C LEU A 262 -9.47 17.59 -25.36
N GLU A 263 -9.34 18.07 -24.11
CA GLU A 263 -10.42 18.78 -23.43
C GLU A 263 -10.12 20.29 -23.37
N LYS A 264 -11.19 21.11 -23.42
CA LYS A 264 -11.20 22.58 -23.41
C LYS A 264 -10.70 23.21 -22.08
N TYR A 265 -9.48 22.85 -21.67
CA TYR A 265 -8.87 23.40 -20.46
C TYR A 265 -7.93 24.52 -20.88
N PRO A 266 -7.81 25.64 -20.09
CA PRO A 266 -6.81 26.67 -20.43
C PRO A 266 -5.46 26.00 -20.62
N LEU A 267 -4.72 26.35 -21.68
CA LEU A 267 -3.43 25.70 -21.96
C LEU A 267 -2.49 25.67 -20.74
N SER A 268 -2.51 26.74 -19.90
CA SER A 268 -1.70 26.88 -18.68
C SER A 268 -2.11 25.85 -17.59
N GLN A 269 -3.37 25.36 -17.61
CA GLN A 269 -3.89 24.35 -16.68
C GLN A 269 -3.27 22.95 -16.92
N TYR A 270 -2.78 22.66 -18.15
CA TYR A 270 -2.09 21.41 -18.48
C TYR A 270 -0.73 21.40 -17.75
N LYS A 271 -0.41 20.26 -17.12
CA LYS A 271 0.81 20.05 -16.35
C LYS A 271 2.10 20.26 -17.14
N TYR A 272 2.17 19.81 -18.41
CA TYR A 272 3.37 20.00 -19.25
C TYR A 272 3.64 21.49 -19.49
N ILE A 273 2.56 22.23 -19.79
CA ILE A 273 2.59 23.66 -20.05
C ILE A 273 2.97 24.40 -18.76
N ARG A 274 2.29 24.06 -17.66
CA ARG A 274 2.54 24.65 -16.35
C ARG A 274 4.00 24.39 -15.91
N SER A 275 4.53 23.18 -16.15
CA SER A 275 5.93 22.90 -15.80
C SER A 275 6.88 23.75 -16.67
N CYS A 276 6.58 23.87 -17.98
CA CYS A 276 7.34 24.67 -18.95
C CYS A 276 7.44 26.15 -18.57
N ILE A 277 6.31 26.78 -18.20
CA ILE A 277 6.27 28.19 -17.76
C ILE A 277 7.25 28.38 -16.61
N MET A 278 7.08 27.55 -15.56
CA MET A 278 7.83 27.50 -14.32
C MET A 278 9.34 27.26 -14.51
N LEU A 279 9.70 26.33 -15.39
CA LEU A 279 11.10 25.96 -15.62
C LEU A 279 11.81 26.76 -16.71
N GLY A 280 11.16 27.79 -17.23
CA GLY A 280 11.69 28.62 -18.32
C GLY A 280 12.13 27.79 -19.50
N ARG A 281 11.29 26.80 -19.88
CA ARG A 281 11.52 25.87 -20.97
C ARG A 281 10.51 26.13 -22.10
N MET A 282 10.88 25.75 -23.31
CA MET A 282 10.03 25.95 -24.48
C MET A 282 9.04 24.80 -24.72
N PRO A 283 7.71 25.06 -24.60
CA PRO A 283 6.73 23.99 -24.86
C PRO A 283 6.73 23.61 -26.33
N ASN A 284 7.01 22.32 -26.60
CA ASN A 284 7.04 21.76 -27.96
C ASN A 284 5.85 20.82 -28.11
N LEU A 285 4.83 21.24 -28.92
CA LEU A 285 3.62 20.47 -29.19
C LEU A 285 3.60 19.92 -30.61
N MET A 286 2.76 18.92 -30.85
CA MET A 286 2.61 18.32 -32.15
C MET A 286 1.19 18.35 -32.65
N LEU A 287 1.01 18.95 -33.82
CA LEU A 287 -0.28 19.06 -34.49
C LEU A 287 -0.50 17.83 -35.38
N MET A 288 -1.64 17.19 -35.18
CA MET A 288 -2.09 16.02 -35.93
C MET A 288 -3.60 16.06 -35.99
N ALA A 289 -4.19 15.35 -36.96
CA ALA A 289 -5.64 15.31 -37.12
C ALA A 289 -6.27 14.32 -36.13
N LYS A 290 -7.53 14.61 -35.71
CA LYS A 290 -8.33 13.76 -34.83
C LYS A 290 -8.45 12.37 -35.45
N GLU A 291 -8.58 12.32 -36.78
CA GLU A 291 -8.74 11.14 -37.63
C GLU A 291 -7.63 10.10 -37.49
N SER A 292 -6.35 10.53 -37.43
CA SER A 292 -5.20 9.62 -37.29
C SER A 292 -5.12 8.98 -35.89
N LEU A 293 -5.71 9.64 -34.89
CA LEU A 293 -5.76 9.13 -33.53
C LEU A 293 -6.98 8.25 -33.37
N TYR A 294 -8.19 8.84 -33.54
CA TYR A 294 -9.52 8.23 -33.40
C TYR A 294 -9.71 6.90 -34.17
N SER A 295 -8.93 6.68 -35.23
CA SER A 295 -8.93 5.45 -36.02
C SER A 295 -8.17 4.33 -35.30
N GLN A 296 -7.00 4.65 -34.70
CA GLN A 296 -6.12 3.73 -33.96
C GLN A 296 -6.76 3.18 -32.64
N LEU A 297 -7.96 3.69 -32.29
CA LEU A 297 -8.74 3.36 -31.09
C LEU A 297 -9.72 2.17 -31.28
N PRO A 298 -9.40 0.94 -30.82
CA PRO A 298 -10.34 -0.18 -30.99
C PRO A 298 -11.48 -0.05 -29.99
N MET A 299 -12.71 -0.36 -30.43
CA MET A 299 -13.90 -0.27 -29.60
C MET A 299 -13.88 -1.34 -28.52
N ASP A 300 -13.93 -0.89 -27.25
CA ASP A 300 -13.91 -1.75 -26.08
C ASP A 300 -15.28 -2.37 -25.85
N CYS A 301 -15.32 -3.68 -25.60
CA CYS A 301 -16.56 -4.42 -25.37
C CYS A 301 -16.60 -5.16 -24.04
N PHE A 302 -17.65 -4.88 -23.27
CA PHE A 302 -17.93 -5.54 -22.01
C PHE A 302 -18.91 -6.67 -22.26
N THR A 303 -18.62 -7.86 -21.71
CA THR A 303 -19.46 -9.05 -21.83
C THR A 303 -19.84 -9.55 -20.46
N MET A 304 -21.13 -9.81 -20.26
CA MET A 304 -21.61 -10.37 -18.98
C MET A 304 -21.03 -11.78 -18.80
N PRO A 305 -20.26 -11.99 -17.74
CA PRO A 305 -19.58 -13.28 -17.55
C PRO A 305 -20.50 -14.47 -17.29
N SER A 306 -19.92 -15.69 -17.23
CA SER A 306 -20.63 -16.95 -17.00
C SER A 306 -21.44 -16.84 -15.71
N TYR A 307 -20.76 -16.50 -14.58
CA TYR A 307 -21.32 -16.39 -13.24
C TYR A 307 -22.51 -15.41 -13.12
N SER A 308 -22.64 -14.44 -14.06
CA SER A 308 -23.76 -13.50 -14.03
C SER A 308 -25.02 -14.13 -14.65
N ARG A 309 -24.84 -14.82 -15.80
CA ARG A 309 -25.92 -15.49 -16.56
C ARG A 309 -26.55 -16.68 -15.78
N ARG A 310 -26.16 -16.88 -14.51
CA ARG A 310 -26.67 -17.93 -13.63
C ARG A 310 -27.09 -17.38 -12.26
N ILE A 311 -27.94 -18.13 -11.54
CA ILE A 311 -28.45 -17.72 -10.24
C ILE A 311 -27.40 -17.89 -9.13
N SER A 312 -26.74 -19.08 -9.07
CA SER A 312 -25.72 -19.53 -8.09
C SER A 312 -26.19 -19.49 -6.59
N THR A 313 -27.54 -19.50 -6.36
CA THR A 313 -28.30 -19.50 -5.09
C THR A 313 -27.64 -18.71 -3.95
N SER A 323 -38.44 -15.96 10.46
CA SER A 323 -38.85 -14.64 10.97
C SER A 323 -37.64 -13.67 11.07
N THR A 324 -37.91 -12.33 10.98
CA THR A 324 -36.88 -11.29 11.10
C THR A 324 -37.22 -10.35 12.26
N LYS A 325 -36.27 -10.21 13.19
CA LYS A 325 -36.39 -9.30 14.33
C LYS A 325 -35.41 -8.15 14.15
N SER A 326 -35.66 -7.04 14.84
CA SER A 326 -34.77 -5.89 14.83
C SER A 326 -33.70 -6.14 15.91
N LEU A 327 -32.55 -5.44 15.82
CA LEU A 327 -31.47 -5.54 16.81
C LEU A 327 -31.97 -4.90 18.11
N TRP A 328 -32.78 -3.84 17.95
CA TRP A 328 -33.33 -3.01 19.01
C TRP A 328 -34.41 -3.69 19.87
N VAL A 329 -35.14 -4.69 19.33
CA VAL A 329 -36.18 -5.41 20.09
C VAL A 329 -35.58 -6.58 20.94
N ILE A 330 -34.24 -6.62 21.12
CA ILE A 330 -33.52 -7.65 21.89
C ILE A 330 -33.20 -7.08 23.26
N ASN A 331 -33.79 -7.67 24.32
CA ASN A 331 -33.61 -7.22 25.71
C ASN A 331 -32.52 -8.03 26.45
N SER A 332 -31.28 -7.99 25.93
CA SER A 332 -30.13 -8.67 26.52
C SER A 332 -28.81 -7.96 26.18
N ALA A 333 -27.77 -8.27 26.95
CA ALA A 333 -26.42 -7.77 26.77
C ALA A 333 -25.62 -8.79 25.99
N LEU A 334 -24.76 -8.32 25.09
CA LEU A 334 -23.89 -9.14 24.25
C LEU A 334 -23.00 -10.10 25.04
N ARG A 335 -22.95 -11.36 24.55
CA ARG A 335 -22.11 -12.45 25.05
C ARG A 335 -21.66 -13.35 23.92
N ILE A 336 -20.38 -13.72 23.90
CA ILE A 336 -19.81 -14.59 22.86
C ILE A 336 -19.12 -15.74 23.60
N LYS A 337 -19.27 -16.96 23.09
CA LYS A 337 -18.68 -18.16 23.69
C LYS A 337 -17.44 -18.56 22.93
N ILE A 338 -16.36 -18.86 23.66
CA ILE A 338 -15.09 -19.37 23.11
C ILE A 338 -15.10 -20.87 23.38
N LEU A 339 -15.22 -21.72 22.34
CA LEU A 339 -15.26 -23.17 22.55
C LEU A 339 -13.86 -23.72 22.78
N CYS A 340 -13.10 -23.88 21.71
CA CYS A 340 -11.76 -24.43 21.79
C CYS A 340 -10.91 -23.91 20.63
N ALA A 341 -9.61 -24.23 20.67
CA ALA A 341 -8.62 -23.93 19.65
C ALA A 341 -7.91 -25.22 19.25
N THR A 342 -7.52 -25.38 17.97
CA THR A 342 -6.88 -26.62 17.49
C THR A 342 -5.50 -26.77 18.11
N TYR A 343 -4.66 -25.74 17.96
CA TYR A 343 -3.33 -25.74 18.56
C TYR A 343 -2.77 -24.33 18.65
N VAL A 344 -1.57 -24.21 19.23
CA VAL A 344 -0.71 -23.03 19.34
C VAL A 344 0.73 -23.52 19.27
N ASN A 345 1.66 -22.67 18.83
CA ASN A 345 3.07 -23.03 18.75
C ASN A 345 3.85 -22.38 19.90
N VAL A 346 3.95 -23.09 21.03
CA VAL A 346 4.65 -22.62 22.23
C VAL A 346 5.50 -23.71 22.82
N ASN A 347 6.70 -23.32 23.28
CA ASN A 347 7.64 -24.17 24.02
C ASN A 347 7.00 -24.27 25.43
N ILE A 348 6.44 -25.45 25.74
CA ILE A 348 5.75 -25.79 27.00
C ILE A 348 6.52 -25.35 28.27
N ARG A 349 7.87 -25.44 28.24
CA ARG A 349 8.74 -25.02 29.34
C ARG A 349 8.74 -23.50 29.52
N ASP A 350 8.88 -22.73 28.43
CA ASP A 350 8.90 -21.27 28.45
C ASP A 350 7.55 -20.58 28.78
N ILE A 351 6.37 -21.27 28.71
CA ILE A 351 5.09 -20.61 29.05
C ILE A 351 4.25 -21.39 30.10
N ASP A 352 3.38 -20.65 30.84
CA ASP A 352 2.50 -21.22 31.86
C ASP A 352 1.16 -21.68 31.31
N LYS A 353 0.41 -20.71 30.81
CA LYS A 353 -0.93 -20.91 30.32
C LYS A 353 -1.14 -20.13 29.05
N ILE A 354 -2.31 -20.30 28.46
CA ILE A 354 -2.80 -19.63 27.25
C ILE A 354 -4.23 -19.20 27.47
N TYR A 355 -4.64 -18.12 26.84
CA TYR A 355 -6.00 -17.64 26.98
C TYR A 355 -6.43 -16.89 25.75
N VAL A 356 -7.71 -16.72 25.57
CA VAL A 356 -8.23 -15.96 24.46
C VAL A 356 -8.66 -14.58 24.99
N ARG A 357 -7.95 -13.49 24.58
CA ARG A 357 -8.30 -12.11 24.90
C ARG A 357 -9.24 -11.70 23.78
N THR A 358 -10.35 -11.02 24.13
CA THR A 358 -11.34 -10.54 23.18
C THR A 358 -11.60 -9.07 23.46
N GLY A 359 -12.24 -8.39 22.50
CA GLY A 359 -12.62 -7.00 22.61
C GLY A 359 -13.64 -6.65 21.55
N ILE A 360 -14.61 -5.80 21.90
CA ILE A 360 -15.60 -5.29 20.96
C ILE A 360 -15.08 -3.90 20.61
N TYR A 361 -14.92 -3.64 19.31
CA TYR A 361 -14.29 -2.43 18.80
C TYR A 361 -15.12 -1.76 17.73
N HIS A 362 -14.98 -0.43 17.65
CA HIS A 362 -15.54 0.44 16.64
C HIS A 362 -14.32 1.19 16.15
N GLY A 363 -13.76 0.68 15.07
CA GLY A 363 -12.51 1.17 14.49
C GLY A 363 -11.39 0.62 15.34
N GLY A 364 -10.62 1.53 15.92
CA GLY A 364 -9.53 1.17 16.80
C GLY A 364 -9.84 1.41 18.27
N GLU A 365 -11.06 1.90 18.59
CA GLU A 365 -11.46 2.17 19.96
C GLU A 365 -12.40 1.10 20.56
N PRO A 366 -12.10 0.51 21.75
CA PRO A 366 -13.03 -0.48 22.33
C PRO A 366 -14.37 0.19 22.69
N LEU A 367 -15.49 -0.55 22.58
CA LEU A 367 -16.82 -0.05 22.90
C LEU A 367 -17.17 -0.38 24.35
N CYS A 368 -16.37 -1.29 24.93
CA CYS A 368 -16.48 -1.77 26.30
C CYS A 368 -15.12 -2.38 26.69
N ASP A 369 -14.90 -2.63 27.99
CA ASP A 369 -13.65 -3.23 28.47
C ASP A 369 -13.43 -4.61 27.84
N ASN A 370 -12.16 -4.92 27.54
CA ASN A 370 -11.76 -6.20 26.96
C ASN A 370 -11.94 -7.34 27.97
N VAL A 371 -12.50 -8.46 27.50
CA VAL A 371 -12.83 -9.62 28.32
C VAL A 371 -11.94 -10.82 27.95
N ASN A 372 -11.19 -11.35 28.92
CA ASN A 372 -10.36 -12.54 28.69
C ASN A 372 -11.12 -13.80 29.14
N THR A 373 -10.62 -14.98 28.72
CA THR A 373 -11.15 -16.28 29.15
C THR A 373 -10.26 -16.68 30.33
N GLN A 374 -10.52 -17.84 30.95
CA GLN A 374 -9.68 -18.32 32.04
C GLN A 374 -8.39 -18.89 31.45
N ARG A 375 -7.28 -18.87 32.21
CA ARG A 375 -6.02 -19.43 31.74
C ARG A 375 -6.14 -20.97 31.74
N VAL A 376 -5.67 -21.63 30.67
CA VAL A 376 -5.68 -23.10 30.49
C VAL A 376 -4.30 -23.55 29.99
N PRO A 377 -3.89 -24.83 30.19
CA PRO A 377 -2.59 -25.26 29.64
C PRO A 377 -2.60 -25.21 28.11
N CYS A 378 -1.46 -24.84 27.53
CA CYS A 378 -1.27 -24.73 26.07
C CYS A 378 -1.70 -26.00 25.33
N SER A 379 -1.39 -27.16 25.94
CA SER A 379 -1.69 -28.50 25.45
C SER A 379 -3.18 -28.80 25.46
N ASN A 380 -3.97 -28.07 26.27
CA ASN A 380 -5.43 -28.24 26.36
C ASN A 380 -6.17 -26.91 26.05
N PRO A 381 -6.21 -26.45 24.78
CA PRO A 381 -6.91 -25.18 24.48
C PRO A 381 -8.42 -25.36 24.34
N ARG A 382 -9.09 -25.66 25.46
CA ARG A 382 -10.54 -25.82 25.52
C ARG A 382 -11.00 -24.92 26.66
N TRP A 383 -11.95 -24.02 26.36
CA TRP A 383 -12.47 -23.03 27.31
C TRP A 383 -13.96 -23.25 27.58
N ASN A 384 -14.76 -23.43 26.50
CA ASN A 384 -16.21 -23.66 26.49
C ASN A 384 -16.93 -22.73 27.50
N GLU A 385 -16.54 -21.44 27.44
CA GLU A 385 -16.93 -20.36 28.34
C GLU A 385 -17.61 -19.20 27.63
N TRP A 386 -18.73 -18.71 28.20
CA TRP A 386 -19.46 -17.54 27.69
C TRP A 386 -18.78 -16.28 28.22
N LEU A 387 -18.37 -15.37 27.32
CA LEU A 387 -17.76 -14.13 27.74
C LEU A 387 -18.82 -13.05 27.68
N ASN A 388 -19.00 -12.33 28.81
CA ASN A 388 -19.99 -11.27 28.99
C ASN A 388 -19.42 -9.87 28.83
N TYR A 389 -20.02 -9.07 27.93
CA TYR A 389 -19.60 -7.70 27.59
C TYR A 389 -20.56 -6.65 28.12
N ASP A 390 -20.00 -5.52 28.60
CA ASP A 390 -20.76 -4.38 29.11
C ASP A 390 -21.38 -3.54 27.94
N ILE A 391 -22.12 -4.23 27.07
CA ILE A 391 -22.82 -3.60 25.96
C ILE A 391 -24.18 -4.25 25.76
N TYR A 392 -25.20 -3.41 25.82
CA TYR A 392 -26.60 -3.78 25.59
C TYR A 392 -26.71 -3.97 24.08
N ILE A 393 -27.20 -5.14 23.64
CA ILE A 393 -27.30 -5.50 22.21
C ILE A 393 -27.96 -4.35 21.37
N PRO A 394 -29.10 -3.70 21.74
CA PRO A 394 -29.59 -2.58 20.91
C PRO A 394 -28.60 -1.45 20.69
N ASP A 395 -27.68 -1.21 21.66
CA ASP A 395 -26.64 -0.16 21.62
C ASP A 395 -25.46 -0.48 20.66
N LEU A 396 -25.36 -1.74 20.17
CA LEU A 396 -24.31 -2.15 19.24
C LEU A 396 -24.30 -1.31 17.95
N PRO A 397 -23.17 -0.64 17.60
CA PRO A 397 -23.15 0.12 16.34
C PRO A 397 -22.98 -0.83 15.14
N ARG A 398 -23.29 -0.33 13.95
CA ARG A 398 -23.27 -1.06 12.69
C ARG A 398 -21.90 -1.63 12.32
N ALA A 399 -20.82 -0.94 12.68
CA ALA A 399 -19.46 -1.37 12.34
C ALA A 399 -18.73 -2.12 13.48
N ALA A 400 -19.49 -2.55 14.51
CA ALA A 400 -18.94 -3.25 15.67
C ALA A 400 -18.27 -4.55 15.25
N ARG A 401 -17.08 -4.81 15.81
CA ARG A 401 -16.29 -6.00 15.51
C ARG A 401 -15.81 -6.70 16.76
N LEU A 402 -15.54 -8.00 16.64
CA LEU A 402 -14.95 -8.78 17.70
C LEU A 402 -13.47 -8.93 17.30
N CYS A 403 -12.59 -8.44 18.15
CA CYS A 403 -11.16 -8.54 17.95
C CYS A 403 -10.66 -9.44 19.03
N LEU A 404 -10.09 -10.56 18.64
CA LEU A 404 -9.62 -11.55 19.56
C LEU A 404 -8.21 -12.00 19.21
N SER A 405 -7.59 -12.78 20.08
CA SER A 405 -6.28 -13.34 19.90
C SER A 405 -6.03 -14.39 20.96
N ILE A 406 -5.06 -15.29 20.72
CA ILE A 406 -4.66 -16.28 21.72
C ILE A 406 -3.35 -15.77 22.19
N CYS A 407 -3.29 -15.39 23.48
CA CYS A 407 -2.06 -14.95 24.14
C CYS A 407 -1.53 -16.04 25.04
N SER A 408 -0.20 -16.04 25.20
CA SER A 408 0.52 -16.87 26.12
C SER A 408 0.71 -15.99 27.38
N VAL A 409 1.16 -16.58 28.49
CA VAL A 409 1.38 -15.85 29.74
C VAL A 409 2.37 -16.60 30.62
N LYS A 410 3.42 -15.91 31.03
CA LYS A 410 4.46 -16.46 31.91
C LYS A 410 4.68 -15.49 33.07
N GLY A 411 4.82 -16.02 34.28
CA GLY A 411 4.99 -15.21 35.47
C GLY A 411 6.10 -15.67 36.39
N ARG A 412 7.23 -16.11 35.79
CA ARG A 412 8.43 -16.62 36.46
C ARG A 412 9.29 -15.58 37.18
N LYS A 413 9.59 -14.44 36.52
CA LYS A 413 10.39 -13.38 37.11
C LYS A 413 9.50 -12.36 37.85
N GLY A 414 9.59 -12.37 39.17
CA GLY A 414 8.85 -11.48 40.06
C GLY A 414 7.33 -11.58 39.98
N ALA A 415 6.66 -10.44 40.17
CA ALA A 415 5.19 -10.30 40.10
C ALA A 415 4.81 -9.90 38.68
N LYS A 416 5.86 -9.79 37.82
CA LYS A 416 5.78 -9.39 36.43
C LYS A 416 5.32 -10.52 35.52
N GLU A 417 4.06 -10.42 35.07
CA GLU A 417 3.48 -11.35 34.11
C GLU A 417 3.80 -10.82 32.70
N GLU A 418 4.31 -11.70 31.82
CA GLU A 418 4.69 -11.45 30.43
C GLU A 418 3.67 -12.07 29.49
N HIS A 419 2.88 -11.21 28.84
CA HIS A 419 1.82 -11.62 27.92
C HIS A 419 2.31 -11.46 26.48
N CYS A 420 2.13 -12.49 25.66
CA CYS A 420 2.57 -12.47 24.26
C CYS A 420 1.48 -12.98 23.30
N PRO A 421 1.06 -12.15 22.30
CA PRO A 421 0.06 -12.64 21.33
C PRO A 421 0.65 -13.71 20.38
N LEU A 422 -0.10 -14.81 20.19
CA LEU A 422 0.34 -15.95 19.36
C LEU A 422 -0.23 -15.94 17.95
N ALA A 423 -1.54 -15.74 17.86
CA ALA A 423 -2.29 -15.66 16.63
C ALA A 423 -3.49 -14.73 16.91
N TRP A 424 -3.96 -13.97 15.89
CA TRP A 424 -5.10 -13.04 16.04
C TRP A 424 -6.17 -13.28 14.96
N GLY A 425 -7.29 -12.59 15.10
CA GLY A 425 -8.37 -12.65 14.13
C GLY A 425 -9.46 -11.66 14.48
N ASN A 426 -10.05 -11.03 13.46
CA ASN A 426 -11.14 -10.09 13.64
C ASN A 426 -12.38 -10.58 12.90
N ILE A 427 -13.57 -10.32 13.46
CA ILE A 427 -14.85 -10.77 12.90
C ILE A 427 -15.83 -9.61 12.96
N ASN A 428 -16.66 -9.45 11.92
CA ASN A 428 -17.69 -8.42 11.84
C ASN A 428 -18.96 -8.94 12.50
N LEU A 429 -19.39 -8.29 13.60
CA LEU A 429 -20.58 -8.69 14.36
C LEU A 429 -21.85 -8.74 13.51
N PHE A 430 -21.90 -7.94 12.45
CA PHE A 430 -22.96 -7.91 11.44
C PHE A 430 -22.28 -8.31 10.14
N ASP A 431 -23.00 -9.01 9.25
CA ASP A 431 -22.43 -9.37 7.96
C ASP A 431 -22.88 -8.37 6.90
N TYR A 432 -22.48 -8.59 5.64
CA TYR A 432 -22.80 -7.69 4.51
C TYR A 432 -24.30 -7.47 4.26
N THR A 433 -25.16 -8.26 4.92
CA THR A 433 -26.60 -8.16 4.74
C THR A 433 -27.29 -7.48 5.93
N ASP A 434 -26.50 -6.88 6.86
CA ASP A 434 -26.93 -6.21 8.09
C ASP A 434 -27.44 -7.21 9.11
N THR A 435 -27.13 -8.51 8.88
CA THR A 435 -27.52 -9.61 9.76
C THR A 435 -26.49 -9.77 10.85
N LEU A 436 -26.94 -9.78 12.10
CA LEU A 436 -26.07 -10.02 13.25
C LEU A 436 -25.66 -11.49 13.21
N VAL A 437 -24.42 -11.79 13.56
CA VAL A 437 -23.92 -13.17 13.51
C VAL A 437 -24.50 -14.06 14.62
N SER A 438 -24.96 -15.27 14.25
CA SER A 438 -25.58 -16.25 15.14
C SER A 438 -25.00 -17.65 15.00
N GLY A 439 -24.96 -18.39 16.11
CA GLY A 439 -24.50 -19.78 16.15
C GLY A 439 -22.99 -19.98 16.15
N LYS A 440 -22.58 -21.23 15.89
CA LYS A 440 -21.17 -21.61 15.86
C LYS A 440 -20.43 -21.05 14.63
N MET A 441 -19.11 -20.84 14.77
CA MET A 441 -18.22 -20.26 13.74
C MET A 441 -16.77 -20.71 13.97
N ALA A 442 -16.08 -21.12 12.90
CA ALA A 442 -14.69 -21.56 12.95
C ALA A 442 -13.80 -20.50 12.33
N LEU A 443 -12.87 -19.98 13.13
CA LEU A 443 -11.96 -18.95 12.65
C LEU A 443 -10.50 -19.39 12.63
N ASN A 444 -9.91 -19.47 11.41
CA ASN A 444 -8.49 -19.75 11.23
C ASN A 444 -7.72 -18.43 11.48
N LEU A 445 -6.77 -18.47 12.41
CA LEU A 445 -6.08 -17.30 12.87
C LEU A 445 -4.81 -16.94 12.08
N TRP A 446 -4.42 -15.65 12.16
CA TRP A 446 -3.32 -15.05 11.46
C TRP A 446 -2.08 -14.93 12.30
N PRO A 447 -0.87 -15.09 11.69
CA PRO A 447 0.38 -14.81 12.43
C PRO A 447 0.41 -13.34 12.86
N VAL A 448 0.95 -13.09 14.07
CA VAL A 448 1.05 -11.73 14.62
C VAL A 448 2.04 -10.92 13.76
N PRO A 449 1.67 -9.70 13.28
CA PRO A 449 2.61 -8.96 12.43
C PRO A 449 3.91 -8.60 13.15
N HIS A 450 4.97 -8.49 12.37
CA HIS A 450 6.29 -8.13 12.86
C HIS A 450 6.18 -6.74 13.47
N GLY A 451 6.76 -6.57 14.65
CA GLY A 451 6.78 -5.30 15.36
C GLY A 451 5.63 -5.02 16.29
N LEU A 452 4.42 -5.54 15.98
CA LEU A 452 3.24 -5.32 16.82
C LEU A 452 3.44 -5.98 18.16
N GLU A 453 3.21 -5.22 19.24
CA GLU A 453 3.38 -5.72 20.62
C GLU A 453 2.08 -5.91 21.39
N ASP A 454 1.02 -5.20 20.97
CA ASP A 454 -0.30 -5.27 21.56
C ASP A 454 -0.83 -6.67 21.53
N LEU A 455 -1.63 -7.01 22.54
CA LEU A 455 -2.29 -8.29 22.64
C LEU A 455 -3.42 -8.45 21.61
N LEU A 456 -3.98 -7.34 21.11
CA LEU A 456 -5.03 -7.36 20.08
C LEU A 456 -4.62 -6.59 18.80
N ASN A 457 -5.17 -6.99 17.63
CA ASN A 457 -4.89 -6.34 16.36
C ASN A 457 -6.18 -5.77 15.71
N PRO A 458 -6.76 -4.68 16.27
CA PRO A 458 -8.03 -4.18 15.71
C PRO A 458 -7.96 -3.60 14.30
N ILE A 459 -6.79 -3.11 13.89
CA ILE A 459 -6.56 -2.56 12.55
C ILE A 459 -6.45 -3.66 11.46
N GLY A 460 -6.15 -4.89 11.87
CA GLY A 460 -6.01 -6.04 11.00
C GLY A 460 -7.29 -6.37 10.25
N VAL A 461 -7.14 -7.12 9.16
CA VAL A 461 -8.26 -7.51 8.30
C VAL A 461 -9.27 -8.38 9.05
N THR A 462 -10.52 -8.38 8.59
CA THR A 462 -11.62 -9.18 9.16
C THR A 462 -11.75 -10.42 8.31
N GLY A 463 -12.00 -11.55 8.94
CA GLY A 463 -12.18 -12.79 8.22
C GLY A 463 -11.14 -13.83 8.54
N SER A 464 -11.52 -15.08 8.28
CA SER A 464 -10.72 -16.27 8.50
C SER A 464 -9.48 -16.28 7.61
N ASN A 465 -8.42 -16.92 8.09
CA ASN A 465 -7.17 -17.04 7.35
C ASN A 465 -7.37 -18.13 6.29
N PRO A 466 -7.11 -17.85 4.99
CA PRO A 466 -7.29 -18.87 3.94
C PRO A 466 -6.39 -20.11 4.14
N ASN A 467 -5.31 -19.95 4.91
CA ASN A 467 -4.42 -21.07 5.16
C ASN A 467 -5.04 -21.86 6.31
N LYS A 468 -5.50 -23.08 5.99
CA LYS A 468 -6.17 -23.88 7.00
C LYS A 468 -5.19 -24.63 7.91
N GLU A 469 -3.88 -24.61 7.56
CA GLU A 469 -2.82 -25.24 8.35
C GLU A 469 -2.25 -24.18 9.29
N THR A 470 -3.14 -23.66 10.19
CA THR A 470 -2.93 -22.60 11.20
C THR A 470 -3.89 -22.84 12.42
N PRO A 471 -3.64 -22.26 13.63
CA PRO A 471 -4.60 -22.40 14.75
C PRO A 471 -6.05 -22.07 14.37
N CYS A 472 -6.99 -22.99 14.65
CA CYS A 472 -8.39 -22.75 14.36
C CYS A 472 -9.17 -22.58 15.67
N LEU A 473 -9.98 -21.51 15.78
CA LEU A 473 -10.76 -21.22 16.99
C LEU A 473 -12.26 -21.39 16.74
N GLU A 474 -12.93 -22.16 17.60
CA GLU A 474 -14.38 -22.38 17.49
C GLU A 474 -15.06 -21.33 18.35
N LEU A 475 -16.21 -20.82 17.90
CA LEU A 475 -16.93 -19.77 18.64
C LEU A 475 -18.42 -19.98 18.60
N GLU A 476 -19.10 -19.63 19.68
CA GLU A 476 -20.55 -19.72 19.64
C GLU A 476 -21.17 -18.35 19.89
N PHE A 477 -22.04 -17.95 18.97
CA PHE A 477 -22.81 -16.71 18.99
C PHE A 477 -24.24 -17.08 19.37
N ASP A 478 -24.85 -16.25 20.21
CA ASP A 478 -26.19 -16.46 20.72
C ASP A 478 -27.28 -16.52 19.61
N TRP A 479 -28.38 -17.23 19.94
CA TRP A 479 -29.55 -17.42 19.09
C TRP A 479 -30.75 -16.79 19.80
N PHE A 480 -31.57 -16.01 19.07
CA PHE A 480 -32.73 -15.34 19.66
C PHE A 480 -34.09 -15.83 19.09
N SER A 481 -34.09 -16.98 18.36
CA SER A 481 -35.21 -17.68 17.68
C SER A 481 -35.54 -17.09 16.28
N SER A 482 -34.80 -16.04 15.84
CA SER A 482 -35.00 -15.42 14.52
C SER A 482 -33.72 -14.78 13.99
N VAL A 483 -33.73 -14.34 12.71
CA VAL A 483 -32.63 -13.65 12.03
C VAL A 483 -32.69 -12.19 12.46
N VAL A 484 -31.72 -11.78 13.31
CA VAL A 484 -31.63 -10.43 13.84
C VAL A 484 -30.97 -9.51 12.82
N LYS A 485 -31.70 -8.46 12.43
CA LYS A 485 -31.24 -7.44 11.47
C LYS A 485 -31.08 -6.07 12.13
N PHE A 486 -30.09 -5.31 11.65
CA PHE A 486 -29.84 -3.96 12.10
C PHE A 486 -31.02 -3.13 11.55
N PRO A 487 -31.62 -2.24 12.36
CA PRO A 487 -32.79 -1.48 11.90
C PRO A 487 -32.56 -0.63 10.66
N ASP A 488 -33.66 -0.32 9.95
CA ASP A 488 -33.68 0.46 8.71
C ASP A 488 -33.40 1.94 9.00
N MET A 489 -32.86 2.68 8.01
CA MET A 489 -32.59 4.11 8.13
C MET A 489 -33.85 4.94 8.52
N SER A 490 -35.06 4.50 8.12
CA SER A 490 -36.32 5.16 8.49
C SER A 490 -36.59 5.02 10.01
N VAL A 491 -36.23 3.84 10.58
CA VAL A 491 -36.38 3.45 12.01
C VAL A 491 -35.36 4.20 12.86
N ILE A 492 -34.15 4.43 12.31
CA ILE A 492 -33.09 5.16 13.00
C ILE A 492 -33.43 6.67 13.01
N GLU A 493 -33.94 7.23 11.87
CA GLU A 493 -34.37 8.65 11.72
C GLU A 493 -35.50 8.96 12.71
N GLU A 494 -36.39 7.97 12.95
CA GLU A 494 -37.50 8.00 13.88
C GLU A 494 -36.93 8.15 15.29
N HIS A 495 -36.19 7.13 15.77
CA HIS A 495 -35.54 7.08 17.11
C HIS A 495 -34.71 8.33 17.46
N ALA A 496 -34.14 9.00 16.45
CA ALA A 496 -33.35 10.23 16.65
C ALA A 496 -34.28 11.39 17.00
N ASN A 497 -35.46 11.45 16.36
CA ASN A 497 -36.49 12.47 16.63
C ASN A 497 -37.14 12.24 18.01
N TRP A 498 -37.08 11.01 18.53
CA TRP A 498 -37.59 10.69 19.87
C TRP A 498 -36.56 11.22 20.88
N SER A 499 -35.25 10.90 20.66
CA SER A 499 -34.09 11.24 21.48
C SER A 499 -33.89 12.74 21.62
N VAL A 500 -34.02 13.49 20.50
CA VAL A 500 -33.86 14.95 20.45
C VAL A 500 -35.03 15.66 21.20
N SER A 501 -36.19 14.97 21.28
CA SER A 501 -37.42 15.42 21.96
C SER A 501 -37.48 15.04 23.46
N ARG A 502 -36.49 14.28 23.97
CA ARG A 502 -36.40 13.87 25.37
C ARG A 502 -35.69 14.96 26.17
N GLU A 522 -28.62 30.70 21.89
CA GLU A 522 -27.83 30.82 23.12
C GLU A 522 -26.32 30.60 22.81
N LEU A 523 -25.90 30.95 21.55
CA LEU A 523 -24.59 30.80 20.90
C LEU A 523 -23.33 31.29 21.68
N ARG A 524 -23.24 32.59 22.08
CA ARG A 524 -22.10 33.28 22.77
C ARG A 524 -20.90 33.37 21.80
N GLU A 525 -20.34 34.61 21.61
CA GLU A 525 -19.22 34.85 20.67
C GLU A 525 -17.98 34.03 21.03
N ASN A 526 -17.81 33.74 22.34
CA ASN A 526 -16.71 32.94 22.86
C ASN A 526 -16.82 31.47 22.46
N ASP A 527 -17.98 30.82 22.76
CA ASP A 527 -18.26 29.42 22.40
C ASP A 527 -18.03 29.17 20.89
N LYS A 528 -18.36 30.15 20.02
CA LYS A 528 -18.14 30.08 18.57
C LYS A 528 -16.63 30.13 18.19
N GLU A 529 -15.78 30.74 19.07
CA GLU A 529 -14.32 30.85 18.96
C GLU A 529 -13.64 29.53 19.41
N GLN A 530 -14.12 28.92 20.52
CA GLN A 530 -13.58 27.65 21.02
C GLN A 530 -13.84 26.55 19.99
N LEU A 531 -15.09 26.51 19.44
CA LEU A 531 -15.50 25.58 18.40
C LEU A 531 -14.56 25.73 17.21
N LYS A 532 -14.41 26.97 16.69
CA LYS A 532 -13.53 27.30 15.55
C LYS A 532 -12.11 26.77 15.77
N ALA A 533 -11.56 26.92 16.99
CA ALA A 533 -10.22 26.45 17.40
C ALA A 533 -10.11 24.93 17.35
N ILE A 534 -11.17 24.19 17.76
CA ILE A 534 -11.18 22.73 17.75
C ILE A 534 -11.00 22.21 16.31
N SER A 535 -11.87 22.65 15.38
CA SER A 535 -11.85 22.30 13.95
C SER A 535 -10.49 22.52 13.24
N THR A 536 -9.67 23.47 13.71
CA THR A 536 -8.36 23.81 13.11
C THR A 536 -7.22 22.92 13.59
N ARG A 537 -7.45 22.16 14.65
CA ARG A 537 -6.44 21.27 15.21
C ARG A 537 -6.21 20.07 14.33
N ASP A 538 -4.97 19.58 14.34
CA ASP A 538 -4.55 18.42 13.58
C ASP A 538 -5.33 17.18 14.07
N PRO A 539 -5.58 16.22 13.17
CA PRO A 539 -6.41 15.05 13.53
C PRO A 539 -5.96 14.16 14.68
N LEU A 540 -4.72 14.28 15.17
CA LEU A 540 -4.16 13.44 16.25
C LEU A 540 -4.04 14.18 17.59
N SER A 541 -4.55 15.43 17.65
CA SER A 541 -4.44 16.19 18.90
C SER A 541 -5.46 15.70 19.91
N GLU A 542 -5.14 15.94 21.18
CA GLU A 542 -5.94 15.58 22.34
C GLU A 542 -7.28 16.32 22.36
N ILE A 543 -8.37 15.55 22.58
CA ILE A 543 -9.74 16.01 22.81
C ILE A 543 -10.04 15.61 24.24
N THR A 544 -10.26 16.60 25.09
CA THR A 544 -10.58 16.36 26.51
C THR A 544 -12.03 15.95 26.57
N GLU A 545 -12.44 15.34 27.70
CA GLU A 545 -13.82 14.91 27.93
C GLU A 545 -14.74 16.10 27.98
N GLN A 546 -14.24 17.23 28.52
CA GLN A 546 -14.93 18.53 28.57
C GLN A 546 -15.17 19.02 27.13
N GLU A 547 -14.15 18.90 26.24
CA GLU A 547 -14.27 19.33 24.84
C GLU A 547 -15.19 18.38 24.09
N LYS A 548 -15.27 17.13 24.53
CA LYS A 548 -16.12 16.14 23.90
C LYS A 548 -17.58 16.45 24.21
N ASP A 549 -17.90 16.69 25.51
CA ASP A 549 -19.24 17.08 25.96
C ASP A 549 -19.65 18.41 25.29
N PHE A 550 -18.69 19.37 25.18
CA PHE A 550 -18.94 20.66 24.54
C PHE A 550 -19.31 20.54 23.08
N LEU A 551 -18.58 19.70 22.30
CA LEU A 551 -18.81 19.46 20.89
C LEU A 551 -20.12 18.77 20.64
N TRP A 552 -20.45 17.74 21.45
CA TRP A 552 -21.71 17.02 21.31
C TRP A 552 -22.91 17.94 21.63
N SER A 553 -22.81 18.77 22.70
CA SER A 553 -23.82 19.72 23.10
C SER A 553 -24.10 20.77 22.02
N HIS A 554 -23.09 21.10 21.19
CA HIS A 554 -23.22 22.11 20.15
C HIS A 554 -23.31 21.55 18.73
N ARG A 555 -23.59 20.23 18.61
CA ARG A 555 -23.73 19.46 17.36
C ARG A 555 -24.61 20.11 16.28
N HIS A 556 -25.66 20.86 16.68
CA HIS A 556 -26.53 21.52 15.72
C HIS A 556 -25.91 22.82 15.23
N TYR A 557 -25.06 23.50 16.05
CA TYR A 557 -24.38 24.72 15.60
C TYR A 557 -23.23 24.36 14.66
N CYS A 558 -22.62 23.16 14.86
CA CYS A 558 -21.48 22.61 14.15
C CYS A 558 -21.61 22.60 12.64
N VAL A 559 -22.84 22.49 12.14
CA VAL A 559 -23.17 22.49 10.71
C VAL A 559 -22.70 23.80 10.02
N THR A 560 -22.43 24.87 10.80
CA THR A 560 -21.93 26.17 10.30
C THR A 560 -20.43 26.14 10.03
N ILE A 561 -19.70 25.27 10.77
CA ILE A 561 -18.24 25.03 10.63
C ILE A 561 -18.18 23.57 10.15
N PRO A 562 -18.44 23.25 8.86
CA PRO A 562 -18.51 21.82 8.46
C PRO A 562 -17.22 21.01 8.64
N GLU A 563 -16.06 21.67 8.61
CA GLU A 563 -14.74 21.05 8.79
C GLU A 563 -14.54 20.40 10.18
N ILE A 564 -15.42 20.72 11.15
CA ILE A 564 -15.37 20.21 12.52
C ILE A 564 -15.81 18.73 12.65
N LEU A 565 -16.56 18.21 11.66
CA LEU A 565 -17.12 16.87 11.62
C LEU A 565 -16.17 15.72 12.13
N PRO A 566 -14.86 15.61 11.73
CA PRO A 566 -14.00 14.54 12.32
C PRO A 566 -13.93 14.56 13.86
N LYS A 567 -13.79 15.74 14.48
CA LYS A 567 -13.68 15.87 15.95
C LYS A 567 -15.02 15.61 16.63
N LEU A 568 -16.14 16.01 15.98
CA LEU A 568 -17.49 15.82 16.50
C LEU A 568 -17.81 14.35 16.50
N LEU A 569 -17.50 13.63 15.40
CA LEU A 569 -17.68 12.17 15.32
C LEU A 569 -16.94 11.39 16.45
N LEU A 570 -15.87 11.99 17.01
CA LEU A 570 -15.08 11.41 18.11
C LEU A 570 -15.65 11.82 19.45
N SER A 571 -16.58 12.80 19.48
CA SER A 571 -17.33 13.25 20.66
C SER A 571 -18.63 12.41 20.83
N VAL A 572 -18.92 11.52 19.86
CA VAL A 572 -20.06 10.61 19.87
C VAL A 572 -19.72 9.40 20.77
N LYS A 573 -20.75 8.82 21.41
CA LYS A 573 -20.66 7.63 22.25
C LYS A 573 -21.26 6.51 21.37
N TRP A 574 -20.39 5.85 20.58
CA TRP A 574 -20.74 4.84 19.59
C TRP A 574 -21.44 3.61 20.22
N ASN A 575 -21.28 3.39 21.54
CA ASN A 575 -21.95 2.33 22.32
C ASN A 575 -23.33 2.78 22.91
N SER A 576 -23.96 3.79 22.29
CA SER A 576 -25.26 4.35 22.67
C SER A 576 -26.00 4.56 21.37
N ARG A 577 -27.15 3.89 21.22
CA ARG A 577 -27.92 3.99 20.02
C ARG A 577 -28.59 5.35 19.88
N ASP A 578 -28.84 6.05 21.02
CA ASP A 578 -29.43 7.40 21.06
C ASP A 578 -28.57 8.46 20.37
N GLU A 579 -27.25 8.49 20.69
CA GLU A 579 -26.27 9.42 20.10
C GLU A 579 -25.95 9.03 18.66
N VAL A 580 -25.81 7.72 18.40
CA VAL A 580 -25.51 7.23 17.04
C VAL A 580 -26.62 7.68 16.07
N ALA A 581 -27.92 7.46 16.44
CA ALA A 581 -29.10 7.88 15.67
C ALA A 581 -29.12 9.38 15.31
N GLN A 582 -28.83 10.23 16.31
CA GLN A 582 -28.81 11.68 16.16
C GLN A 582 -27.67 12.17 15.26
N MET A 583 -26.54 11.42 15.28
CA MET A 583 -25.37 11.70 14.47
C MET A 583 -25.70 11.36 13.02
N TYR A 584 -26.41 10.22 12.78
CA TYR A 584 -26.82 9.76 11.45
C TYR A 584 -27.65 10.79 10.72
N CYS A 585 -28.56 11.47 11.45
CA CYS A 585 -29.42 12.53 10.91
C CYS A 585 -28.58 13.75 10.50
N LEU A 586 -27.64 14.14 11.39
CA LEU A 586 -26.74 15.28 11.19
C LEU A 586 -25.81 15.10 10.03
N VAL A 587 -25.29 13.87 9.81
CA VAL A 587 -24.37 13.58 8.71
C VAL A 587 -25.13 13.50 7.39
N LYS A 588 -26.40 13.00 7.41
CA LYS A 588 -27.27 12.88 6.22
C LYS A 588 -27.43 14.22 5.48
N ASP A 589 -27.61 15.32 6.25
CA ASP A 589 -27.79 16.67 5.72
C ASP A 589 -26.59 17.59 6.06
N TRP A 590 -25.39 16.98 6.31
CA TRP A 590 -24.15 17.70 6.62
C TRP A 590 -23.59 18.33 5.34
N PRO A 591 -23.16 19.62 5.36
CA PRO A 591 -22.58 20.21 4.14
C PRO A 591 -21.30 19.49 3.69
N PRO A 592 -21.03 19.36 2.37
CA PRO A 592 -19.81 18.66 1.95
C PRO A 592 -18.55 19.42 2.37
N ILE A 593 -17.49 18.65 2.66
CA ILE A 593 -16.20 19.17 3.09
C ILE A 593 -15.16 18.95 2.00
N LYS A 594 -13.99 19.60 2.13
CA LYS A 594 -12.89 19.46 1.18
C LYS A 594 -12.41 18.00 1.12
N PRO A 595 -12.07 17.47 -0.09
CA PRO A 595 -11.61 16.07 -0.19
C PRO A 595 -10.49 15.66 0.78
N GLU A 596 -9.46 16.50 0.93
CA GLU A 596 -8.33 16.28 1.85
C GLU A 596 -8.81 16.15 3.31
N GLN A 597 -9.90 16.87 3.68
CA GLN A 597 -10.47 16.79 5.02
C GLN A 597 -11.30 15.53 5.12
N ALA A 598 -12.02 15.15 4.02
CA ALA A 598 -12.88 13.97 3.88
C ALA A 598 -12.14 12.61 3.81
N MET A 599 -10.88 12.61 3.36
CA MET A 599 -10.05 11.40 3.28
C MET A 599 -9.79 10.82 4.69
N GLU A 600 -9.77 11.70 5.71
CA GLU A 600 -9.62 11.36 7.13
C GLU A 600 -10.74 10.43 7.56
N LEU A 601 -11.98 10.69 7.07
CA LEU A 601 -13.17 9.89 7.42
C LEU A 601 -13.17 8.50 6.79
N LEU A 602 -12.14 8.19 6.00
CA LEU A 602 -11.98 6.88 5.36
C LEU A 602 -10.89 6.02 6.02
N ASP A 603 -10.12 6.57 7.02
CA ASP A 603 -9.12 5.74 7.71
C ASP A 603 -9.78 4.77 8.73
N CYS A 604 -8.93 3.95 9.36
CA CYS A 604 -9.27 2.94 10.37
C CYS A 604 -10.03 3.50 11.60
N ASN A 605 -9.96 4.82 11.82
CA ASN A 605 -10.59 5.46 12.98
C ASN A 605 -12.10 5.79 12.80
N TYR A 606 -12.61 5.76 11.54
CA TYR A 606 -13.98 6.11 11.18
C TYR A 606 -14.68 4.95 10.44
N PRO A 607 -15.10 3.87 11.14
CA PRO A 607 -15.69 2.71 10.44
C PRO A 607 -17.17 2.79 10.02
N ASP A 608 -17.96 3.74 10.58
CA ASP A 608 -19.37 3.84 10.26
C ASP A 608 -19.72 4.02 8.78
N PRO A 609 -20.62 3.14 8.26
CA PRO A 609 -21.05 3.24 6.84
C PRO A 609 -21.64 4.57 6.38
N MET A 610 -22.27 5.34 7.30
CA MET A 610 -22.84 6.64 6.95
C MET A 610 -21.72 7.68 6.85
N VAL A 611 -20.69 7.56 7.72
CA VAL A 611 -19.53 8.46 7.76
C VAL A 611 -18.74 8.29 6.47
N ARG A 612 -18.35 7.05 6.15
CA ARG A 612 -17.62 6.70 4.94
C ARG A 612 -18.46 6.98 3.67
N GLY A 613 -19.80 6.91 3.81
CA GLY A 613 -20.75 7.23 2.75
C GLY A 613 -20.72 8.70 2.39
N PHE A 614 -20.77 9.59 3.43
CA PHE A 614 -20.67 11.05 3.31
C PHE A 614 -19.29 11.35 2.73
N ALA A 615 -18.24 10.71 3.32
CA ALA A 615 -16.85 10.83 2.87
C ALA A 615 -16.71 10.53 1.38
N VAL A 616 -17.34 9.44 0.90
CA VAL A 616 -17.26 9.08 -0.52
C VAL A 616 -18.02 10.13 -1.40
N ARG A 617 -19.17 10.66 -0.92
CA ARG A 617 -19.91 11.71 -1.63
C ARG A 617 -19.08 13.01 -1.82
N CYS A 618 -18.22 13.34 -0.83
CA CYS A 618 -17.34 14.51 -0.92
C CYS A 618 -16.32 14.30 -2.03
N LEU A 619 -15.72 13.10 -2.09
CA LEU A 619 -14.76 12.75 -3.16
C LEU A 619 -15.44 12.71 -4.52
N GLU A 620 -16.67 12.19 -4.58
CA GLU A 620 -17.46 12.11 -5.81
C GLU A 620 -17.67 13.49 -6.45
N LYS A 621 -18.12 14.47 -5.64
CA LYS A 621 -18.41 15.80 -6.14
C LYS A 621 -17.21 16.74 -6.22
N TYR A 622 -16.24 16.65 -5.29
CA TYR A 622 -15.14 17.62 -5.28
C TYR A 622 -13.74 17.08 -5.57
N LEU A 623 -13.52 15.77 -5.64
CA LEU A 623 -12.16 15.31 -5.90
C LEU A 623 -11.82 15.28 -7.37
N THR A 624 -10.79 16.04 -7.76
CA THR A 624 -10.35 16.09 -9.16
C THR A 624 -9.63 14.79 -9.57
N ASP A 625 -9.39 14.60 -10.87
CA ASP A 625 -8.68 13.41 -11.35
C ASP A 625 -7.19 13.51 -11.09
N ASP A 626 -6.69 14.75 -10.90
CA ASP A 626 -5.31 15.07 -10.57
C ASP A 626 -5.09 14.68 -9.12
N LYS A 627 -6.02 15.05 -8.22
CA LYS A 627 -5.91 14.73 -6.80
C LYS A 627 -6.14 13.23 -6.51
N LEU A 628 -7.05 12.59 -7.23
CA LEU A 628 -7.28 11.14 -7.11
C LEU A 628 -6.01 10.38 -7.50
N SER A 629 -5.38 10.79 -8.61
CA SER A 629 -4.12 10.18 -9.05
C SER A 629 -3.01 10.42 -8.06
N GLN A 630 -3.07 11.57 -7.37
CA GLN A 630 -2.08 11.99 -6.38
C GLN A 630 -2.20 11.19 -5.08
N TYR A 631 -3.43 10.99 -4.59
CA TYR A 631 -3.69 10.28 -3.34
C TYR A 631 -4.17 8.85 -3.54
N LEU A 632 -3.90 8.26 -4.74
CA LEU A 632 -4.31 6.88 -5.08
C LEU A 632 -3.74 5.86 -4.12
N ILE A 633 -2.40 5.95 -3.82
CA ILE A 633 -1.71 5.05 -2.92
C ILE A 633 -2.57 4.86 -1.66
N GLN A 634 -2.89 5.96 -0.96
CA GLN A 634 -3.74 5.98 0.24
C GLN A 634 -5.16 5.51 -0.01
N LEU A 635 -5.76 5.88 -1.15
CA LEU A 635 -7.13 5.48 -1.46
C LEU A 635 -7.26 3.98 -1.66
N VAL A 636 -6.25 3.36 -2.29
CA VAL A 636 -6.20 1.89 -2.45
C VAL A 636 -6.03 1.24 -1.06
N GLN A 637 -5.10 1.78 -0.25
CA GLN A 637 -4.85 1.31 1.12
C GLN A 637 -6.10 1.27 1.99
N VAL A 638 -6.88 2.39 2.09
CA VAL A 638 -8.09 2.45 2.92
C VAL A 638 -9.17 1.39 2.54
N LEU A 639 -9.07 0.71 1.35
CA LEU A 639 -9.98 -0.35 0.92
C LEU A 639 -9.87 -1.57 1.84
N LYS A 640 -8.77 -1.67 2.60
CA LYS A 640 -8.49 -2.77 3.51
C LYS A 640 -9.29 -2.64 4.81
N TYR A 641 -9.51 -1.38 5.25
CA TYR A 641 -10.24 -1.02 6.48
C TYR A 641 -11.75 -1.25 6.32
N GLU A 642 -12.23 -1.29 5.07
CA GLU A 642 -13.62 -1.52 4.70
C GLU A 642 -14.10 -2.87 5.23
N GLN A 643 -15.22 -2.90 5.96
CA GLN A 643 -15.76 -4.14 6.53
C GLN A 643 -16.16 -5.16 5.44
N TYR A 644 -16.74 -4.66 4.34
CA TYR A 644 -17.31 -5.47 3.29
C TYR A 644 -16.73 -5.22 1.95
N LEU A 645 -16.76 -6.26 1.11
CA LEU A 645 -16.28 -6.20 -0.24
C LEU A 645 -17.08 -5.18 -1.07
N ASP A 646 -18.40 -5.21 -0.98
CA ASP A 646 -19.21 -4.26 -1.74
C ASP A 646 -19.45 -3.03 -0.87
N ASN A 647 -18.85 -1.90 -1.28
CA ASN A 647 -18.92 -0.64 -0.55
C ASN A 647 -18.85 0.52 -1.55
N LEU A 648 -19.22 1.72 -1.10
CA LEU A 648 -19.26 2.90 -1.97
C LEU A 648 -17.89 3.37 -2.43
N LEU A 649 -16.85 3.12 -1.63
CA LEU A 649 -15.49 3.52 -1.97
C LEU A 649 -14.95 2.68 -3.12
N VAL A 650 -15.11 1.36 -3.04
CA VAL A 650 -14.63 0.45 -4.07
C VAL A 650 -15.35 0.75 -5.41
N ARG A 651 -16.63 1.16 -5.33
CA ARG A 651 -17.46 1.51 -6.48
C ARG A 651 -17.01 2.83 -7.06
N PHE A 652 -16.75 3.82 -6.20
CA PHE A 652 -16.23 5.09 -6.66
C PHE A 652 -14.87 4.86 -7.35
N LEU A 653 -13.91 4.23 -6.66
CA LEU A 653 -12.58 3.96 -7.21
C LEU A 653 -12.63 3.19 -8.51
N LEU A 654 -13.46 2.12 -8.58
CA LEU A 654 -13.57 1.31 -9.80
C LEU A 654 -14.12 2.13 -10.96
N LYS A 655 -15.25 2.86 -10.72
CA LYS A 655 -15.88 3.76 -11.70
C LYS A 655 -14.81 4.66 -12.30
N LYS A 656 -14.01 5.30 -11.45
CA LYS A 656 -12.93 6.20 -11.86
C LYS A 656 -11.80 5.51 -12.63
N ALA A 657 -11.43 4.28 -12.22
CA ALA A 657 -10.38 3.49 -12.87
C ALA A 657 -10.76 3.08 -14.29
N LEU A 658 -12.07 2.91 -14.54
CA LEU A 658 -12.65 2.52 -15.83
C LEU A 658 -13.06 3.76 -16.65
N THR A 659 -13.09 4.95 -16.04
CA THR A 659 -13.44 6.23 -16.67
C THR A 659 -12.15 6.94 -17.16
N ASN A 660 -11.03 6.69 -16.47
CA ASN A 660 -9.70 7.28 -16.72
C ASN A 660 -8.63 6.17 -16.77
N GLN A 661 -7.86 6.06 -17.87
CA GLN A 661 -6.91 4.94 -17.85
C GLN A 661 -5.53 5.34 -17.29
N ARG A 662 -5.33 6.62 -16.94
CA ARG A 662 -4.12 7.04 -16.22
C ARG A 662 -4.33 6.55 -14.76
N ILE A 663 -5.58 6.66 -14.28
CA ILE A 663 -6.05 6.21 -12.96
C ILE A 663 -6.05 4.65 -12.91
N GLY A 664 -6.61 4.01 -13.95
CA GLY A 664 -6.72 2.56 -14.12
C GLY A 664 -5.39 1.83 -14.18
N HIS A 665 -4.34 2.46 -14.74
CA HIS A 665 -2.99 1.87 -14.80
C HIS A 665 -2.39 1.74 -13.38
N PHE A 666 -2.50 2.81 -12.58
CA PHE A 666 -1.97 2.78 -11.22
C PHE A 666 -2.86 2.03 -10.27
N PHE A 667 -4.17 1.99 -10.52
CA PHE A 667 -5.12 1.26 -9.69
C PHE A 667 -4.76 -0.22 -9.85
N PHE A 668 -4.62 -0.66 -11.12
CA PHE A 668 -4.21 -2.01 -11.43
C PHE A 668 -2.86 -2.34 -10.75
N TRP A 669 -1.83 -1.48 -10.86
CA TRP A 669 -0.52 -1.82 -10.28
C TRP A 669 -0.50 -1.80 -8.77
N HIS A 670 -1.16 -0.83 -8.14
CA HIS A 670 -1.19 -0.79 -6.69
C HIS A 670 -1.81 -2.07 -6.11
N LEU A 671 -2.96 -2.51 -6.66
CA LEU A 671 -3.62 -3.75 -6.25
C LEU A 671 -2.78 -5.01 -6.57
N LYS A 672 -2.13 -5.04 -7.75
CA LYS A 672 -1.31 -6.18 -8.21
C LYS A 672 -0.09 -6.42 -7.34
N SER A 673 0.58 -5.31 -6.93
CA SER A 673 1.78 -5.32 -6.09
C SER A 673 1.55 -6.01 -4.75
N GLU A 674 0.28 -6.18 -4.34
CA GLU A 674 -0.12 -6.75 -3.06
C GLU A 674 -0.86 -8.08 -3.11
N MET A 675 -0.88 -8.74 -4.26
CA MET A 675 -1.56 -10.03 -4.44
C MET A 675 -0.87 -11.23 -3.75
N HIS A 676 0.38 -11.06 -3.32
CA HIS A 676 1.11 -12.10 -2.59
C HIS A 676 0.67 -12.09 -1.11
N ASN A 677 0.06 -10.97 -0.68
CA ASN A 677 -0.39 -10.77 0.70
C ASN A 677 -1.78 -11.40 0.83
N LYS A 678 -1.82 -12.59 1.47
CA LYS A 678 -3.04 -13.37 1.64
C LYS A 678 -4.09 -12.67 2.50
N THR A 679 -3.74 -11.58 3.19
CA THR A 679 -4.67 -10.79 4.00
C THR A 679 -5.62 -9.97 3.11
N VAL A 680 -5.17 -9.62 1.87
CA VAL A 680 -5.94 -8.81 0.91
C VAL A 680 -6.11 -9.44 -0.50
N SER A 681 -5.33 -10.50 -0.83
CA SER A 681 -5.35 -11.15 -2.15
C SER A 681 -6.78 -11.48 -2.67
N GLN A 682 -7.69 -12.04 -1.83
CA GLN A 682 -9.06 -12.33 -2.30
C GLN A 682 -9.84 -11.04 -2.64
N ARG A 683 -9.78 -9.99 -1.78
CA ARG A 683 -10.43 -8.68 -2.04
C ARG A 683 -9.87 -8.05 -3.28
N PHE A 684 -8.53 -7.91 -3.36
CA PHE A 684 -7.89 -7.27 -4.51
C PHE A 684 -8.03 -8.09 -5.77
N GLY A 685 -8.07 -9.42 -5.62
CA GLY A 685 -8.24 -10.35 -6.73
C GLY A 685 -9.56 -10.17 -7.42
N LEU A 686 -10.65 -10.14 -6.62
CA LEU A 686 -12.00 -9.91 -7.12
C LEU A 686 -12.13 -8.50 -7.70
N LEU A 687 -11.35 -7.54 -7.17
CA LEU A 687 -11.38 -6.16 -7.66
C LEU A 687 -10.70 -6.05 -9.01
N LEU A 688 -9.53 -6.69 -9.15
CA LEU A 688 -8.75 -6.76 -10.39
C LEU A 688 -9.55 -7.49 -11.47
N GLU A 689 -10.30 -8.55 -11.10
CA GLU A 689 -11.14 -9.29 -12.04
C GLU A 689 -12.16 -8.34 -12.69
N SER A 690 -13.01 -7.69 -11.88
CA SER A 690 -14.00 -6.73 -12.38
C SER A 690 -13.33 -5.63 -13.19
N TYR A 691 -12.17 -5.13 -12.74
CA TYR A 691 -11.43 -4.11 -13.49
C TYR A 691 -10.97 -4.60 -14.88
N CYS A 692 -10.34 -5.79 -14.99
CA CYS A 692 -9.81 -6.35 -16.24
C CYS A 692 -10.93 -6.76 -17.18
N ARG A 693 -12.07 -7.15 -16.58
CA ARG A 693 -13.28 -7.52 -17.29
C ARG A 693 -13.89 -6.35 -18.07
N ALA A 694 -13.67 -5.10 -17.59
CA ALA A 694 -14.25 -3.89 -18.17
C ALA A 694 -13.27 -2.81 -18.66
N CYS A 695 -11.95 -3.00 -18.49
CA CYS A 695 -10.97 -1.98 -18.93
C CYS A 695 -10.73 -1.95 -20.47
N GLY A 696 -11.24 -2.95 -21.17
CA GLY A 696 -11.11 -3.05 -22.61
C GLY A 696 -9.74 -3.45 -23.08
N MET A 697 -9.27 -2.80 -24.14
CA MET A 697 -8.00 -3.07 -24.83
C MET A 697 -6.77 -2.86 -23.97
N TYR A 698 -6.89 -2.08 -22.87
CA TYR A 698 -5.74 -1.80 -22.01
C TYR A 698 -5.21 -3.06 -21.31
N LEU A 699 -6.03 -4.09 -21.24
CA LEU A 699 -5.66 -5.37 -20.69
C LEU A 699 -4.50 -5.95 -21.49
N LYS A 700 -4.54 -5.81 -22.82
CA LYS A 700 -3.51 -6.34 -23.73
C LYS A 700 -2.17 -5.68 -23.47
N HIS A 701 -2.18 -4.35 -23.23
CA HIS A 701 -1.02 -3.53 -22.90
C HIS A 701 -0.48 -3.87 -21.53
N LEU A 702 -1.40 -4.08 -20.56
CA LEU A 702 -1.06 -4.50 -19.21
C LEU A 702 -0.38 -5.85 -19.22
N ASN A 703 -0.94 -6.81 -19.99
CA ASN A 703 -0.43 -8.16 -20.10
C ASN A 703 0.96 -8.19 -20.64
N ARG A 704 1.28 -7.21 -21.50
CA ARG A 704 2.62 -7.01 -22.08
C ARG A 704 3.58 -6.53 -21.00
N GLN A 705 3.13 -5.58 -20.12
CA GLN A 705 3.92 -5.05 -18.98
C GLN A 705 4.18 -6.19 -18.02
N VAL A 706 3.13 -6.98 -17.70
CA VAL A 706 3.19 -8.14 -16.81
C VAL A 706 4.18 -9.19 -17.35
N GLU A 707 4.06 -9.59 -18.65
CA GLU A 707 4.98 -10.59 -19.18
C GLU A 707 6.40 -10.07 -19.26
N ALA A 708 6.62 -8.75 -19.41
CA ALA A 708 7.97 -8.16 -19.41
C ALA A 708 8.58 -8.28 -18.02
N MET A 709 7.78 -7.97 -16.98
CA MET A 709 8.20 -8.01 -15.58
C MET A 709 8.55 -9.42 -15.09
N GLU A 710 7.78 -10.45 -15.50
CA GLU A 710 8.03 -11.85 -15.12
C GLU A 710 9.38 -12.34 -15.63
N LYS A 711 9.79 -11.83 -16.79
CA LYS A 711 11.06 -12.17 -17.38
C LYS A 711 12.18 -11.55 -16.58
N LEU A 712 12.04 -10.26 -16.20
CA LEU A 712 13.06 -9.57 -15.39
C LEU A 712 13.17 -10.15 -13.99
N ILE A 713 12.01 -10.54 -13.38
CA ILE A 713 11.99 -11.19 -12.07
C ILE A 713 12.75 -12.50 -12.16
N ASN A 714 12.56 -13.25 -13.27
CA ASN A 714 13.23 -14.54 -13.48
C ASN A 714 14.72 -14.40 -13.70
N LEU A 715 15.13 -13.44 -14.52
CA LEU A 715 16.54 -13.12 -14.83
C LEU A 715 17.29 -12.69 -13.56
N THR A 716 16.68 -11.81 -12.73
CA THR A 716 17.27 -11.36 -11.47
C THR A 716 17.26 -12.45 -10.40
N ASP A 717 16.33 -13.43 -10.49
CA ASP A 717 16.26 -14.54 -9.54
C ASP A 717 17.44 -15.51 -9.75
N ILE A 718 17.89 -15.66 -11.02
CA ILE A 718 19.01 -16.51 -11.39
C ILE A 718 20.29 -15.92 -10.78
N LEU A 719 20.54 -14.62 -11.02
CA LEU A 719 21.71 -13.92 -10.52
C LEU A 719 21.79 -13.92 -8.99
N LYS A 720 20.64 -13.86 -8.31
CA LYS A 720 20.59 -13.83 -6.85
C LYS A 720 20.82 -15.20 -6.22
N GLN A 721 20.59 -16.29 -6.99
CA GLN A 721 20.68 -17.66 -6.48
C GLN A 721 21.85 -18.45 -7.07
N GLU A 722 21.62 -19.13 -8.20
CA GLU A 722 22.64 -19.96 -8.85
C GLU A 722 23.85 -19.19 -9.37
N LYS A 723 23.82 -17.85 -9.33
CA LYS A 723 24.94 -17.07 -9.82
C LYS A 723 25.36 -15.95 -8.85
N LYS A 724 25.00 -16.05 -7.54
CA LYS A 724 25.36 -15.05 -6.53
C LYS A 724 26.88 -14.99 -6.29
N ASP A 725 27.49 -16.14 -5.92
CA ASP A 725 28.93 -16.28 -5.70
C ASP A 725 29.63 -16.44 -7.06
N GLU A 726 29.45 -15.44 -7.96
CA GLU A 726 30.02 -15.40 -9.31
C GLU A 726 30.51 -14.00 -9.69
N THR A 727 31.39 -13.92 -10.70
CA THR A 727 31.99 -12.66 -11.11
C THR A 727 31.04 -11.79 -11.91
N GLN A 728 31.05 -10.48 -11.60
CA GLN A 728 30.30 -9.41 -12.25
C GLN A 728 30.53 -9.42 -13.78
N LYS A 729 31.72 -9.90 -14.20
CA LYS A 729 32.08 -10.01 -15.60
C LYS A 729 31.31 -11.16 -16.28
N VAL A 730 31.22 -12.33 -15.62
CA VAL A 730 30.49 -13.51 -16.12
C VAL A 730 28.97 -13.27 -16.03
N GLN A 731 28.51 -12.67 -14.90
CA GLN A 731 27.11 -12.29 -14.65
C GLN A 731 26.53 -11.50 -15.83
N MET A 732 27.32 -10.52 -16.34
CA MET A 732 26.97 -9.67 -17.49
C MET A 732 26.98 -10.45 -18.80
N LYS A 733 27.88 -11.45 -18.94
CA LYS A 733 27.99 -12.29 -20.15
C LYS A 733 26.75 -13.22 -20.25
N PHE A 734 26.21 -13.64 -19.08
CA PHE A 734 25.01 -14.46 -18.99
C PHE A 734 23.82 -13.55 -19.29
N LEU A 735 23.84 -12.33 -18.70
CA LEU A 735 22.82 -11.31 -18.87
C LEU A 735 22.63 -10.95 -20.35
N VAL A 736 23.71 -10.53 -21.03
CA VAL A 736 23.67 -10.15 -22.46
C VAL A 736 23.23 -11.32 -23.37
N GLU A 737 23.68 -12.57 -23.09
CA GLU A 737 23.31 -13.76 -23.87
C GLU A 737 21.80 -14.05 -23.77
N GLN A 738 21.26 -14.08 -22.52
CA GLN A 738 19.84 -14.31 -22.25
C GLN A 738 19.00 -13.13 -22.71
N MET A 739 19.59 -11.93 -22.74
CA MET A 739 18.84 -10.78 -23.20
C MET A 739 18.81 -10.64 -24.73
N ARG A 740 19.57 -11.50 -25.44
CA ARG A 740 19.64 -11.53 -26.91
C ARG A 740 18.65 -12.56 -27.48
N ARG A 741 18.16 -13.47 -26.61
CA ARG A 741 17.19 -14.51 -26.94
C ARG A 741 15.94 -13.92 -27.63
N PRO A 742 15.48 -14.53 -28.76
CA PRO A 742 14.28 -14.01 -29.44
C PRO A 742 13.04 -13.96 -28.56
N ASP A 743 12.88 -14.96 -27.65
CA ASP A 743 11.74 -15.00 -26.73
C ASP A 743 11.76 -13.83 -25.72
N PHE A 744 12.94 -13.49 -25.17
CA PHE A 744 13.15 -12.37 -24.24
C PHE A 744 12.88 -11.00 -24.90
N MET A 745 13.46 -10.77 -26.10
CA MET A 745 13.34 -9.51 -26.86
C MET A 745 11.90 -9.22 -27.28
N ASP A 746 11.16 -10.23 -27.74
CA ASP A 746 9.74 -10.12 -28.14
C ASP A 746 8.90 -9.55 -26.98
N ALA A 747 9.24 -9.96 -25.74
CA ALA A 747 8.58 -9.56 -24.51
C ALA A 747 9.14 -8.28 -23.88
N LEU A 748 10.43 -8.01 -24.06
CA LEU A 748 10.97 -6.86 -23.36
C LEU A 748 11.17 -5.62 -24.22
N GLN A 749 10.46 -5.58 -25.37
CA GLN A 749 10.51 -4.45 -26.28
C GLN A 749 9.12 -4.09 -26.73
N GLY A 750 8.88 -2.80 -26.92
CA GLY A 750 7.61 -2.28 -27.43
C GLY A 750 6.44 -2.43 -26.49
N PHE A 751 6.56 -1.85 -25.29
CA PHE A 751 5.48 -1.90 -24.31
C PHE A 751 5.47 -0.58 -23.56
N LEU A 752 4.40 -0.26 -22.84
CA LEU A 752 4.33 0.99 -22.09
C LEU A 752 5.12 0.86 -20.78
N SER A 753 5.70 1.95 -20.29
CA SER A 753 6.44 1.99 -19.03
C SER A 753 5.49 1.85 -17.84
N PRO A 754 5.69 0.89 -16.91
CA PRO A 754 4.80 0.83 -15.72
C PRO A 754 4.91 2.05 -14.79
N LEU A 755 6.01 2.84 -14.93
CA LEU A 755 6.22 4.08 -14.17
C LEU A 755 5.40 5.27 -14.71
N ASN A 756 5.12 5.28 -16.03
CA ASN A 756 4.31 6.31 -16.72
C ASN A 756 3.76 5.68 -18.00
N PRO A 757 2.46 5.33 -18.06
CA PRO A 757 1.92 4.65 -19.27
C PRO A 757 2.09 5.44 -20.57
N ALA A 758 2.16 6.79 -20.51
CA ALA A 758 2.38 7.70 -21.64
C ALA A 758 3.75 7.48 -22.27
N HIS A 759 4.72 6.93 -21.51
CA HIS A 759 6.07 6.63 -21.99
C HIS A 759 6.15 5.26 -22.65
N GLN A 760 6.37 5.23 -23.98
CA GLN A 760 6.54 4.00 -24.73
C GLN A 760 7.98 3.53 -24.53
N LEU A 761 8.17 2.24 -24.25
CA LEU A 761 9.47 1.62 -24.11
C LEU A 761 9.67 0.82 -25.38
N GLY A 762 10.42 1.40 -26.34
CA GLY A 762 10.69 0.79 -27.64
C GLY A 762 11.71 -0.32 -27.56
N ASN A 763 12.73 -0.26 -28.43
CA ASN A 763 13.79 -1.27 -28.49
C ASN A 763 14.83 -1.10 -27.38
N LEU A 764 15.13 -2.20 -26.67
CA LEU A 764 16.13 -2.27 -25.60
C LEU A 764 17.52 -1.95 -26.16
N ARG A 765 18.20 -0.95 -25.60
CA ARG A 765 19.56 -0.59 -26.02
C ARG A 765 20.53 -1.46 -25.19
N LEU A 766 20.66 -2.74 -25.57
CA LEU A 766 21.45 -3.77 -24.89
C LEU A 766 22.82 -3.34 -24.40
N GLU A 767 23.53 -2.50 -25.16
CA GLU A 767 24.88 -2.03 -24.82
C GLU A 767 24.91 -1.14 -23.57
N GLU A 768 23.80 -0.41 -23.34
CA GLU A 768 23.67 0.52 -22.24
C GLU A 768 23.01 -0.12 -20.99
N CYS A 769 22.66 -1.43 -21.06
CA CYS A 769 22.07 -2.17 -19.93
C CYS A 769 23.18 -2.60 -19.00
N GLU A 770 22.92 -2.64 -17.68
CA GLU A 770 23.93 -2.93 -16.66
C GLU A 770 23.42 -3.65 -15.41
N ILE A 771 24.33 -4.39 -14.74
CA ILE A 771 24.11 -4.95 -13.41
C ILE A 771 24.97 -4.01 -12.55
N MET A 772 24.31 -3.22 -11.68
CA MET A 772 24.99 -2.27 -10.81
C MET A 772 25.90 -2.99 -9.84
N SER A 773 27.12 -2.48 -9.69
CA SER A 773 28.22 -2.98 -8.88
C SER A 773 27.88 -3.16 -7.40
N SER A 774 27.11 -2.23 -6.81
CA SER A 774 26.69 -2.27 -5.41
C SER A 774 26.03 -3.55 -5.03
N ALA A 775 26.30 -4.00 -3.80
CA ALA A 775 25.68 -5.19 -3.24
C ALA A 775 24.17 -4.87 -3.19
N LYS A 776 23.35 -5.78 -3.75
CA LYS A 776 21.90 -5.78 -4.01
C LYS A 776 21.74 -6.12 -5.49
N ARG A 777 22.73 -5.62 -6.27
CA ARG A 777 22.97 -5.76 -7.71
C ARG A 777 21.71 -5.56 -8.58
N PRO A 778 21.20 -4.32 -8.61
CA PRO A 778 20.00 -4.04 -9.40
C PRO A 778 20.33 -3.92 -10.88
N LEU A 779 19.30 -3.99 -11.72
CA LEU A 779 19.42 -3.91 -13.16
C LEU A 779 19.11 -2.53 -13.70
N LYS A 780 20.08 -1.93 -14.42
CA LYS A 780 19.87 -0.65 -15.09
C LYS A 780 19.52 -1.02 -16.52
N LEU A 781 18.31 -0.68 -16.97
CA LEU A 781 17.87 -1.01 -18.32
C LEU A 781 17.59 0.27 -19.09
N ASN A 782 18.15 0.36 -20.32
CA ASN A 782 17.99 1.49 -21.20
C ASN A 782 17.15 1.08 -22.39
N TRP A 783 16.03 1.78 -22.59
CA TRP A 783 15.12 1.57 -23.70
C TRP A 783 15.18 2.84 -24.52
N GLU A 784 14.86 2.71 -25.81
CA GLU A 784 14.82 3.81 -26.75
C GLU A 784 13.37 4.32 -26.80
N ASN A 785 13.17 5.65 -26.66
CA ASN A 785 11.84 6.27 -26.78
C ASN A 785 11.49 6.22 -28.27
N PRO A 786 10.44 5.47 -28.67
CA PRO A 786 10.15 5.34 -30.09
C PRO A 786 9.27 6.44 -30.66
N ASP A 787 9.03 7.50 -29.89
CA ASP A 787 8.22 8.62 -30.34
C ASP A 787 8.87 9.27 -31.56
N ILE A 788 8.03 9.70 -32.51
CA ILE A 788 8.47 10.30 -33.77
C ILE A 788 9.47 11.46 -33.49
N MET A 789 9.13 12.33 -32.52
CA MET A 789 9.92 13.48 -32.09
C MET A 789 10.39 13.32 -30.65
N SER A 790 11.10 12.22 -30.38
CA SER A 790 11.63 11.84 -29.08
C SER A 790 12.73 12.80 -28.62
N GLU A 791 13.49 13.36 -29.59
CA GLU A 791 14.62 14.30 -29.44
C GLU A 791 14.29 15.55 -28.62
N LEU A 792 13.01 15.99 -28.68
CA LEU A 792 12.48 17.15 -27.96
C LEU A 792 12.12 16.86 -26.48
N LEU A 793 12.13 15.57 -26.05
CA LEU A 793 11.81 15.17 -24.67
C LEU A 793 12.99 14.44 -24.02
N PHE A 794 13.27 13.23 -24.52
CA PHE A 794 14.35 12.31 -24.16
C PHE A 794 14.32 11.17 -25.18
N GLN A 795 15.48 10.71 -25.63
CA GLN A 795 15.58 9.62 -26.60
C GLN A 795 15.71 8.25 -25.91
N ASN A 796 16.11 8.26 -24.64
CA ASN A 796 16.29 7.06 -23.84
C ASN A 796 15.54 7.10 -22.52
N ASN A 797 14.85 5.99 -22.21
CA ASN A 797 14.11 5.79 -20.98
C ASN A 797 14.89 4.78 -20.17
N ILE A 798 15.54 5.24 -19.08
CA ILE A 798 16.35 4.37 -18.21
C ILE A 798 15.62 4.06 -16.88
N ILE A 799 15.40 2.76 -16.65
CA ILE A 799 14.68 2.28 -15.47
C ILE A 799 15.52 1.24 -14.73
N MET A 800 15.54 1.35 -13.40
CA MET A 800 16.21 0.40 -12.56
C MET A 800 15.22 -0.68 -12.08
N PHE A 801 15.62 -1.95 -12.21
CA PHE A 801 14.81 -3.05 -11.77
C PHE A 801 15.44 -3.62 -10.51
N LYS A 802 14.80 -3.35 -9.37
CA LYS A 802 15.29 -3.81 -8.08
C LYS A 802 14.47 -5.01 -7.60
N ASN A 803 15.17 -6.11 -7.29
CA ASN A 803 14.54 -7.33 -6.80
C ASN A 803 15.24 -7.74 -5.50
N GLY A 804 14.56 -7.50 -4.38
CA GLY A 804 15.06 -7.83 -3.07
C GLY A 804 14.69 -6.85 -1.98
N ASP A 805 14.59 -5.56 -2.32
CA ASP A 805 14.24 -4.50 -1.38
C ASP A 805 12.79 -4.06 -1.51
N ASP A 806 12.18 -3.66 -0.37
CA ASP A 806 10.81 -3.18 -0.28
C ASP A 806 10.81 -1.72 -0.72
N LEU A 807 10.12 -1.44 -1.84
CA LEU A 807 10.08 -0.10 -2.39
C LEU A 807 8.91 0.77 -1.94
N ARG A 808 8.01 0.24 -1.13
CA ARG A 808 6.83 0.94 -0.65
C ARG A 808 7.15 2.17 0.17
N GLN A 809 8.19 2.10 1.03
CA GLN A 809 8.60 3.25 1.83
C GLN A 809 9.17 4.33 0.94
N ASP A 810 9.99 3.94 -0.06
CA ASP A 810 10.54 4.87 -1.05
C ASP A 810 9.41 5.49 -1.88
N MET A 811 8.39 4.67 -2.22
CA MET A 811 7.23 5.05 -3.00
C MET A 811 6.42 6.13 -2.27
N LEU A 812 6.10 5.89 -0.97
CA LEU A 812 5.36 6.83 -0.12
C LEU A 812 6.10 8.13 0.09
N THR A 813 7.46 8.08 0.19
CA THR A 813 8.28 9.27 0.45
C THR A 813 8.28 10.23 -0.76
N LEU A 814 8.52 9.69 -1.97
CA LEU A 814 8.49 10.43 -3.22
C LEU A 814 7.09 10.98 -3.49
N GLN A 815 6.05 10.23 -3.08
CA GLN A 815 4.68 10.72 -3.20
C GLN A 815 4.54 11.97 -2.29
N ILE A 816 4.82 11.85 -0.95
CA ILE A 816 4.73 12.96 0.02
C ILE A 816 5.56 14.17 -0.45
N ILE A 817 6.77 13.92 -1.00
CA ILE A 817 7.65 14.97 -1.51
C ILE A 817 6.95 15.72 -2.65
N ARG A 818 6.29 14.99 -3.63
CA ARG A 818 5.52 15.63 -4.73
C ARG A 818 4.46 16.54 -4.10
N ILE A 819 3.64 15.99 -3.17
CA ILE A 819 2.61 16.73 -2.41
C ILE A 819 3.19 17.95 -1.64
N MET A 820 4.48 17.89 -1.19
CA MET A 820 5.12 19.01 -0.48
C MET A 820 5.45 20.13 -1.47
N GLU A 821 6.15 19.78 -2.58
CA GLU A 821 6.54 20.72 -3.64
C GLU A 821 5.31 21.42 -4.22
N ASN A 822 4.25 20.64 -4.54
CA ASN A 822 3.00 21.14 -5.08
C ASN A 822 2.33 22.22 -4.18
N ILE A 823 2.50 22.13 -2.85
CA ILE A 823 2.00 23.10 -1.88
C ILE A 823 2.86 24.37 -1.96
N TRP A 824 4.19 24.18 -2.06
CA TRP A 824 5.19 25.24 -2.13
C TRP A 824 5.00 26.11 -3.37
N GLN A 825 4.79 25.46 -4.54
CA GLN A 825 4.57 26.14 -5.82
C GLN A 825 3.32 27.02 -5.77
N ASN A 826 2.22 26.47 -5.24
CA ASN A 826 0.96 27.20 -5.13
C ASN A 826 1.02 28.34 -4.12
N GLN A 827 1.98 28.28 -3.18
CA GLN A 827 2.18 29.33 -2.19
C GLN A 827 3.30 30.30 -2.62
N GLY A 828 3.83 30.06 -3.80
CA GLY A 828 4.88 30.89 -4.38
C GLY A 828 6.26 30.62 -3.81
N LEU A 829 6.75 29.38 -4.03
CA LEU A 829 8.09 28.94 -3.67
C LEU A 829 8.60 28.04 -4.76
N ASP A 830 9.73 28.39 -5.37
CA ASP A 830 10.32 27.55 -6.40
C ASP A 830 11.40 26.62 -5.83
N LEU A 831 11.08 25.94 -4.71
CA LEU A 831 11.93 24.92 -4.08
C LEU A 831 11.60 23.74 -4.95
N ARG A 832 12.48 23.52 -5.90
CA ARG A 832 12.31 22.58 -6.98
C ARG A 832 13.07 21.29 -6.75
N MET A 833 12.37 20.29 -6.23
CA MET A 833 12.97 18.99 -6.03
C MET A 833 12.62 18.14 -7.25
N LEU A 834 13.37 17.06 -7.46
CA LEU A 834 13.08 16.22 -8.60
C LEU A 834 12.61 14.84 -8.12
N PRO A 835 11.30 14.67 -7.77
CA PRO A 835 10.83 13.36 -7.32
C PRO A 835 10.60 12.50 -8.56
N TYR A 836 11.52 11.56 -8.75
CA TYR A 836 11.53 10.61 -9.84
C TYR A 836 10.49 9.52 -9.53
N GLY A 837 10.08 8.81 -10.56
CA GLY A 837 9.11 7.73 -10.44
C GLY A 837 9.68 6.53 -9.73
N CYS A 838 8.82 5.86 -8.95
CA CYS A 838 9.12 4.65 -8.21
C CYS A 838 7.82 3.84 -8.07
N LEU A 839 7.86 2.55 -8.45
CA LEU A 839 6.67 1.71 -8.33
C LEU A 839 7.01 0.34 -7.79
N SER A 840 6.21 -0.16 -6.85
CA SER A 840 6.32 -1.50 -6.30
C SER A 840 5.46 -2.40 -7.22
N ILE A 841 6.07 -3.40 -7.86
CA ILE A 841 5.27 -4.24 -8.79
C ILE A 841 4.92 -5.64 -8.18
N GLY A 842 5.44 -5.92 -6.99
CA GLY A 842 5.19 -7.16 -6.26
C GLY A 842 5.88 -7.14 -4.92
N ASP A 843 5.98 -8.30 -4.26
CA ASP A 843 6.65 -8.44 -2.97
C ASP A 843 8.14 -8.19 -3.16
N CYS A 844 8.66 -7.07 -2.59
CA CYS A 844 10.06 -6.67 -2.66
C CYS A 844 10.63 -6.68 -4.07
N VAL A 845 9.83 -6.17 -5.01
CA VAL A 845 10.18 -6.07 -6.42
C VAL A 845 9.47 -4.84 -7.00
N GLY A 846 10.23 -4.03 -7.74
CA GLY A 846 9.76 -2.79 -8.33
C GLY A 846 10.74 -2.06 -9.23
N LEU A 847 10.26 -0.96 -9.81
CA LEU A 847 10.93 -0.10 -10.77
C LEU A 847 11.21 1.29 -10.26
N ILE A 848 12.39 1.81 -10.62
CA ILE A 848 12.79 3.15 -10.20
C ILE A 848 13.32 3.90 -11.39
N GLU A 849 12.83 5.13 -11.56
CA GLU A 849 13.27 6.00 -12.61
C GLU A 849 14.72 6.39 -12.37
N TRP A 850 15.53 6.30 -13.41
CA TRP A 850 16.91 6.75 -13.34
C TRP A 850 16.93 8.21 -13.80
N VAL A 851 17.33 9.09 -12.88
CA VAL A 851 17.46 10.53 -13.07
C VAL A 851 18.69 10.74 -13.98
N ARG A 852 18.44 11.31 -15.20
CA ARG A 852 19.48 11.58 -16.20
C ARG A 852 20.38 12.73 -15.80
N ASN A 853 21.69 12.58 -16.13
CA ASN A 853 22.82 13.51 -15.89
C ASN A 853 23.16 13.73 -14.40
N SER A 854 22.69 12.83 -13.52
CA SER A 854 22.95 12.95 -12.08
C SER A 854 24.16 12.14 -11.63
N HIS A 855 24.91 12.70 -10.68
CA HIS A 855 26.11 12.09 -10.10
C HIS A 855 26.01 12.23 -8.60
N THR A 856 26.44 11.18 -7.84
CA THR A 856 26.46 11.24 -6.37
C THR A 856 27.58 12.19 -5.94
N ILE A 857 27.51 12.76 -4.72
CA ILE A 857 28.53 13.67 -4.19
C ILE A 857 29.88 12.91 -4.17
N MET A 858 29.88 11.65 -3.68
CA MET A 858 31.01 10.72 -3.62
C MET A 858 31.72 10.59 -4.99
N GLN A 859 30.92 10.53 -6.08
CA GLN A 859 31.40 10.44 -7.45
C GLN A 859 32.07 11.73 -7.87
N ILE A 860 31.42 12.88 -7.60
CA ILE A 860 31.90 14.22 -7.90
C ILE A 860 33.22 14.49 -7.17
N GLN A 861 33.31 14.04 -5.90
CA GLN A 861 34.48 14.20 -5.03
C GLN A 861 35.73 13.45 -5.51
N CYS A 862 35.61 12.73 -6.66
CA CYS A 862 36.68 11.97 -7.31
C CYS A 862 36.66 12.26 -8.84
N LYS A 863 36.29 11.24 -9.65
CA LYS A 863 36.19 11.34 -11.12
C LYS A 863 34.90 10.71 -11.64
N GLN A 871 43.37 13.63 -0.51
CA GLN A 871 43.48 13.92 -1.94
C GLN A 871 42.18 14.56 -2.53
N PHE A 872 41.38 15.19 -1.65
CA PHE A 872 40.13 15.83 -2.04
C PHE A 872 39.87 17.10 -1.18
N ASN A 873 39.27 18.13 -1.81
CA ASN A 873 39.00 19.46 -1.25
C ASN A 873 37.53 19.69 -0.87
N SER A 874 37.25 20.77 -0.12
CA SER A 874 35.90 21.18 0.30
C SER A 874 35.28 22.06 -0.80
N HIS A 875 36.03 22.29 -1.88
CA HIS A 875 35.62 23.08 -3.03
C HIS A 875 35.31 22.23 -4.26
N THR A 876 35.70 20.93 -4.24
CA THR A 876 35.51 19.93 -5.30
C THR A 876 34.11 20.01 -5.92
N LEU A 877 33.07 20.07 -5.06
CA LEU A 877 31.66 20.17 -5.45
C LEU A 877 31.36 21.49 -6.17
N HIS A 878 31.76 22.62 -5.56
CA HIS A 878 31.55 23.94 -6.14
C HIS A 878 32.29 24.11 -7.47
N GLN A 879 33.52 23.55 -7.54
CA GLN A 879 34.39 23.55 -8.72
C GLN A 879 33.71 22.82 -9.88
N TRP A 880 33.30 21.54 -9.65
CA TRP A 880 32.56 20.66 -10.58
C TRP A 880 31.35 21.41 -11.19
N LEU A 881 30.58 22.09 -10.33
CA LEU A 881 29.41 22.85 -10.74
C LEU A 881 29.78 24.10 -11.53
N LYS A 882 30.91 24.77 -11.16
CA LYS A 882 31.41 25.96 -11.86
C LYS A 882 31.91 25.56 -13.26
N ASP A 883 32.48 24.35 -13.38
CA ASP A 883 33.01 23.77 -14.62
C ASP A 883 31.95 23.14 -15.53
N LYS A 884 30.85 22.58 -14.94
CA LYS A 884 29.76 21.96 -15.70
C LYS A 884 28.72 22.98 -16.20
N ASN A 885 28.79 24.23 -15.68
CA ASN A 885 27.93 25.37 -16.04
C ASN A 885 28.82 26.63 -16.11
N LYS A 886 29.43 26.87 -17.28
CA LYS A 886 30.35 27.99 -17.47
C LYS A 886 29.66 29.34 -17.82
N GLY A 887 30.27 30.40 -17.30
CA GLY A 887 29.92 31.80 -17.53
C GLY A 887 28.53 32.26 -17.14
N GLU A 888 27.71 32.48 -18.18
CA GLU A 888 26.37 33.03 -18.11
C GLU A 888 25.38 32.25 -17.20
N ILE A 889 25.32 30.93 -17.36
CA ILE A 889 24.38 30.07 -16.62
C ILE A 889 25.00 29.45 -15.34
N TYR A 890 25.93 30.17 -14.71
CA TYR A 890 26.55 29.74 -13.45
C TYR A 890 25.53 29.95 -12.32
N ASP A 891 24.85 31.12 -12.32
CA ASP A 891 23.87 31.50 -11.29
C ASP A 891 22.60 30.68 -11.37
N ALA A 892 22.18 30.29 -12.59
CA ALA A 892 20.99 29.46 -12.82
C ALA A 892 21.16 28.08 -12.16
N ALA A 893 22.43 27.61 -12.04
CA ALA A 893 22.82 26.36 -11.37
C ALA A 893 22.79 26.55 -9.85
N ILE A 894 23.48 27.61 -9.34
CA ILE A 894 23.57 27.96 -7.92
C ILE A 894 22.16 28.22 -7.33
N ASP A 895 21.24 28.78 -8.15
CA ASP A 895 19.83 29.06 -7.76
C ASP A 895 19.10 27.72 -7.62
N LEU A 896 19.31 26.82 -8.60
CA LEU A 896 18.72 25.48 -8.68
C LEU A 896 19.21 24.62 -7.53
N PHE A 897 20.49 24.72 -7.20
CA PHE A 897 21.12 23.98 -6.11
C PHE A 897 20.57 24.47 -4.76
N THR A 898 20.56 25.79 -4.50
CA THR A 898 20.08 26.38 -3.24
C THR A 898 18.61 26.11 -2.97
N ARG A 899 17.78 26.25 -4.01
CA ARG A 899 16.33 26.06 -3.93
C ARG A 899 15.99 24.59 -3.63
N SER A 900 16.57 23.63 -4.41
CA SER A 900 16.40 22.18 -4.20
C SER A 900 16.94 21.74 -2.83
N CYS A 901 18.04 22.39 -2.33
CA CYS A 901 18.64 22.17 -0.99
C CYS A 901 17.68 22.44 0.11
N ALA A 902 16.99 23.59 0.04
CA ALA A 902 16.02 24.05 1.03
C ALA A 902 14.82 23.15 1.05
N GLY A 903 14.45 22.65 -0.14
CA GLY A 903 13.31 21.75 -0.32
C GLY A 903 13.57 20.50 0.46
N TYR A 904 14.73 19.86 0.16
CA TYR A 904 15.23 18.65 0.81
C TYR A 904 15.56 18.84 2.27
N CYS A 905 16.08 19.99 2.64
CA CYS A 905 16.42 20.31 4.03
C CYS A 905 15.16 20.25 4.92
N VAL A 906 14.03 20.80 4.43
CA VAL A 906 12.75 20.84 5.13
C VAL A 906 12.02 19.50 5.02
N ALA A 907 11.93 18.94 3.80
CA ALA A 907 11.27 17.65 3.57
C ALA A 907 11.90 16.52 4.44
N THR A 908 13.25 16.35 4.36
CA THR A 908 13.97 15.33 5.12
C THR A 908 13.77 15.49 6.63
N PHE A 909 13.89 16.72 7.17
CA PHE A 909 13.70 16.97 8.61
C PHE A 909 12.27 16.66 9.10
N ILE A 910 11.25 17.05 8.32
CA ILE A 910 9.86 16.81 8.70
C ILE A 910 9.58 15.31 8.80
N LEU A 911 9.91 14.54 7.74
CA LEU A 911 9.69 13.11 7.63
C LEU A 911 10.61 12.22 8.44
N GLY A 912 11.81 12.69 8.77
CA GLY A 912 12.77 11.88 9.51
C GLY A 912 13.40 10.81 8.64
N ILE A 913 13.79 11.18 7.41
CA ILE A 913 14.42 10.31 6.42
C ILE A 913 15.74 9.75 6.95
N GLY A 914 16.06 8.49 6.63
CA GLY A 914 17.29 7.83 7.04
C GLY A 914 18.55 8.64 6.75
N ASP A 915 19.55 8.52 7.63
CA ASP A 915 20.82 9.25 7.59
C ASP A 915 21.38 9.53 6.17
N ARG A 916 21.58 10.84 5.86
CA ARG A 916 22.11 11.28 4.56
C ARG A 916 23.62 11.23 4.49
N HIS A 917 24.15 10.85 3.32
CA HIS A 917 25.59 10.81 3.06
C HIS A 917 25.89 11.06 1.57
N ASN A 918 27.19 11.11 1.20
CA ASN A 918 27.70 11.39 -0.14
C ASN A 918 27.26 10.39 -1.21
N SER A 919 26.80 9.19 -0.80
CA SER A 919 26.33 8.13 -1.70
C SER A 919 24.81 8.19 -1.94
N ASN A 920 24.06 8.84 -1.03
CA ASN A 920 22.60 9.03 -1.02
C ASN A 920 22.18 10.33 -1.68
N ILE A 921 23.06 11.33 -1.63
CA ILE A 921 22.78 12.65 -2.21
C ILE A 921 23.42 12.76 -3.58
N MET A 922 22.67 13.22 -4.57
CA MET A 922 23.23 13.40 -5.90
C MET A 922 22.87 14.75 -6.48
N VAL A 923 23.75 15.23 -7.37
CA VAL A 923 23.64 16.51 -8.06
C VAL A 923 23.67 16.21 -9.55
N LYS A 924 22.75 16.84 -10.29
CA LYS A 924 22.65 16.80 -11.74
C LYS A 924 23.62 17.86 -12.32
N ASP A 925 23.88 17.82 -13.65
CA ASP A 925 24.74 18.80 -14.33
C ASP A 925 24.16 20.21 -14.21
N ASP A 926 22.82 20.28 -14.14
CA ASP A 926 21.96 21.45 -13.96
C ASP A 926 22.26 22.25 -12.70
N GLY A 927 22.66 21.54 -11.64
CA GLY A 927 22.81 22.07 -10.29
C GLY A 927 21.72 21.46 -9.42
N GLN A 928 20.76 20.77 -10.06
CA GLN A 928 19.61 20.10 -9.44
C GLN A 928 20.04 19.02 -8.44
N LEU A 929 19.72 19.25 -7.17
CA LEU A 929 20.03 18.29 -6.13
C LEU A 929 18.86 17.30 -5.99
N VAL A 930 19.18 15.99 -5.85
CA VAL A 930 18.24 14.85 -5.76
C VAL A 930 18.72 13.85 -4.70
N HIS A 931 17.80 13.41 -3.81
CA HIS A 931 18.10 12.41 -2.79
C HIS A 931 17.59 11.06 -3.21
N ILE A 932 18.40 10.02 -3.00
CA ILE A 932 18.04 8.66 -3.36
C ILE A 932 17.98 7.81 -2.10
N ASP A 933 17.32 6.64 -2.18
CA ASP A 933 17.18 5.66 -1.11
C ASP A 933 16.51 6.20 0.18
N PHE A 934 15.16 6.24 0.19
CA PHE A 934 14.38 6.66 1.35
C PHE A 934 13.70 5.43 1.98
N GLY A 935 14.52 4.46 2.40
CA GLY A 935 14.04 3.22 2.99
C GLY A 935 13.54 3.33 4.42
N HIS A 936 13.91 4.42 5.14
CA HIS A 936 13.51 4.66 6.53
C HIS A 936 12.99 6.06 6.71
N PHE A 937 11.92 6.21 7.53
CA PHE A 937 11.27 7.49 7.89
C PHE A 937 10.66 7.46 9.31
N LEU A 938 10.36 8.64 9.88
CA LEU A 938 9.84 8.84 11.26
C LEU A 938 10.92 8.39 12.26
N ASP A 939 10.64 7.96 13.51
CA ASP A 939 11.84 7.58 14.30
C ASP A 939 12.05 6.07 14.27
N HIS A 940 12.72 5.66 13.19
CA HIS A 940 13.13 4.30 12.86
C HIS A 940 14.25 3.87 13.80
N LYS A 941 14.93 4.85 14.41
CA LYS A 941 16.02 4.67 15.35
C LYS A 941 15.55 4.70 16.83
N LYS A 942 14.22 4.71 17.09
CA LYS A 942 13.67 4.74 18.44
C LYS A 942 13.76 3.39 19.18
N LYS A 943 13.55 2.25 18.46
CA LYS A 943 13.65 0.94 19.10
C LYS A 943 15.09 0.53 19.34
N LYS A 944 15.98 0.72 18.34
CA LYS A 944 17.41 0.37 18.39
C LYS A 944 18.14 1.09 19.51
N PHE A 945 17.93 2.41 19.60
CA PHE A 945 18.54 3.28 20.61
C PHE A 945 17.42 4.12 21.21
N GLY A 946 17.24 4.02 22.52
CA GLY A 946 16.15 4.70 23.23
C GLY A 946 16.07 6.21 23.14
N TYR A 947 17.14 6.85 22.59
CA TYR A 947 17.30 8.31 22.44
C TYR A 947 16.12 8.98 21.75
N LYS A 948 15.44 9.88 22.49
CA LYS A 948 14.31 10.67 22.00
C LYS A 948 14.85 12.01 21.48
N ARG A 949 14.97 12.13 20.16
CA ARG A 949 15.48 13.31 19.48
C ARG A 949 14.91 13.39 18.08
N GLU A 950 14.51 14.59 17.63
CA GLU A 950 14.07 14.74 16.25
C GLU A 950 15.39 15.06 15.55
N ARG A 951 15.82 14.18 14.65
CA ARG A 951 17.11 14.34 13.99
C ARG A 951 17.04 15.24 12.78
N VAL A 952 18.17 15.83 12.41
CA VAL A 952 18.33 16.59 11.18
C VAL A 952 19.12 15.63 10.24
N PRO A 953 18.41 14.85 9.37
CA PRO A 953 19.08 13.88 8.50
C PRO A 953 20.01 14.54 7.51
N PHE A 954 19.63 15.74 7.05
CA PHE A 954 20.38 16.51 6.07
C PHE A 954 21.08 17.74 6.69
N VAL A 955 22.29 17.50 7.19
CA VAL A 955 23.14 18.55 7.74
C VAL A 955 24.04 19.05 6.58
N LEU A 956 23.77 20.26 6.08
CA LEU A 956 24.53 20.94 5.03
C LEU A 956 25.97 21.10 5.50
N THR A 957 26.89 20.47 4.79
CA THR A 957 28.29 20.47 5.12
C THR A 957 28.97 21.73 4.58
N GLN A 958 30.28 21.90 4.86
CA GLN A 958 31.08 23.04 4.40
C GLN A 958 31.01 23.09 2.88
N ASP A 959 31.23 21.92 2.24
CA ASP A 959 31.16 21.67 0.80
C ASP A 959 29.87 22.28 0.19
N PHE A 960 28.72 22.02 0.84
CA PHE A 960 27.37 22.46 0.45
C PHE A 960 27.16 23.94 0.65
N LEU A 961 27.64 24.46 1.79
CA LEU A 961 27.53 25.88 2.16
C LEU A 961 28.32 26.78 1.18
N ILE A 962 29.54 26.31 0.81
CA ILE A 962 30.43 26.95 -0.15
C ILE A 962 29.68 27.22 -1.47
N VAL A 963 28.96 26.18 -2.00
CA VAL A 963 28.16 26.23 -3.23
C VAL A 963 27.07 27.33 -3.19
N ILE A 964 26.35 27.45 -2.05
CA ILE A 964 25.29 28.46 -1.90
C ILE A 964 25.92 29.86 -1.84
N SER A 965 26.98 30.00 -1.02
CA SER A 965 27.71 31.24 -0.79
C SER A 965 28.62 31.64 -1.97
N LYS A 966 28.46 30.96 -3.14
CA LYS A 966 29.16 31.18 -4.41
C LYS A 966 30.71 31.19 -4.27
N GLY A 967 31.23 30.49 -3.27
CA GLY A 967 32.66 30.37 -3.01
C GLY A 967 33.24 31.26 -1.92
N ALA A 968 32.37 31.93 -1.12
CA ALA A 968 32.74 32.83 -0.03
C ALA A 968 33.51 32.17 1.10
N GLN A 969 34.27 32.96 1.87
CA GLN A 969 35.07 32.41 2.98
C GLN A 969 34.24 32.25 4.26
N GLU A 970 33.27 33.15 4.50
CA GLU A 970 32.35 33.10 5.65
C GLU A 970 30.93 32.94 5.11
N CYS A 971 30.56 31.67 4.88
CA CYS A 971 29.33 31.17 4.27
C CYS A 971 28.02 31.51 5.01
N THR A 972 28.02 31.45 6.34
CA THR A 972 26.85 31.73 7.17
C THR A 972 26.50 33.21 7.18
N LYS A 973 27.52 34.08 7.03
CA LYS A 973 27.42 35.56 7.05
C LYS A 973 26.90 36.17 5.73
N THR A 974 26.92 35.42 4.63
CA THR A 974 26.50 35.86 3.30
C THR A 974 25.02 36.19 3.16
N ARG A 975 24.68 36.94 2.10
CA ARG A 975 23.32 37.32 1.76
C ARG A 975 22.64 36.17 1.00
N GLU A 976 23.47 35.31 0.36
CA GLU A 976 23.05 34.15 -0.43
C GLU A 976 22.45 33.11 0.50
N PHE A 977 23.09 32.91 1.66
CA PHE A 977 22.64 32.01 2.72
C PHE A 977 21.43 32.56 3.47
N GLU A 978 21.31 33.91 3.55
CA GLU A 978 20.17 34.57 4.20
C GLU A 978 18.91 34.21 3.41
N ARG A 979 18.99 34.29 2.06
CA ARG A 979 17.88 33.93 1.18
C ARG A 979 17.55 32.43 1.29
N PHE A 980 18.58 31.58 1.59
CA PHE A 980 18.42 30.15 1.82
C PHE A 980 17.65 29.93 3.14
N GLN A 981 18.11 30.52 4.26
CA GLN A 981 17.42 30.37 5.56
C GLN A 981 15.95 30.75 5.45
N GLU A 982 15.66 31.84 4.73
CA GLU A 982 14.34 32.40 4.49
C GLU A 982 13.47 31.36 3.77
N MET A 983 14.01 30.73 2.70
CA MET A 983 13.35 29.70 1.89
C MET A 983 12.83 28.56 2.78
N CYS A 984 13.71 28.06 3.69
CA CYS A 984 13.46 27.00 4.66
C CYS A 984 12.38 27.36 5.67
N TYR A 985 12.47 28.57 6.25
CA TYR A 985 11.49 29.08 7.22
C TYR A 985 10.10 29.16 6.57
N LYS A 986 10.05 29.46 5.26
CA LYS A 986 8.80 29.56 4.50
C LYS A 986 8.25 28.16 4.24
N ALA A 987 9.09 27.27 3.64
CA ALA A 987 8.80 25.86 3.30
C ALA A 987 8.22 25.11 4.47
N TYR A 988 8.82 25.29 5.66
CA TYR A 988 8.41 24.68 6.89
C TYR A 988 7.00 25.12 7.34
N LEU A 989 6.73 26.44 7.37
CA LEU A 989 5.42 26.96 7.79
C LEU A 989 4.34 26.62 6.77
N ALA A 990 4.72 26.52 5.48
CA ALA A 990 3.80 26.11 4.41
C ALA A 990 3.29 24.72 4.77
N ILE A 991 4.23 23.77 5.04
CA ILE A 991 3.91 22.39 5.39
C ILE A 991 3.18 22.33 6.72
N ARG A 992 3.65 23.06 7.73
CA ARG A 992 2.96 23.11 9.03
C ARG A 992 1.52 23.60 8.89
N GLN A 993 1.26 24.54 7.93
CA GLN A 993 -0.08 25.06 7.65
C GLN A 993 -0.96 23.96 7.06
N HIS A 994 -0.34 22.99 6.35
CA HIS A 994 -1.03 21.87 5.73
C HIS A 994 -0.89 20.55 6.48
N ALA A 995 -0.41 20.58 7.75
CA ALA A 995 -0.17 19.40 8.59
C ALA A 995 -1.27 18.35 8.53
N ASN A 996 -2.52 18.79 8.70
CA ASN A 996 -3.74 17.97 8.67
C ASN A 996 -3.73 16.99 7.52
N LEU A 997 -3.43 17.45 6.28
CA LEU A 997 -3.33 16.60 5.09
C LEU A 997 -2.28 15.48 5.27
N PHE A 998 -1.01 15.83 5.63
CA PHE A 998 0.08 14.88 5.81
C PHE A 998 -0.20 13.83 6.86
N ILE A 999 -0.80 14.26 7.96
CA ILE A 999 -1.19 13.39 9.06
C ILE A 999 -2.25 12.42 8.58
N ASN A 1000 -3.18 12.88 7.72
CA ASN A 1000 -4.21 11.97 7.17
C ASN A 1000 -3.59 10.96 6.21
N LEU A 1001 -2.73 11.43 5.28
CA LEU A 1001 -2.01 10.60 4.32
C LEU A 1001 -1.27 9.46 4.98
N PHE A 1002 -0.65 9.73 6.15
CA PHE A 1002 0.08 8.75 6.94
C PHE A 1002 -0.86 7.81 7.66
N SER A 1003 -1.95 8.36 8.26
CA SER A 1003 -2.98 7.63 9.01
C SER A 1003 -3.70 6.60 8.15
N MET A 1004 -3.86 6.89 6.85
CA MET A 1004 -4.50 6.04 5.86
C MET A 1004 -3.59 4.84 5.48
N MET A 1005 -2.28 4.93 5.83
CA MET A 1005 -1.26 3.92 5.53
C MET A 1005 -0.96 2.96 6.66
N LEU A 1006 -1.63 3.08 7.81
CA LEU A 1006 -1.37 2.23 8.98
C LEU A 1006 -1.53 0.71 8.75
N GLY A 1007 -2.49 0.33 7.91
CA GLY A 1007 -2.76 -1.09 7.64
C GLY A 1007 -2.02 -1.69 6.46
N SER A 1008 -0.99 -0.99 5.95
CA SER A 1008 -0.24 -1.39 4.76
C SER A 1008 0.83 -2.45 4.97
N GLY A 1009 1.40 -2.53 6.16
CA GLY A 1009 2.46 -3.46 6.49
C GLY A 1009 3.84 -2.83 6.53
N MET A 1010 3.88 -1.49 6.51
CA MET A 1010 5.15 -0.78 6.55
C MET A 1010 5.65 -0.73 7.98
N PRO A 1011 6.89 -1.26 8.20
CA PRO A 1011 7.44 -1.33 9.57
C PRO A 1011 7.41 -0.05 10.39
N GLU A 1012 7.82 1.07 9.78
CA GLU A 1012 7.88 2.38 10.45
C GLU A 1012 6.52 3.01 10.67
N LEU A 1013 5.46 2.42 10.10
CA LEU A 1013 4.12 2.97 10.11
C LEU A 1013 3.10 1.89 10.48
N GLN A 1014 3.05 1.56 11.77
CA GLN A 1014 2.21 0.51 12.38
C GLN A 1014 1.20 0.97 13.44
N SER A 1015 1.34 2.21 13.94
CA SER A 1015 0.47 2.81 14.96
C SER A 1015 0.40 4.36 14.83
N PHE A 1016 -0.66 4.98 15.37
CA PHE A 1016 -0.83 6.44 15.38
C PHE A 1016 0.34 7.12 16.10
N ASP A 1017 0.96 6.42 17.06
CA ASP A 1017 2.13 6.87 17.81
C ASP A 1017 3.34 7.01 16.89
N ASP A 1018 3.40 6.20 15.79
CA ASP A 1018 4.48 6.29 14.80
C ASP A 1018 4.35 7.60 14.04
N ILE A 1019 3.10 8.12 13.90
CA ILE A 1019 2.77 9.37 13.20
C ILE A 1019 3.02 10.60 14.12
N ALA A 1020 3.15 10.38 15.43
CA ALA A 1020 3.43 11.48 16.39
C ALA A 1020 4.73 12.22 16.10
N TYR A 1021 5.65 11.60 15.31
CA TYR A 1021 6.94 12.15 14.90
C TYR A 1021 6.72 13.41 14.07
N ILE A 1022 5.79 13.35 13.09
CA ILE A 1022 5.41 14.48 12.22
C ILE A 1022 4.80 15.65 13.07
N ARG A 1023 4.16 15.31 14.21
CA ARG A 1023 3.56 16.28 15.11
C ARG A 1023 4.64 16.97 15.96
N LYS A 1024 5.84 16.34 16.08
CA LYS A 1024 6.98 16.88 16.81
C LYS A 1024 7.82 17.78 15.89
N THR A 1025 8.09 17.35 14.66
CA THR A 1025 8.90 18.14 13.74
C THR A 1025 8.13 19.35 13.27
N LEU A 1026 6.81 19.22 13.10
CA LEU A 1026 5.98 20.35 12.74
C LEU A 1026 5.51 21.13 13.99
N ALA A 1027 5.92 20.70 15.21
CA ALA A 1027 5.62 21.33 16.51
C ALA A 1027 4.19 21.86 16.56
N LEU A 1028 3.23 20.96 16.38
CA LEU A 1028 1.82 21.31 16.30
C LEU A 1028 1.19 21.73 17.65
N ASP A 1029 1.69 21.20 18.77
CA ASP A 1029 1.16 21.56 20.10
C ASP A 1029 1.66 22.94 20.57
N LYS A 1030 2.45 23.60 19.72
CA LYS A 1030 3.04 24.92 19.94
C LYS A 1030 2.41 25.95 18.98
N THR A 1031 2.76 27.22 19.15
CA THR A 1031 2.29 28.31 18.32
C THR A 1031 3.20 28.39 17.10
N GLU A 1032 2.74 28.97 15.99
CA GLU A 1032 3.52 29.12 14.75
C GLU A 1032 4.87 29.84 14.97
N GLN A 1033 4.94 30.75 15.96
CA GLN A 1033 6.17 31.45 16.27
C GLN A 1033 7.11 30.50 16.99
N GLU A 1034 6.59 29.77 18.01
CA GLU A 1034 7.35 28.78 18.79
C GLU A 1034 7.87 27.66 17.89
N ALA A 1035 7.03 27.16 16.96
CA ALA A 1035 7.34 26.09 16.01
C ALA A 1035 8.51 26.47 15.10
N LEU A 1036 8.51 27.72 14.61
CA LEU A 1036 9.56 28.30 13.77
C LEU A 1036 10.87 28.52 14.57
N GLU A 1037 10.77 28.79 15.89
CA GLU A 1037 11.92 28.94 16.78
C GLU A 1037 12.55 27.57 16.97
N TYR A 1038 11.68 26.54 17.04
CA TYR A 1038 12.05 25.13 17.23
C TYR A 1038 12.85 24.67 16.01
N PHE A 1039 12.33 25.00 14.78
CA PHE A 1039 12.99 24.69 13.52
C PHE A 1039 14.40 25.28 13.52
N MET A 1040 14.50 26.61 13.80
CA MET A 1040 15.75 27.39 13.88
C MET A 1040 16.71 26.78 14.88
N LYS A 1041 16.22 26.37 16.07
CA LYS A 1041 17.08 25.76 17.07
C LYS A 1041 17.60 24.42 16.55
N GLN A 1042 16.72 23.58 15.96
CA GLN A 1042 17.11 22.28 15.40
C GLN A 1042 18.20 22.44 14.32
N MET A 1043 18.01 23.44 13.44
CA MET A 1043 18.96 23.81 12.39
C MET A 1043 20.31 24.28 12.97
N ASN A 1044 20.29 25.10 14.04
CA ASN A 1044 21.53 25.54 14.67
C ASN A 1044 22.25 24.38 15.33
N ASP A 1045 21.61 23.63 16.25
CA ASP A 1045 22.25 22.51 16.96
C ASP A 1045 22.93 21.47 16.06
N ALA A 1046 22.41 21.29 14.83
CA ALA A 1046 22.96 20.33 13.87
C ALA A 1046 24.07 20.95 13.02
N HIS A 1047 23.96 22.24 12.70
CA HIS A 1047 24.96 22.95 11.89
C HIS A 1047 26.00 23.71 12.73
N HIS A 1048 25.89 23.65 14.07
CA HIS A 1048 26.73 24.30 15.06
C HIS A 1048 26.75 25.82 14.84
N GLY A 1049 25.58 26.44 15.02
CA GLY A 1049 25.39 27.87 14.84
C GLY A 1049 25.38 28.31 13.39
N GLY A 1050 24.98 29.56 13.17
CA GLY A 1050 24.90 30.16 11.85
C GLY A 1050 23.50 30.59 11.47
N TRP A 1051 22.49 29.85 11.96
CA TRP A 1051 21.08 30.11 11.69
C TRP A 1051 20.56 31.24 12.56
N THR A 1052 20.67 32.45 12.02
CA THR A 1052 20.28 33.71 12.65
C THR A 1052 18.80 33.97 12.46
N THR A 1053 18.17 34.65 13.44
CA THR A 1053 16.73 34.99 13.38
C THR A 1053 16.46 36.12 12.39
N SER B 27 0.84 19.53 48.00
CA SER B 27 2.24 19.07 47.96
C SER B 27 2.55 18.35 46.63
N LEU B 28 2.23 19.02 45.51
CA LEU B 28 2.48 18.48 44.18
C LEU B 28 3.96 18.54 43.84
N GLN B 29 4.42 17.61 42.98
CA GLN B 29 5.80 17.34 42.52
C GLN B 29 6.37 16.19 43.37
N ASP B 30 5.73 15.97 44.53
CA ASP B 30 5.95 14.88 45.46
C ASP B 30 4.58 14.23 45.52
N ALA B 31 4.20 13.67 44.38
CA ALA B 31 2.93 13.02 44.15
C ALA B 31 3.22 11.88 43.19
N GLU B 32 3.08 10.64 43.69
CA GLU B 32 3.31 9.40 42.95
C GLU B 32 2.67 9.43 41.55
N TRP B 33 1.40 9.92 41.44
CA TRP B 33 0.65 10.01 40.19
C TRP B 33 1.02 11.24 39.34
N TYR B 34 1.75 12.22 39.89
CA TYR B 34 2.16 13.37 39.08
C TYR B 34 3.47 13.02 38.36
N TRP B 35 3.50 13.13 37.01
CA TRP B 35 4.64 12.69 36.20
C TRP B 35 5.38 13.78 35.35
N GLY B 36 4.96 15.04 35.48
CA GLY B 36 5.61 16.14 34.76
C GLY B 36 5.44 16.13 33.26
N ASP B 37 6.56 16.33 32.51
CA ASP B 37 6.63 16.46 31.04
C ASP B 37 6.53 15.14 30.21
N ILE B 38 5.93 14.09 30.82
CA ILE B 38 5.65 12.77 30.24
C ILE B 38 4.76 12.94 28.98
N SER B 39 5.05 12.18 27.91
CA SER B 39 4.27 12.26 26.69
C SER B 39 2.95 11.49 26.79
N ARG B 40 1.99 11.83 25.93
CA ARG B 40 0.69 11.17 25.84
C ARG B 40 0.88 9.66 25.53
N GLU B 41 1.82 9.34 24.59
CA GLU B 41 2.21 8.00 24.13
C GLU B 41 2.81 7.19 25.27
N GLU B 42 3.46 7.87 26.23
CA GLU B 42 4.08 7.26 27.40
C GLU B 42 2.98 6.90 28.40
N VAL B 43 2.00 7.81 28.58
CA VAL B 43 0.82 7.63 29.44
C VAL B 43 0.04 6.40 28.93
N ASN B 44 -0.14 6.32 27.58
CA ASN B 44 -0.77 5.22 26.84
C ASN B 44 -0.08 3.88 27.14
N GLU B 45 1.26 3.83 27.08
CA GLU B 45 2.02 2.62 27.43
C GLU B 45 1.72 2.23 28.89
N LYS B 46 1.79 3.18 29.81
CA LYS B 46 1.53 2.94 31.24
C LYS B 46 0.08 2.51 31.57
N LEU B 47 -0.91 2.90 30.74
CA LEU B 47 -2.32 2.55 30.99
C LEU B 47 -2.82 1.36 30.13
N ARG B 48 -1.97 0.87 29.18
CA ARG B 48 -2.31 -0.24 28.28
C ARG B 48 -2.68 -1.48 29.07
N ASP B 49 -3.92 -2.00 28.83
CA ASP B 49 -4.53 -3.18 29.47
C ASP B 49 -4.76 -3.03 31.00
N THR B 50 -4.96 -1.79 31.50
CA THR B 50 -5.20 -1.56 32.94
C THR B 50 -6.70 -1.52 33.28
N ALA B 51 -7.00 -1.65 34.59
CA ALA B 51 -8.34 -1.68 35.18
C ALA B 51 -8.97 -0.32 35.18
N ASP B 52 -10.31 -0.26 35.10
CA ASP B 52 -11.05 0.98 35.18
C ASP B 52 -10.76 1.60 36.55
N GLY B 53 -10.30 2.86 36.55
CA GLY B 53 -9.93 3.56 37.77
C GLY B 53 -8.47 3.96 37.80
N THR B 54 -7.62 3.23 37.03
CA THR B 54 -6.19 3.49 36.91
C THR B 54 -6.00 4.90 36.32
N PHE B 55 -5.06 5.69 36.88
CA PHE B 55 -4.84 7.07 36.44
C PHE B 55 -3.45 7.64 36.76
N LEU B 56 -3.16 8.79 36.16
CA LEU B 56 -1.96 9.61 36.36
C LEU B 56 -2.24 11.04 35.91
N VAL B 57 -1.55 12.00 36.53
CA VAL B 57 -1.67 13.42 36.22
C VAL B 57 -0.35 13.85 35.62
N ARG B 58 -0.42 14.77 34.67
CA ARG B 58 0.74 15.31 33.98
C ARG B 58 0.54 16.77 33.57
N ASP B 59 1.58 17.38 33.00
CA ASP B 59 1.50 18.75 32.53
C ASP B 59 0.92 18.67 31.14
N ALA B 60 -0.08 19.53 30.84
CA ALA B 60 -0.75 19.61 29.54
C ALA B 60 0.24 19.62 28.37
N SER B 61 -0.20 19.24 27.15
CA SER B 61 0.69 19.21 25.96
C SER B 61 1.14 20.62 25.51
N THR B 62 0.63 21.67 26.18
CA THR B 62 0.97 23.09 25.99
C THR B 62 2.21 23.39 26.93
N LYS B 63 1.99 24.09 28.08
CA LYS B 63 2.97 24.47 29.11
C LYS B 63 2.26 25.17 30.27
N ASP B 67 -0.96 24.62 33.59
CA ASP B 67 -1.95 23.77 32.92
C ASP B 67 -1.66 22.27 33.13
N TYR B 68 -2.65 21.54 33.72
CA TYR B 68 -2.54 20.11 34.01
C TYR B 68 -3.65 19.24 33.38
N THR B 69 -3.29 18.04 32.88
CA THR B 69 -4.26 17.09 32.33
C THR B 69 -4.17 15.78 33.06
N LEU B 70 -5.32 15.30 33.53
CA LEU B 70 -5.45 14.02 34.19
C LEU B 70 -5.84 12.97 33.13
N THR B 71 -5.18 11.78 33.15
CA THR B 71 -5.57 10.72 32.21
C THR B 71 -6.17 9.61 33.03
N LEU B 72 -7.31 9.07 32.60
CA LEU B 72 -8.05 8.03 33.32
C LEU B 72 -8.50 6.86 32.40
N ARG B 73 -8.52 5.62 32.95
CA ARG B 73 -8.95 4.41 32.25
C ARG B 73 -10.40 4.07 32.59
N LYS B 74 -11.26 3.95 31.56
CA LYS B 74 -12.68 3.59 31.69
C LYS B 74 -13.16 3.06 30.33
N GLY B 75 -13.74 1.85 30.36
CA GLY B 75 -14.27 1.15 29.19
C GLY B 75 -13.21 0.81 28.16
N GLY B 76 -12.01 0.48 28.64
CA GLY B 76 -10.86 0.15 27.81
C GLY B 76 -10.24 1.33 27.08
N ASN B 77 -10.71 2.56 27.39
CA ASN B 77 -10.18 3.79 26.77
C ASN B 77 -9.45 4.68 27.75
N ASN B 78 -8.58 5.56 27.23
CA ASN B 78 -7.85 6.52 28.03
C ASN B 78 -8.47 7.89 27.83
N LYS B 79 -9.31 8.28 28.80
CA LYS B 79 -10.01 9.58 28.84
C LYS B 79 -9.08 10.68 29.43
N LEU B 80 -8.93 11.78 28.70
CA LEU B 80 -8.16 12.93 29.17
C LEU B 80 -9.15 13.92 29.76
N ILE B 81 -8.86 14.40 30.97
CA ILE B 81 -9.69 15.36 31.70
C ILE B 81 -8.79 16.56 32.05
N LYS B 82 -9.18 17.79 31.66
CA LYS B 82 -8.38 18.97 31.97
C LYS B 82 -8.53 19.42 33.44
N ILE B 83 -7.45 19.96 34.01
CA ILE B 83 -7.46 20.52 35.36
C ILE B 83 -7.34 22.03 35.16
N PHE B 84 -8.50 22.72 35.22
CA PHE B 84 -8.62 24.17 35.02
C PHE B 84 -8.12 24.97 36.20
N HIS B 85 -7.55 26.15 35.92
CA HIS B 85 -7.01 27.05 36.94
C HIS B 85 -7.31 28.53 36.66
N ARG B 86 -7.75 29.23 37.72
CA ARG B 86 -8.12 30.65 37.77
C ARG B 86 -8.16 31.04 39.25
N ASP B 87 -7.62 32.23 39.61
CA ASP B 87 -7.60 32.81 40.96
C ASP B 87 -7.05 31.86 42.05
N GLY B 88 -6.13 30.96 41.66
CA GLY B 88 -5.54 29.98 42.56
C GLY B 88 -6.44 28.79 42.86
N LYS B 89 -7.61 28.74 42.18
CA LYS B 89 -8.63 27.68 42.32
C LYS B 89 -8.55 26.67 41.16
N TYR B 90 -8.81 25.39 41.47
CA TYR B 90 -8.75 24.28 40.51
C TYR B 90 -10.06 23.47 40.44
N GLY B 91 -10.25 22.80 39.31
CA GLY B 91 -11.41 21.95 39.04
C GLY B 91 -11.51 21.53 37.58
N PHE B 92 -12.45 20.62 37.28
CA PHE B 92 -12.66 20.13 35.90
C PHE B 92 -13.57 21.04 35.07
N SER B 93 -14.45 21.79 35.75
CA SER B 93 -15.43 22.70 35.17
C SER B 93 -15.75 23.78 36.20
N ASP B 94 -16.36 24.89 35.74
CA ASP B 94 -16.79 25.96 36.64
C ASP B 94 -18.02 25.49 37.42
N PRO B 95 -18.04 25.65 38.78
CA PRO B 95 -17.05 26.36 39.62
C PRO B 95 -15.79 25.60 40.03
N LEU B 96 -14.66 26.32 40.04
CA LEU B 96 -13.39 25.77 40.49
C LEU B 96 -13.40 25.96 42.02
N THR B 97 -13.62 24.84 42.73
CA THR B 97 -13.82 24.71 44.16
C THR B 97 -12.56 24.42 44.98
N PHE B 98 -11.66 23.60 44.44
CA PHE B 98 -10.46 23.09 45.14
C PHE B 98 -9.29 24.08 45.14
N SER B 99 -8.48 24.02 46.23
CA SER B 99 -7.31 24.87 46.48
C SER B 99 -6.06 24.45 45.69
N SER B 100 -5.83 23.13 45.54
CA SER B 100 -4.70 22.61 44.79
C SER B 100 -5.04 21.32 44.01
N VAL B 101 -4.19 20.98 43.00
CA VAL B 101 -4.26 19.80 42.12
C VAL B 101 -4.36 18.51 42.98
N VAL B 102 -3.72 18.53 44.16
CA VAL B 102 -3.73 17.43 45.13
C VAL B 102 -5.14 17.25 45.74
N GLU B 103 -5.72 18.33 46.34
CA GLU B 103 -7.05 18.34 46.95
C GLU B 103 -8.10 17.83 45.98
N LEU B 104 -7.96 18.26 44.70
CA LEU B 104 -8.82 17.87 43.58
C LEU B 104 -8.80 16.35 43.37
N ILE B 105 -7.59 15.75 43.23
CA ILE B 105 -7.40 14.30 43.04
C ILE B 105 -7.95 13.51 44.23
N ASN B 106 -7.55 13.91 45.47
CA ASN B 106 -7.93 13.27 46.74
C ASN B 106 -9.43 13.15 46.99
N HIS B 107 -10.22 14.14 46.49
CA HIS B 107 -11.68 14.12 46.61
C HIS B 107 -12.21 13.01 45.70
N TYR B 108 -11.69 12.97 44.47
CA TYR B 108 -12.12 12.03 43.45
C TYR B 108 -11.50 10.64 43.64
N ARG B 109 -10.51 10.50 44.54
CA ARG B 109 -9.91 9.21 44.93
C ARG B 109 -10.86 8.44 45.89
N ASN B 110 -11.73 9.18 46.61
CA ASN B 110 -12.68 8.64 47.58
C ASN B 110 -14.16 8.76 47.12
N GLU B 111 -14.45 9.74 46.24
CA GLU B 111 -15.81 9.96 45.69
C GLU B 111 -15.80 9.80 44.16
N SER B 112 -16.88 9.21 43.59
CA SER B 112 -17.02 8.96 42.15
C SER B 112 -17.12 10.22 41.28
N LEU B 113 -16.72 10.10 40.00
CA LEU B 113 -16.73 11.16 38.98
C LEU B 113 -18.12 11.29 38.34
N ALA B 114 -19.07 10.43 38.78
CA ALA B 114 -20.48 10.35 38.36
C ALA B 114 -21.25 11.69 38.46
N GLN B 115 -20.90 12.54 39.45
CA GLN B 115 -21.51 13.87 39.63
C GLN B 115 -21.13 14.76 38.46
N TYR B 116 -19.81 14.91 38.20
CA TYR B 116 -19.29 15.72 37.09
C TYR B 116 -19.75 15.14 35.73
N ASN B 117 -19.45 13.83 35.47
CA ASN B 117 -19.76 13.02 34.27
C ASN B 117 -20.26 13.79 33.05
N ASP B 121 -17.82 8.21 36.08
CA ASP B 121 -18.60 7.33 36.96
C ASP B 121 -17.75 6.21 37.61
N VAL B 122 -16.54 6.60 38.09
CA VAL B 122 -15.57 5.74 38.75
C VAL B 122 -14.67 6.60 39.65
N LYS B 123 -14.17 6.03 40.74
CA LYS B 123 -13.26 6.78 41.60
C LYS B 123 -11.84 6.72 40.98
N LEU B 124 -10.92 7.60 41.41
CA LEU B 124 -9.54 7.58 40.93
C LEU B 124 -8.82 6.57 41.86
N LEU B 125 -9.06 5.29 41.58
CA LEU B 125 -8.66 4.14 42.38
C LEU B 125 -7.19 3.70 42.32
N TYR B 126 -6.61 3.52 41.12
CA TYR B 126 -5.26 2.96 41.00
C TYR B 126 -4.23 3.95 40.45
N PRO B 127 -3.49 4.67 41.33
CA PRO B 127 -2.48 5.61 40.83
C PRO B 127 -1.29 4.89 40.22
N VAL B 128 -0.68 5.51 39.22
CA VAL B 128 0.50 4.96 38.58
C VAL B 128 1.65 5.71 39.24
N SER B 129 2.32 5.05 40.22
CA SER B 129 3.43 5.63 40.99
C SER B 129 4.70 5.74 40.17
N LYS B 130 5.38 6.88 40.31
CA LYS B 130 6.68 7.12 39.67
C LYS B 130 7.80 6.53 40.54
N TYR B 131 7.47 6.30 41.85
CA TYR B 131 8.35 5.75 42.87
C TYR B 131 8.43 4.22 42.79
N GLN B 132 7.28 3.57 42.52
CA GLN B 132 7.12 2.12 42.33
C GLN B 132 7.92 1.67 41.09
N GLN B 133 8.19 2.60 40.14
CA GLN B 133 8.96 2.38 38.91
C GLN B 133 10.48 2.27 39.22
N ASP B 134 10.79 1.32 40.13
CA ASP B 134 12.07 0.86 40.68
C ASP B 134 13.21 1.88 40.59
N VAL B 137 17.68 -0.58 38.62
CA VAL B 137 16.92 0.66 38.58
C VAL B 137 17.04 1.46 39.89
N LYS B 138 17.75 0.89 40.89
CA LYS B 138 17.98 1.51 42.19
C LYS B 138 19.45 1.93 42.44
N GLU B 139 20.37 1.74 41.42
CA GLU B 139 21.79 2.10 41.48
C GLU B 139 21.95 3.58 41.69
N ASP B 140 22.79 3.87 42.69
CA ASP B 140 23.00 5.16 43.31
C ASP B 140 23.63 6.24 42.42
N ASN B 141 24.73 5.91 41.73
CA ASN B 141 25.54 6.86 40.97
C ASN B 141 25.60 6.65 39.46
N ILE B 142 25.82 7.80 38.77
CA ILE B 142 25.98 7.99 37.33
C ILE B 142 26.93 6.93 36.71
N GLU B 143 28.10 6.67 37.35
CA GLU B 143 29.06 5.67 36.91
C GLU B 143 28.43 4.26 36.92
N ALA B 144 27.73 3.90 38.03
CA ALA B 144 27.06 2.62 38.21
C ALA B 144 25.89 2.45 37.20
N VAL B 145 25.12 3.52 36.97
CA VAL B 145 24.01 3.52 36.01
C VAL B 145 24.60 3.32 34.61
N GLY B 146 25.47 4.25 34.20
CA GLY B 146 26.17 4.27 32.92
C GLY B 146 26.78 2.94 32.54
N LYS B 147 27.44 2.26 33.51
CA LYS B 147 28.06 0.94 33.33
C LYS B 147 26.99 -0.11 33.14
N LYS B 148 25.87 -0.05 33.89
CA LYS B 148 24.79 -1.02 33.75
C LYS B 148 24.10 -0.88 32.41
N LEU B 149 23.80 0.39 31.99
CA LEU B 149 23.20 0.71 30.70
C LEU B 149 24.03 0.13 29.58
N HIS B 150 25.37 0.33 29.61
CA HIS B 150 26.27 -0.23 28.62
C HIS B 150 26.11 -1.73 28.48
N GLU B 151 25.91 -2.46 29.60
CA GLU B 151 25.70 -3.93 29.61
C GLU B 151 24.36 -4.30 28.96
N TYR B 152 23.27 -3.56 29.35
CA TYR B 152 21.93 -3.76 28.81
C TYR B 152 21.87 -3.48 27.31
N ASN B 153 22.39 -2.31 26.88
CA ASN B 153 22.42 -1.92 25.47
C ASN B 153 23.09 -2.99 24.61
N THR B 154 24.23 -3.51 25.06
CA THR B 154 24.97 -4.61 24.42
C THR B 154 24.06 -5.86 24.32
N GLN B 155 23.54 -6.36 25.45
CA GLN B 155 22.64 -7.51 25.53
C GLN B 155 21.45 -7.32 24.57
N PHE B 156 20.91 -6.06 24.51
CA PHE B 156 19.78 -5.69 23.66
C PHE B 156 20.11 -5.79 22.16
N GLN B 157 21.27 -5.26 21.71
CA GLN B 157 21.65 -5.39 20.31
C GLN B 157 21.88 -6.89 19.96
N GLU B 158 22.50 -7.64 20.88
CA GLU B 158 22.74 -9.07 20.72
C GLU B 158 21.44 -9.84 20.48
N LYS B 159 20.47 -9.75 21.41
CA LYS B 159 19.16 -10.40 21.31
C LYS B 159 18.35 -9.88 20.10
N SER B 160 18.56 -8.59 19.69
CA SER B 160 17.89 -7.97 18.54
C SER B 160 18.27 -8.67 17.25
N ARG B 161 19.58 -8.74 16.96
CA ARG B 161 20.18 -9.39 15.81
C ARG B 161 19.72 -10.87 15.75
N GLU B 162 19.60 -11.52 16.92
CA GLU B 162 19.16 -12.91 17.06
C GLU B 162 17.71 -13.04 16.54
N TYR B 163 16.78 -12.18 17.06
CA TYR B 163 15.37 -12.09 16.68
C TYR B 163 15.21 -11.72 15.18
N ASP B 164 16.04 -10.78 14.68
CA ASP B 164 15.98 -10.35 13.28
C ASP B 164 16.38 -11.48 12.32
N ARG B 165 17.34 -12.32 12.75
CA ARG B 165 17.79 -13.47 11.96
C ARG B 165 16.74 -14.58 12.07
N LEU B 166 16.04 -14.65 13.21
CA LEU B 166 14.98 -15.64 13.41
C LEU B 166 13.80 -15.29 12.53
N TYR B 167 13.44 -13.99 12.48
CA TYR B 167 12.36 -13.48 11.64
C TYR B 167 12.60 -13.79 10.15
N GLU B 168 13.85 -13.62 9.68
CA GLU B 168 14.31 -13.94 8.32
C GLU B 168 14.18 -15.44 8.02
N GLU B 169 14.48 -16.30 9.00
CA GLU B 169 14.37 -17.75 8.88
C GLU B 169 12.88 -18.11 8.81
N TYR B 170 12.05 -17.44 9.64
CA TYR B 170 10.60 -17.63 9.74
C TYR B 170 9.88 -17.24 8.44
N THR B 171 10.26 -16.08 7.86
CA THR B 171 9.65 -15.55 6.66
C THR B 171 9.98 -16.46 5.49
N ARG B 172 11.28 -16.85 5.35
CA ARG B 172 11.76 -17.71 4.29
C ARG B 172 11.05 -19.07 4.29
N THR B 173 10.99 -19.71 5.47
CA THR B 173 10.35 -21.02 5.67
C THR B 173 8.89 -20.99 5.27
N SER B 174 8.14 -19.99 5.77
CA SER B 174 6.72 -19.80 5.54
C SER B 174 6.41 -19.66 4.03
N GLN B 175 7.30 -18.96 3.31
CA GLN B 175 7.20 -18.74 1.87
C GLN B 175 7.49 -20.06 1.12
N GLU B 176 8.50 -20.83 1.56
CA GLU B 176 8.84 -22.09 0.91
C GLU B 176 7.75 -23.11 1.12
N ILE B 177 7.14 -23.12 2.33
CA ILE B 177 5.98 -23.98 2.65
C ILE B 177 4.85 -23.66 1.69
N GLN B 178 4.59 -22.36 1.43
CA GLN B 178 3.57 -21.88 0.48
C GLN B 178 3.82 -22.43 -0.93
N MET B 179 5.08 -22.40 -1.39
CA MET B 179 5.52 -22.91 -2.69
C MET B 179 5.31 -24.42 -2.79
N LYS B 180 5.71 -25.17 -1.76
CA LYS B 180 5.54 -26.63 -1.73
C LYS B 180 4.09 -27.03 -1.82
N ARG B 181 3.19 -26.33 -1.09
CA ARG B 181 1.77 -26.61 -1.09
C ARG B 181 1.12 -26.33 -2.49
N THR B 182 1.65 -25.34 -3.26
CA THR B 182 1.18 -25.05 -4.60
C THR B 182 1.69 -26.15 -5.56
N ALA B 183 2.98 -26.55 -5.40
CA ALA B 183 3.61 -27.59 -6.21
C ALA B 183 2.92 -28.95 -6.02
N ILE B 184 2.49 -29.28 -4.78
CA ILE B 184 1.76 -30.51 -4.49
C ILE B 184 0.39 -30.50 -5.20
N GLU B 185 -0.31 -29.33 -5.24
CA GLU B 185 -1.60 -29.16 -5.94
C GLU B 185 -1.41 -29.43 -7.43
N ALA B 186 -0.35 -28.85 -8.03
CA ALA B 186 0.05 -29.04 -9.42
C ALA B 186 0.34 -30.51 -9.71
N PHE B 187 1.04 -31.24 -8.79
CA PHE B 187 1.30 -32.68 -8.95
C PHE B 187 0.01 -33.48 -8.95
N ASN B 188 -0.90 -33.17 -8.02
CA ASN B 188 -2.20 -33.84 -7.87
C ASN B 188 -2.97 -33.79 -9.18
N GLU B 189 -2.95 -32.62 -9.83
CA GLU B 189 -3.64 -32.41 -11.09
C GLU B 189 -2.98 -33.19 -12.24
N THR B 190 -1.63 -33.17 -12.31
CA THR B 190 -0.79 -33.89 -13.27
C THR B 190 -1.13 -35.38 -13.16
N ILE B 191 -1.09 -35.92 -11.93
CA ILE B 191 -1.45 -37.32 -11.64
C ILE B 191 -2.88 -37.60 -12.12
N LYS B 192 -3.82 -36.67 -11.94
CA LYS B 192 -5.20 -36.82 -12.41
C LYS B 192 -5.28 -36.91 -13.93
N ILE B 193 -4.52 -36.06 -14.65
CA ILE B 193 -4.48 -36.05 -16.13
C ILE B 193 -3.86 -37.37 -16.65
N PHE B 194 -2.69 -37.72 -16.10
CA PHE B 194 -1.97 -38.94 -16.43
C PHE B 194 -2.79 -40.22 -16.18
N GLU B 195 -3.49 -40.31 -15.05
CA GLU B 195 -4.36 -41.45 -14.75
C GLU B 195 -5.56 -41.49 -15.70
N GLU B 196 -6.09 -40.32 -16.14
CA GLU B 196 -7.17 -40.24 -17.12
C GLU B 196 -6.67 -40.82 -18.44
N GLN B 197 -5.35 -40.67 -18.72
CA GLN B 197 -4.71 -41.21 -19.92
C GLN B 197 -4.78 -42.74 -19.95
N CYS B 198 -4.58 -43.40 -18.79
CA CYS B 198 -4.69 -44.86 -18.68
C CYS B 198 -6.10 -45.31 -19.00
N GLN B 199 -7.08 -44.70 -18.33
CA GLN B 199 -8.52 -44.92 -18.52
C GLN B 199 -8.93 -44.85 -20.00
N THR B 200 -8.31 -43.93 -20.77
CA THR B 200 -8.54 -43.71 -22.19
C THR B 200 -7.95 -44.86 -23.01
N GLN B 201 -6.70 -45.29 -22.70
CA GLN B 201 -6.03 -46.40 -23.36
C GLN B 201 -6.83 -47.68 -23.10
N GLU B 202 -7.36 -47.83 -21.87
CA GLU B 202 -8.16 -48.96 -21.43
C GLU B 202 -9.46 -49.05 -22.20
N ARG B 203 -10.11 -47.91 -22.47
CA ARG B 203 -11.33 -47.91 -23.25
C ARG B 203 -11.06 -48.29 -24.71
N TYR B 204 -10.11 -47.61 -25.36
CA TYR B 204 -9.79 -47.87 -26.76
C TYR B 204 -9.13 -49.22 -27.06
N SER B 205 -8.10 -49.62 -26.30
CA SER B 205 -7.32 -50.85 -26.55
C SER B 205 -8.13 -52.16 -26.53
N LYS B 206 -9.06 -52.34 -25.57
CA LYS B 206 -9.86 -53.58 -25.40
C LYS B 206 -10.34 -54.18 -26.73
N GLU B 207 -11.07 -53.38 -27.54
CA GLU B 207 -11.64 -53.80 -28.83
C GLU B 207 -10.63 -53.82 -30.00
N TYR B 208 -9.40 -53.37 -29.74
CA TYR B 208 -8.32 -53.41 -30.74
C TYR B 208 -7.42 -54.61 -30.49
N ILE B 209 -7.17 -54.96 -29.20
CA ILE B 209 -6.41 -56.15 -28.80
C ILE B 209 -7.23 -57.38 -29.25
N GLU B 210 -8.57 -57.29 -29.14
CA GLU B 210 -9.51 -58.31 -29.59
C GLU B 210 -9.45 -58.43 -31.13
N LYS B 211 -9.38 -57.28 -31.83
CA LYS B 211 -9.27 -57.20 -33.30
C LYS B 211 -7.92 -57.77 -33.79
N PHE B 212 -6.84 -57.58 -33.00
CA PHE B 212 -5.49 -58.09 -33.32
C PHE B 212 -5.29 -59.54 -32.90
N LYS B 213 -6.02 -60.04 -31.88
CA LYS B 213 -5.93 -61.44 -31.44
C LYS B 213 -6.52 -62.36 -32.52
N ARG B 214 -7.61 -61.91 -33.18
CA ARG B 214 -8.30 -62.58 -34.29
C ARG B 214 -7.36 -62.60 -35.50
N GLU B 215 -6.87 -61.40 -35.92
CA GLU B 215 -5.94 -61.24 -37.05
C GLU B 215 -4.52 -61.77 -36.76
N GLY B 216 -4.32 -62.34 -35.56
CA GLY B 216 -3.05 -62.90 -35.09
C GLY B 216 -1.87 -61.96 -35.25
N ASN B 217 -2.03 -60.69 -34.81
CA ASN B 217 -1.02 -59.64 -34.90
C ASN B 217 -0.38 -59.40 -33.52
N GLU B 218 0.31 -60.44 -33.00
CA GLU B 218 0.95 -60.45 -31.68
C GLU B 218 1.98 -59.32 -31.47
N LYS B 219 2.66 -58.85 -32.54
CA LYS B 219 3.65 -57.77 -32.47
C LYS B 219 2.98 -56.43 -32.20
N GLU B 220 1.76 -56.22 -32.72
CA GLU B 220 1.01 -54.98 -32.52
C GLU B 220 0.42 -54.91 -31.12
N ILE B 221 0.04 -56.07 -30.55
CA ILE B 221 -0.46 -56.20 -29.17
C ILE B 221 0.70 -55.78 -28.27
N GLN B 222 1.92 -56.21 -28.64
CA GLN B 222 3.14 -55.89 -27.91
C GLN B 222 3.41 -54.38 -27.91
N ARG B 223 3.09 -53.71 -29.04
CA ARG B 223 3.25 -52.28 -29.23
C ARG B 223 2.31 -51.49 -28.31
N ILE B 224 1.01 -51.86 -28.29
CA ILE B 224 0.00 -51.26 -27.41
C ILE B 224 0.41 -51.39 -25.93
N MET B 225 0.87 -52.59 -25.53
CA MET B 225 1.32 -52.91 -24.18
C MET B 225 2.58 -52.15 -23.80
N HIS B 226 3.53 -52.01 -24.73
CA HIS B 226 4.77 -51.28 -24.44
C HIS B 226 4.48 -49.81 -24.13
N ASN B 227 3.58 -49.18 -24.91
CA ASN B 227 3.21 -47.79 -24.68
C ASN B 227 2.48 -47.67 -23.32
N TYR B 228 1.58 -48.63 -22.99
CA TYR B 228 0.90 -48.63 -21.70
C TYR B 228 1.87 -48.73 -20.52
N ASP B 229 2.91 -49.60 -20.61
CA ASP B 229 3.94 -49.76 -19.56
C ASP B 229 4.67 -48.43 -19.33
N LYS B 230 5.05 -47.75 -20.42
CA LYS B 230 5.73 -46.45 -20.52
C LYS B 230 4.95 -45.36 -19.75
N LEU B 231 3.61 -45.39 -19.89
CA LEU B 231 2.67 -44.48 -19.26
C LEU B 231 2.60 -44.74 -17.76
N LYS B 232 2.49 -46.01 -17.34
CA LYS B 232 2.44 -46.39 -15.92
C LYS B 232 3.78 -46.13 -15.20
N SER B 233 4.88 -46.23 -15.94
CA SER B 233 6.22 -45.96 -15.43
C SER B 233 6.38 -44.45 -15.19
N ARG B 234 5.77 -43.61 -16.06
CA ARG B 234 5.80 -42.16 -15.90
C ARG B 234 4.94 -41.78 -14.67
N ILE B 235 3.70 -42.28 -14.62
CA ILE B 235 2.81 -42.05 -13.49
C ILE B 235 3.48 -42.43 -12.20
N SER B 236 4.23 -43.55 -12.22
CA SER B 236 4.93 -44.08 -11.03
C SER B 236 6.01 -43.11 -10.56
N GLU B 237 6.71 -42.44 -11.49
CA GLU B 237 7.76 -41.45 -11.21
C GLU B 237 7.17 -40.15 -10.66
N ILE B 238 6.02 -39.69 -11.23
CA ILE B 238 5.28 -38.47 -10.83
C ILE B 238 4.73 -38.68 -9.39
N ILE B 239 4.25 -39.90 -9.11
CA ILE B 239 3.76 -40.26 -7.79
C ILE B 239 4.90 -40.18 -6.76
N ASP B 240 6.12 -40.55 -7.14
CA ASP B 240 7.26 -40.50 -6.23
C ASP B 240 7.80 -39.10 -6.04
N SER B 241 7.79 -38.26 -7.09
CA SER B 241 8.20 -36.85 -7.05
C SER B 241 7.32 -36.09 -6.06
N ARG B 242 6.01 -36.38 -6.03
CA ARG B 242 5.06 -35.80 -5.10
C ARG B 242 5.35 -36.35 -3.68
N ARG B 243 5.49 -37.69 -3.54
CA ARG B 243 5.78 -38.38 -2.28
C ARG B 243 7.02 -37.80 -1.58
N ARG B 244 8.04 -37.44 -2.35
CA ARG B 244 9.28 -36.86 -1.87
C ARG B 244 9.06 -35.45 -1.38
N LEU B 245 8.31 -34.63 -2.15
CA LEU B 245 7.98 -33.24 -1.85
C LEU B 245 7.06 -33.15 -0.61
N GLU B 246 6.05 -34.05 -0.50
CA GLU B 246 5.15 -34.15 0.66
C GLU B 246 6.00 -34.43 1.91
N GLU B 247 7.07 -35.24 1.77
CA GLU B 247 8.00 -35.53 2.87
C GLU B 247 8.87 -34.31 3.23
N ASP B 248 9.23 -33.48 2.22
CA ASP B 248 9.98 -32.23 2.47
C ASP B 248 9.06 -31.25 3.20
N LEU B 249 7.78 -31.18 2.76
CA LEU B 249 6.74 -30.33 3.34
C LEU B 249 6.51 -30.66 4.81
N LYS B 250 6.37 -31.96 5.16
CA LYS B 250 6.21 -32.45 6.54
C LYS B 250 7.41 -31.97 7.39
N LYS B 251 8.65 -32.09 6.84
CA LYS B 251 9.88 -31.66 7.51
C LYS B 251 9.95 -30.13 7.69
N GLN B 252 9.61 -29.35 6.64
CA GLN B 252 9.64 -27.89 6.67
C GLN B 252 8.53 -27.29 7.57
N ALA B 253 7.35 -27.93 7.62
CA ALA B 253 6.24 -27.51 8.46
C ALA B 253 6.66 -27.58 9.93
N ALA B 254 7.36 -28.68 10.31
CA ALA B 254 7.86 -28.94 11.67
C ALA B 254 8.95 -27.94 12.03
N GLU B 255 9.84 -27.61 11.07
CA GLU B 255 10.90 -26.60 11.23
C GLU B 255 10.22 -25.28 11.56
N TYR B 256 9.13 -24.92 10.81
CA TYR B 256 8.38 -23.67 11.00
C TYR B 256 7.84 -23.56 12.42
N ARG B 257 7.20 -24.65 12.91
CA ARG B 257 6.64 -24.78 14.25
C ARG B 257 7.72 -24.50 15.30
N GLU B 258 8.97 -24.97 15.04
CA GLU B 258 10.08 -24.77 15.94
C GLU B 258 10.48 -23.35 15.96
N ILE B 259 10.64 -22.73 14.77
CA ILE B 259 11.01 -21.32 14.64
C ILE B 259 9.94 -20.42 15.32
N ASP B 260 8.66 -20.80 15.19
CA ASP B 260 7.57 -20.08 15.80
C ASP B 260 7.67 -20.12 17.33
N LYS B 261 7.93 -21.31 17.90
CA LYS B 261 8.11 -21.54 19.34
C LYS B 261 9.33 -20.75 19.86
N ARG B 262 10.41 -20.74 19.09
CA ARG B 262 11.65 -20.05 19.42
C ARG B 262 11.46 -18.52 19.42
N MET B 263 10.56 -18.02 18.55
CA MET B 263 10.28 -16.59 18.42
C MET B 263 9.28 -16.13 19.45
N ASN B 264 8.26 -16.96 19.75
CA ASN B 264 7.29 -16.63 20.76
C ASN B 264 7.96 -16.59 22.15
N SER B 265 9.18 -17.14 22.23
CA SER B 265 10.00 -17.15 23.43
C SER B 265 10.90 -15.93 23.50
N ILE B 266 11.58 -15.55 22.38
CA ILE B 266 12.45 -14.37 22.35
C ILE B 266 11.65 -13.04 22.49
N LYS B 267 10.45 -12.95 21.84
CA LYS B 267 9.64 -11.74 21.76
C LYS B 267 9.34 -11.09 23.11
N PRO B 268 8.80 -11.76 24.15
CA PRO B 268 8.56 -11.07 25.43
C PRO B 268 9.82 -10.61 26.18
N ASP B 269 10.93 -11.35 26.04
CA ASP B 269 12.17 -11.01 26.75
C ASP B 269 12.85 -9.79 26.17
N LEU B 270 12.81 -9.67 24.84
CA LEU B 270 13.35 -8.54 24.11
C LEU B 270 12.61 -7.24 24.46
N ILE B 271 11.26 -7.29 24.57
CA ILE B 271 10.45 -6.12 24.98
C ILE B 271 10.91 -5.60 26.37
N GLN B 272 11.03 -6.50 27.35
CA GLN B 272 11.48 -6.13 28.69
C GLN B 272 12.91 -5.61 28.66
N LEU B 273 13.83 -6.32 27.93
CA LEU B 273 15.22 -5.88 27.78
C LEU B 273 15.33 -4.48 27.16
N ARG B 274 14.43 -4.15 26.21
CA ARG B 274 14.32 -2.82 25.60
C ARG B 274 13.76 -1.81 26.62
N LYS B 275 12.79 -2.24 27.45
CA LYS B 275 12.14 -1.41 28.45
C LYS B 275 13.15 -1.02 29.54
N THR B 276 14.00 -1.97 29.97
CA THR B 276 15.03 -1.71 30.96
C THR B 276 16.06 -0.71 30.41
N ARG B 277 16.54 -0.95 29.18
CA ARG B 277 17.49 -0.09 28.50
C ARG B 277 16.95 1.34 28.49
N ASP B 278 15.68 1.53 28.02
CA ASP B 278 15.01 2.85 27.96
C ASP B 278 14.91 3.53 29.34
N GLN B 279 14.74 2.72 30.39
CA GLN B 279 14.66 3.16 31.78
C GLN B 279 16.02 3.68 32.30
N TYR B 280 17.12 2.94 32.03
CA TYR B 280 18.48 3.32 32.44
C TYR B 280 18.98 4.52 31.69
N LEU B 281 18.42 4.74 30.50
CA LEU B 281 18.75 5.87 29.65
C LEU B 281 18.03 7.10 30.24
N MET B 282 16.78 6.92 30.70
CA MET B 282 16.00 7.99 31.31
C MET B 282 16.58 8.44 32.65
N TRP B 283 16.94 7.49 33.54
CA TRP B 283 17.54 7.81 34.84
C TRP B 283 18.93 8.49 34.74
N LEU B 284 19.51 8.51 33.53
CA LEU B 284 20.82 9.09 33.25
C LEU B 284 20.61 10.53 32.76
N THR B 285 19.60 10.72 31.87
CA THR B 285 19.23 12.04 31.32
C THR B 285 18.77 12.97 32.47
N GLN B 286 18.10 12.40 33.47
CA GLN B 286 17.55 13.08 34.63
C GLN B 286 18.63 13.43 35.65
N LYS B 287 19.47 12.43 36.04
CA LYS B 287 20.56 12.63 37.02
C LYS B 287 21.59 13.66 36.57
N GLY B 288 21.87 13.70 35.26
CA GLY B 288 22.81 14.66 34.68
C GLY B 288 22.25 16.04 34.44
N VAL B 289 23.09 16.93 33.86
CA VAL B 289 22.73 18.33 33.54
C VAL B 289 21.65 18.37 32.44
N ARG B 290 20.59 19.18 32.67
CA ARG B 290 19.44 19.34 31.78
C ARG B 290 19.28 20.79 31.25
N GLN B 291 18.63 20.93 30.05
CA GLN B 291 18.30 22.13 29.24
C GLN B 291 19.32 22.40 28.14
C1 3K6 C . 17.47 5.50 -8.44
C2 3K6 C . 17.39 6.92 -8.97
C3 3K6 C . 20.08 8.09 -10.91
O1 3K6 C . 27.27 6.50 -8.75
C11 3K6 C . 28.59 6.13 -11.27
C12 3K6 C . 26.99 7.66 -12.38
C13 3K6 C . 19.88 6.73 -9.19
C14 3K6 C . 19.99 5.75 -8.07
C15 3K6 C . 18.65 4.35 -6.54
C16 3K6 C . 19.61 3.34 -6.47
C17 3K6 C . 19.48 2.34 -5.51
C18 3K6 C . 17.53 3.28 -4.72
C19 3K6 C . 15.79 4.61 -4.32
C20 3K6 C . 16.47 5.19 -5.34
C21 3K6 C . 17.59 4.35 -5.62
S 3K6 C . 26.84 7.44 -9.74
O 3K6 C . 27.25 8.80 -9.66
N2 3K6 C . 27.31 6.87 -11.18
C8 3K6 C . 25.07 7.42 -9.74
C7 3K6 C . 24.38 8.51 -10.23
C6 3K6 C . 23.01 8.44 -10.35
C9 3K6 C . 24.39 6.28 -9.33
C10 3K6 C . 23.02 6.22 -9.44
C5 3K6 C . 22.30 7.31 -9.95
C4 3K6 C . 20.82 7.30 -10.03
N1 3K6 C . 18.79 8.07 -10.66
N 3K6 C . 18.67 7.23 -9.59
N3 3K6 C . 18.68 5.31 -7.60
C 3K6 C . 17.39 4.47 -9.57
N5 3K6 C . 16.44 3.45 -3.93
N4 3K6 C . 18.45 2.27 -4.64
#